data_207L
# 
_entry.id   207L 
# 
_audit_conform.dict_name       mmcif_pdbx.dic 
_audit_conform.dict_version    5.398 
_audit_conform.dict_location   http://mmcif.pdb.org/dictionaries/ascii/mmcif_pdbx.dic 
# 
loop_
_database_2.database_id 
_database_2.database_code 
_database_2.pdbx_database_accession 
_database_2.pdbx_DOI 
PDB   207L         pdb_0000207l 10.2210/pdb207l/pdb 
WWPDB D_1000177561 ?            ?                   
# 
loop_
_pdbx_audit_revision_history.ordinal 
_pdbx_audit_revision_history.data_content_type 
_pdbx_audit_revision_history.major_revision 
_pdbx_audit_revision_history.minor_revision 
_pdbx_audit_revision_history.revision_date 
1 'Structure model' 1 0 1996-10-14 
2 'Structure model' 1 1 2008-03-24 
3 'Structure model' 1 2 2011-07-13 
4 'Structure model' 1 3 2017-11-29 
5 'Structure model' 1 4 2018-04-04 
6 'Structure model' 1 5 2021-11-03 
7 'Structure model' 1 6 2024-04-03 
8 'Structure model' 1 7 2024-10-30 
# 
_pdbx_audit_revision_details.ordinal             1 
_pdbx_audit_revision_details.revision_ordinal    1 
_pdbx_audit_revision_details.data_content_type   'Structure model' 
_pdbx_audit_revision_details.provider            repository 
_pdbx_audit_revision_details.type                'Initial release' 
_pdbx_audit_revision_details.description         ? 
_pdbx_audit_revision_details.details             ? 
# 
loop_
_pdbx_audit_revision_group.ordinal 
_pdbx_audit_revision_group.revision_ordinal 
_pdbx_audit_revision_group.data_content_type 
_pdbx_audit_revision_group.group 
1  2 'Structure model' 'Version format compliance' 
2  3 'Structure model' 'Atomic model'              
3  3 'Structure model' 'Database references'       
4  3 'Structure model' 'Derived calculations'      
5  3 'Structure model' 'Non-polymer description'   
6  3 'Structure model' 'Structure summary'         
7  3 'Structure model' 'Version format compliance' 
8  4 'Structure model' 'Derived calculations'      
9  4 'Structure model' Other                       
10 5 'Structure model' 'Data collection'           
11 6 'Structure model' 'Database references'       
12 6 'Structure model' 'Derived calculations'      
13 7 'Structure model' 'Data collection'           
14 7 'Structure model' 'Refinement description'    
15 8 'Structure model' 'Structure summary'         
# 
loop_
_pdbx_audit_revision_category.ordinal 
_pdbx_audit_revision_category.revision_ordinal 
_pdbx_audit_revision_category.data_content_type 
_pdbx_audit_revision_category.category 
1  4 'Structure model' pdbx_database_status          
2  4 'Structure model' struct_conf                   
3  4 'Structure model' struct_conf_type              
4  5 'Structure model' diffrn_source                 
5  6 'Structure model' database_2                    
6  6 'Structure model' struct_conn                   
7  6 'Structure model' struct_ref_seq_dif            
8  6 'Structure model' struct_site                   
9  7 'Structure model' chem_comp_atom                
10 7 'Structure model' chem_comp_bond                
11 7 'Structure model' pdbx_initial_refinement_model 
12 8 'Structure model' pdbx_entry_details            
13 8 'Structure model' pdbx_modification_feature     
# 
loop_
_pdbx_audit_revision_item.ordinal 
_pdbx_audit_revision_item.revision_ordinal 
_pdbx_audit_revision_item.data_content_type 
_pdbx_audit_revision_item.item 
1 4 'Structure model' '_pdbx_database_status.process_site'  
2 5 'Structure model' '_diffrn_source.type'                 
3 6 'Structure model' '_database_2.pdbx_DOI'                
4 6 'Structure model' '_database_2.pdbx_database_accession' 
5 6 'Structure model' '_struct_conn.pdbx_leaving_atom_flag' 
6 6 'Structure model' '_struct_ref_seq_dif.details'         
7 6 'Structure model' '_struct_site.pdbx_auth_asym_id'      
8 6 'Structure model' '_struct_site.pdbx_auth_comp_id'      
9 6 'Structure model' '_struct_site.pdbx_auth_seq_id'       
# 
_pdbx_database_status.status_code                     REL 
_pdbx_database_status.entry_id                        207L 
_pdbx_database_status.recvd_initial_deposition_date   1996-03-26 
_pdbx_database_status.deposit_site                    ? 
_pdbx_database_status.process_site                    BNL 
_pdbx_database_status.SG_entry                        . 
_pdbx_database_status.status_code_sf                  ? 
_pdbx_database_status.status_code_mr                  ? 
_pdbx_database_status.pdb_format_compatible           Y 
_pdbx_database_status.status_code_cs                  ? 
_pdbx_database_status.methods_development_category    ? 
_pdbx_database_status.status_code_nmr_data            ? 
# 
loop_
_audit_author.name 
_audit_author.pdbx_ordinal 
'Matsushima, M.' 1 
'Song, H.'       2 
# 
loop_
_citation.id 
_citation.title 
_citation.journal_abbrev 
_citation.journal_volume 
_citation.page_first 
_citation.page_last 
_citation.year 
_citation.journal_id_ASTM 
_citation.country 
_citation.journal_id_ISSN 
_citation.journal_id_CSD 
_citation.book_publisher 
_citation.pdbx_database_id_PubMed 
_citation.pdbx_database_id_DOI 
primary 'A role of PDI in the reductive cleavage of mixed disulfides.'                                                      
'J.Biochem.(Tokyo)'        120 525 530 1996 JOBIAO JA 0021-924X 0418 ? 8902616 ? 
1       'Structure of a Glutathionylated Human Lysozyme: A Folding Intermediate Mimic in the Formation of a Disulfide Bond' 
'Acta Crystallogr.,Sect.D' 51  619 ?   1995 ABCRE6 DK 0907-4449 0766 ? ?       ? 
2       'Pdi and Glutathione-Mediated Reduction of the Glutathionylated Variant of Human Lysozyme'                          
'FEBS Lett.'               328 203 ?   1993 FEBLAL NE 0014-5793 0165 ? ?       ? 
# 
loop_
_citation_author.citation_id 
_citation_author.name 
_citation_author.ordinal 
_citation_author.identifier_ORCID 
primary 'Nakamura, S.'   1  ? 
primary 'Matsushima, M.' 2  ? 
primary 'Song, H.'       3  ? 
primary 'Kikuchi, M.'    4  ? 
1       'Inaka, K.'      5  ? 
1       'Miki, K.'       6  ? 
1       'Kikuchi, M.'    7  ? 
1       'Taniyama, Y.'   8  ? 
1       'Matsushima, M.' 9  ? 
2       'Hayano, T.'     10 ? 
2       'Inaka, K.'      11 ? 
2       'Otsu, M.'       12 ? 
2       'Taniyama, Y.'   13 ? 
2       'Miki, K.'       14 ? 
2       'Matsushima, M.' 15 ? 
2       'Kikuchi, M.'    16 ? 
# 
loop_
_entity.id 
_entity.type 
_entity.src_method 
_entity.pdbx_description 
_entity.formula_weight 
_entity.pdbx_number_of_molecules 
_entity.pdbx_ec 
_entity.pdbx_mutation 
_entity.pdbx_fragment 
_entity.details 
1 polymer     man LYSOZYME            14688.627 1   3.2.1.17 C77A ? ? 
2 non-polymer syn N-ACETYL-L-CYSTEINE 163.195   1   ?        ?    ? 
'C77 CHANGED TO ALA AND A CYSTEINE WAS CHEMICALLY BOUND ON THE SH GROUP OF CYS95 THROUGH A DISULFIDE BOND' 
3 water       nat water               18.015    123 ?        ?    ? ? 
# 
_entity_name_com.entity_id   1 
_entity_name_com.name        HL_95ACC 
# 
_entity_poly.entity_id                      1 
_entity_poly.type                           'polypeptide(L)' 
_entity_poly.nstd_linkage                   no 
_entity_poly.nstd_monomer                   no 
_entity_poly.pdbx_seq_one_letter_code       
;KVFERCELARTLKRLGMDGYRGISLANWMCLAKWESGYNTRATNYNAGDRSTDYGIFQINSRYWCNDGKTPGAVNAAHLS
CSALLQDNIADAVACAKRVVRDPQGIRAWVAWRNRCQNRDVRQYVQGCGV
;
_entity_poly.pdbx_seq_one_letter_code_can   
;KVFERCELARTLKRLGMDGYRGISLANWMCLAKWESGYNTRATNYNAGDRSTDYGIFQINSRYWCNDGKTPGAVNAAHLS
CSALLQDNIADAVACAKRVVRDPQGIRAWVAWRNRCQNRDVRQYVQGCGV
;
_entity_poly.pdbx_strand_id                 A 
_entity_poly.pdbx_target_identifier         ? 
# 
loop_
_pdbx_entity_nonpoly.entity_id 
_pdbx_entity_nonpoly.name 
_pdbx_entity_nonpoly.comp_id 
2 N-ACETYL-L-CYSTEINE SC2 
3 water               HOH 
# 
loop_
_entity_poly_seq.entity_id 
_entity_poly_seq.num 
_entity_poly_seq.mon_id 
_entity_poly_seq.hetero 
1 1   LYS n 
1 2   VAL n 
1 3   PHE n 
1 4   GLU n 
1 5   ARG n 
1 6   CYS n 
1 7   GLU n 
1 8   LEU n 
1 9   ALA n 
1 10  ARG n 
1 11  THR n 
1 12  LEU n 
1 13  LYS n 
1 14  ARG n 
1 15  LEU n 
1 16  GLY n 
1 17  MET n 
1 18  ASP n 
1 19  GLY n 
1 20  TYR n 
1 21  ARG n 
1 22  GLY n 
1 23  ILE n 
1 24  SER n 
1 25  LEU n 
1 26  ALA n 
1 27  ASN n 
1 28  TRP n 
1 29  MET n 
1 30  CYS n 
1 31  LEU n 
1 32  ALA n 
1 33  LYS n 
1 34  TRP n 
1 35  GLU n 
1 36  SER n 
1 37  GLY n 
1 38  TYR n 
1 39  ASN n 
1 40  THR n 
1 41  ARG n 
1 42  ALA n 
1 43  THR n 
1 44  ASN n 
1 45  TYR n 
1 46  ASN n 
1 47  ALA n 
1 48  GLY n 
1 49  ASP n 
1 50  ARG n 
1 51  SER n 
1 52  THR n 
1 53  ASP n 
1 54  TYR n 
1 55  GLY n 
1 56  ILE n 
1 57  PHE n 
1 58  GLN n 
1 59  ILE n 
1 60  ASN n 
1 61  SER n 
1 62  ARG n 
1 63  TYR n 
1 64  TRP n 
1 65  CYS n 
1 66  ASN n 
1 67  ASP n 
1 68  GLY n 
1 69  LYS n 
1 70  THR n 
1 71  PRO n 
1 72  GLY n 
1 73  ALA n 
1 74  VAL n 
1 75  ASN n 
1 76  ALA n 
1 77  ALA n 
1 78  HIS n 
1 79  LEU n 
1 80  SER n 
1 81  CYS n 
1 82  SER n 
1 83  ALA n 
1 84  LEU n 
1 85  LEU n 
1 86  GLN n 
1 87  ASP n 
1 88  ASN n 
1 89  ILE n 
1 90  ALA n 
1 91  ASP n 
1 92  ALA n 
1 93  VAL n 
1 94  ALA n 
1 95  CYS n 
1 96  ALA n 
1 97  LYS n 
1 98  ARG n 
1 99  VAL n 
1 100 VAL n 
1 101 ARG n 
1 102 ASP n 
1 103 PRO n 
1 104 GLN n 
1 105 GLY n 
1 106 ILE n 
1 107 ARG n 
1 108 ALA n 
1 109 TRP n 
1 110 VAL n 
1 111 ALA n 
1 112 TRP n 
1 113 ARG n 
1 114 ASN n 
1 115 ARG n 
1 116 CYS n 
1 117 GLN n 
1 118 ASN n 
1 119 ARG n 
1 120 ASP n 
1 121 VAL n 
1 122 ARG n 
1 123 GLN n 
1 124 TYR n 
1 125 VAL n 
1 126 GLN n 
1 127 GLY n 
1 128 CYS n 
1 129 GLY n 
1 130 VAL n 
# 
_entity_src_gen.entity_id                          1 
_entity_src_gen.pdbx_src_id                        1 
_entity_src_gen.pdbx_alt_source_flag               sample 
_entity_src_gen.pdbx_seq_type                      ? 
_entity_src_gen.pdbx_beg_seq_num                   ? 
_entity_src_gen.pdbx_end_seq_num                   ? 
_entity_src_gen.gene_src_common_name               human 
_entity_src_gen.gene_src_genus                     Homo 
_entity_src_gen.pdbx_gene_src_gene                 ? 
_entity_src_gen.gene_src_species                   ? 
_entity_src_gen.gene_src_strain                    ? 
_entity_src_gen.gene_src_tissue                    ? 
_entity_src_gen.gene_src_tissue_fraction           ? 
_entity_src_gen.gene_src_details                   ? 
_entity_src_gen.pdbx_gene_src_fragment             ? 
_entity_src_gen.pdbx_gene_src_scientific_name      'Homo sapiens' 
_entity_src_gen.pdbx_gene_src_ncbi_taxonomy_id     9606 
_entity_src_gen.pdbx_gene_src_variant              ? 
_entity_src_gen.pdbx_gene_src_cell_line            ? 
_entity_src_gen.pdbx_gene_src_atcc                 ? 
_entity_src_gen.pdbx_gene_src_organ                ? 
_entity_src_gen.pdbx_gene_src_organelle            ? 
_entity_src_gen.pdbx_gene_src_cell                 ? 
_entity_src_gen.pdbx_gene_src_cellular_location    ? 
_entity_src_gen.host_org_common_name               ? 
_entity_src_gen.pdbx_host_org_scientific_name      'Escherichia coli' 
_entity_src_gen.pdbx_host_org_ncbi_taxonomy_id     562 
_entity_src_gen.host_org_genus                     Escherichia 
_entity_src_gen.pdbx_host_org_gene                 ? 
_entity_src_gen.pdbx_host_org_organ                ? 
_entity_src_gen.host_org_species                   ? 
_entity_src_gen.pdbx_host_org_tissue               ? 
_entity_src_gen.pdbx_host_org_tissue_fraction      ? 
_entity_src_gen.pdbx_host_org_strain               ? 
_entity_src_gen.pdbx_host_org_variant              ? 
_entity_src_gen.pdbx_host_org_cell_line            ? 
_entity_src_gen.pdbx_host_org_atcc                 ? 
_entity_src_gen.pdbx_host_org_culture_collection   ? 
_entity_src_gen.pdbx_host_org_cell                 ? 
_entity_src_gen.pdbx_host_org_organelle            ? 
_entity_src_gen.pdbx_host_org_cellular_location    ? 
_entity_src_gen.pdbx_host_org_vector_type          ? 
_entity_src_gen.pdbx_host_org_vector               ? 
_entity_src_gen.host_org_details                   ? 
_entity_src_gen.expression_system_id               ? 
_entity_src_gen.plasmid_name                       ? 
_entity_src_gen.plasmid_details                    ? 
_entity_src_gen.pdbx_description                   ? 
# 
loop_
_chem_comp.id 
_chem_comp.type 
_chem_comp.mon_nstd_flag 
_chem_comp.name 
_chem_comp.pdbx_synonyms 
_chem_comp.formula 
_chem_comp.formula_weight 
ALA 'L-peptide linking' y ALANINE             ?                                            'C3 H7 N O2'     89.093  
ARG 'L-peptide linking' y ARGININE            ?                                            'C6 H15 N4 O2 1' 175.209 
ASN 'L-peptide linking' y ASPARAGINE          ?                                            'C4 H8 N2 O3'    132.118 
ASP 'L-peptide linking' y 'ASPARTIC ACID'     ?                                            'C4 H7 N O4'     133.103 
CYS 'L-peptide linking' y CYSTEINE            ?                                            'C3 H7 N O2 S'   121.158 
GLN 'L-peptide linking' y GLUTAMINE           ?                                            'C5 H10 N2 O3'   146.144 
GLU 'L-peptide linking' y 'GLUTAMIC ACID'     ?                                            'C5 H9 N O4'     147.129 
GLY 'peptide linking'   y GLYCINE             ?                                            'C2 H5 N O2'     75.067  
HIS 'L-peptide linking' y HISTIDINE           ?                                            'C6 H10 N3 O2 1' 156.162 
HOH non-polymer         . WATER               ?                                            'H2 O'           18.015  
ILE 'L-peptide linking' y ISOLEUCINE          ?                                            'C6 H13 N O2'    131.173 
LEU 'L-peptide linking' y LEUCINE             ?                                            'C6 H13 N O2'    131.173 
LYS 'L-peptide linking' y LYSINE              ?                                            'C6 H15 N2 O2 1' 147.195 
MET 'L-peptide linking' y METHIONINE          ?                                            'C5 H11 N O2 S'  149.211 
PHE 'L-peptide linking' y PHENYLALANINE       ?                                            'C9 H11 N O2'    165.189 
PRO 'L-peptide linking' y PROLINE             ?                                            'C5 H9 N O2'     115.130 
SC2 peptide-like        . N-ACETYL-L-CYSTEINE '(2R)-2-acetamido-3-sulfanyl-propanoic acid' 'C5 H9 N O3 S'   163.195 
SER 'L-peptide linking' y SERINE              ?                                            'C3 H7 N O3'     105.093 
THR 'L-peptide linking' y THREONINE           ?                                            'C4 H9 N O3'     119.119 
TRP 'L-peptide linking' y TRYPTOPHAN          ?                                            'C11 H12 N2 O2'  204.225 
TYR 'L-peptide linking' y TYROSINE            ?                                            'C9 H11 N O3'    181.189 
VAL 'L-peptide linking' y VALINE              ?                                            'C5 H11 N O2'    117.146 
# 
loop_
_pdbx_poly_seq_scheme.asym_id 
_pdbx_poly_seq_scheme.entity_id 
_pdbx_poly_seq_scheme.seq_id 
_pdbx_poly_seq_scheme.mon_id 
_pdbx_poly_seq_scheme.ndb_seq_num 
_pdbx_poly_seq_scheme.pdb_seq_num 
_pdbx_poly_seq_scheme.auth_seq_num 
_pdbx_poly_seq_scheme.pdb_mon_id 
_pdbx_poly_seq_scheme.auth_mon_id 
_pdbx_poly_seq_scheme.pdb_strand_id 
_pdbx_poly_seq_scheme.pdb_ins_code 
_pdbx_poly_seq_scheme.hetero 
A 1 1   LYS 1   1   1   LYS LYS A . n 
A 1 2   VAL 2   2   2   VAL VAL A . n 
A 1 3   PHE 3   3   3   PHE PHE A . n 
A 1 4   GLU 4   4   4   GLU GLU A . n 
A 1 5   ARG 5   5   5   ARG ARG A . n 
A 1 6   CYS 6   6   6   CYS CYS A . n 
A 1 7   GLU 7   7   7   GLU GLU A . n 
A 1 8   LEU 8   8   8   LEU LEU A . n 
A 1 9   ALA 9   9   9   ALA ALA A . n 
A 1 10  ARG 10  10  10  ARG ARG A . n 
A 1 11  THR 11  11  11  THR THR A . n 
A 1 12  LEU 12  12  12  LEU LEU A . n 
A 1 13  LYS 13  13  13  LYS LYS A . n 
A 1 14  ARG 14  14  14  ARG ARG A . n 
A 1 15  LEU 15  15  15  LEU LEU A . n 
A 1 16  GLY 16  16  16  GLY GLY A . n 
A 1 17  MET 17  17  17  MET MET A . n 
A 1 18  ASP 18  18  18  ASP ASP A . n 
A 1 19  GLY 19  19  19  GLY GLY A . n 
A 1 20  TYR 20  20  20  TYR TYR A . n 
A 1 21  ARG 21  21  21  ARG ARG A . n 
A 1 22  GLY 22  22  22  GLY GLY A . n 
A 1 23  ILE 23  23  23  ILE ILE A . n 
A 1 24  SER 24  24  24  SER SER A . n 
A 1 25  LEU 25  25  25  LEU LEU A . n 
A 1 26  ALA 26  26  26  ALA ALA A . n 
A 1 27  ASN 27  27  27  ASN ASN A . n 
A 1 28  TRP 28  28  28  TRP TRP A . n 
A 1 29  MET 29  29  29  MET MET A . n 
A 1 30  CYS 30  30  30  CYS CYS A . n 
A 1 31  LEU 31  31  31  LEU LEU A . n 
A 1 32  ALA 32  32  32  ALA ALA A . n 
A 1 33  LYS 33  33  33  LYS LYS A . n 
A 1 34  TRP 34  34  34  TRP TRP A . n 
A 1 35  GLU 35  35  35  GLU GLU A . n 
A 1 36  SER 36  36  36  SER SER A . n 
A 1 37  GLY 37  37  37  GLY GLY A . n 
A 1 38  TYR 38  38  38  TYR TYR A . n 
A 1 39  ASN 39  39  39  ASN ASN A . n 
A 1 40  THR 40  40  40  THR THR A . n 
A 1 41  ARG 41  41  41  ARG ARG A . n 
A 1 42  ALA 42  42  42  ALA ALA A . n 
A 1 43  THR 43  43  43  THR THR A . n 
A 1 44  ASN 44  44  44  ASN ASN A . n 
A 1 45  TYR 45  45  45  TYR TYR A . n 
A 1 46  ASN 46  46  46  ASN ASN A . n 
A 1 47  ALA 47  47  47  ALA ALA A . n 
A 1 48  GLY 48  48  48  GLY GLY A . n 
A 1 49  ASP 49  49  49  ASP ASP A . n 
A 1 50  ARG 50  50  50  ARG ARG A . n 
A 1 51  SER 51  51  51  SER SER A . n 
A 1 52  THR 52  52  52  THR THR A . n 
A 1 53  ASP 53  53  53  ASP ASP A . n 
A 1 54  TYR 54  54  54  TYR TYR A . n 
A 1 55  GLY 55  55  55  GLY GLY A . n 
A 1 56  ILE 56  56  56  ILE ILE A . n 
A 1 57  PHE 57  57  57  PHE PHE A . n 
A 1 58  GLN 58  58  58  GLN GLN A . n 
A 1 59  ILE 59  59  59  ILE ILE A . n 
A 1 60  ASN 60  60  60  ASN ASN A . n 
A 1 61  SER 61  61  61  SER SER A . n 
A 1 62  ARG 62  62  62  ARG ARG A . n 
A 1 63  TYR 63  63  63  TYR TYR A . n 
A 1 64  TRP 64  64  64  TRP TRP A . n 
A 1 65  CYS 65  65  65  CYS CYS A . n 
A 1 66  ASN 66  66  66  ASN ASN A . n 
A 1 67  ASP 67  67  67  ASP ASP A . n 
A 1 68  GLY 68  68  68  GLY GLY A . n 
A 1 69  LYS 69  69  69  LYS LYS A . n 
A 1 70  THR 70  70  70  THR THR A . n 
A 1 71  PRO 71  71  71  PRO PRO A . n 
A 1 72  GLY 72  72  72  GLY GLY A . n 
A 1 73  ALA 73  73  73  ALA ALA A . n 
A 1 74  VAL 74  74  74  VAL VAL A . n 
A 1 75  ASN 75  75  75  ASN ASN A . n 
A 1 76  ALA 76  76  76  ALA ALA A . n 
A 1 77  ALA 77  77  77  ALA ALA A . n 
A 1 78  HIS 78  78  78  HIS HIS A . n 
A 1 79  LEU 79  79  79  LEU LEU A . n 
A 1 80  SER 80  80  80  SER SER A . n 
A 1 81  CYS 81  81  81  CYS CYS A . n 
A 1 82  SER 82  82  82  SER SER A . n 
A 1 83  ALA 83  83  83  ALA ALA A . n 
A 1 84  LEU 84  84  84  LEU LEU A . n 
A 1 85  LEU 85  85  85  LEU LEU A . n 
A 1 86  GLN 86  86  86  GLN GLN A . n 
A 1 87  ASP 87  87  87  ASP ASP A . n 
A 1 88  ASN 88  88  88  ASN ASN A . n 
A 1 89  ILE 89  89  89  ILE ILE A . n 
A 1 90  ALA 90  90  90  ALA ALA A . n 
A 1 91  ASP 91  91  91  ASP ASP A . n 
A 1 92  ALA 92  92  92  ALA ALA A . n 
A 1 93  VAL 93  93  93  VAL VAL A . n 
A 1 94  ALA 94  94  94  ALA ALA A . n 
A 1 95  CYS 95  95  95  CYS CYS A . n 
A 1 96  ALA 96  96  96  ALA ALA A . n 
A 1 97  LYS 97  97  97  LYS LYS A . n 
A 1 98  ARG 98  98  98  ARG ARG A . n 
A 1 99  VAL 99  99  99  VAL VAL A . n 
A 1 100 VAL 100 100 100 VAL VAL A . n 
A 1 101 ARG 101 101 101 ARG ARG A . n 
A 1 102 ASP 102 102 102 ASP ASP A . n 
A 1 103 PRO 103 103 103 PRO PRO A . n 
A 1 104 GLN 104 104 104 GLN GLN A . n 
A 1 105 GLY 105 105 105 GLY GLY A . n 
A 1 106 ILE 106 106 106 ILE ILE A . n 
A 1 107 ARG 107 107 107 ARG ARG A . n 
A 1 108 ALA 108 108 108 ALA ALA A . n 
A 1 109 TRP 109 109 109 TRP TRP A . n 
A 1 110 VAL 110 110 110 VAL VAL A . n 
A 1 111 ALA 111 111 111 ALA ALA A . n 
A 1 112 TRP 112 112 112 TRP TRP A . n 
A 1 113 ARG 113 113 113 ARG ARG A . n 
A 1 114 ASN 114 114 114 ASN ASN A . n 
A 1 115 ARG 115 115 115 ARG ARG A . n 
A 1 116 CYS 116 116 116 CYS CYS A . n 
A 1 117 GLN 117 117 117 GLN GLN A . n 
A 1 118 ASN 118 118 118 ASN ASN A . n 
A 1 119 ARG 119 119 119 ARG ARG A . n 
A 1 120 ASP 120 120 120 ASP ASP A . n 
A 1 121 VAL 121 121 121 VAL VAL A . n 
A 1 122 ARG 122 122 122 ARG ARG A . n 
A 1 123 GLN 123 123 123 GLN GLN A . n 
A 1 124 TYR 124 124 124 TYR TYR A . n 
A 1 125 VAL 125 125 125 VAL VAL A . n 
A 1 126 GLN 126 126 126 GLN GLN A . n 
A 1 127 GLY 127 127 127 GLY GLY A . n 
A 1 128 CYS 128 128 128 CYS CYS A . n 
A 1 129 GLY 129 129 129 GLY GLY A . n 
A 1 130 VAL 130 130 130 VAL VAL A . n 
# 
loop_
_pdbx_nonpoly_scheme.asym_id 
_pdbx_nonpoly_scheme.entity_id 
_pdbx_nonpoly_scheme.mon_id 
_pdbx_nonpoly_scheme.ndb_seq_num 
_pdbx_nonpoly_scheme.pdb_seq_num 
_pdbx_nonpoly_scheme.auth_seq_num 
_pdbx_nonpoly_scheme.pdb_mon_id 
_pdbx_nonpoly_scheme.auth_mon_id 
_pdbx_nonpoly_scheme.pdb_strand_id 
_pdbx_nonpoly_scheme.pdb_ins_code 
B 2 SC2 1   200 201 SC2 CYS A . 
C 3 HOH 1   210 210 HOH HOH A . 
C 3 HOH 2   211 211 HOH HOH A . 
C 3 HOH 3   212 212 HOH HOH A . 
C 3 HOH 4   213 213 HOH HOH A . 
C 3 HOH 5   214 214 HOH HOH A . 
C 3 HOH 6   215 215 HOH HOH A . 
C 3 HOH 7   216 216 HOH HOH A . 
C 3 HOH 8   217 217 HOH HOH A . 
C 3 HOH 9   218 218 HOH HOH A . 
C 3 HOH 10  219 219 HOH HOH A . 
C 3 HOH 11  220 220 HOH HOH A . 
C 3 HOH 12  221 221 HOH HOH A . 
C 3 HOH 13  222 222 HOH HOH A . 
C 3 HOH 14  223 223 HOH HOH A . 
C 3 HOH 15  224 224 HOH HOH A . 
C 3 HOH 16  225 225 HOH HOH A . 
C 3 HOH 17  226 226 HOH HOH A . 
C 3 HOH 18  227 227 HOH HOH A . 
C 3 HOH 19  228 228 HOH HOH A . 
C 3 HOH 20  229 229 HOH HOH A . 
C 3 HOH 21  230 230 HOH HOH A . 
C 3 HOH 22  231 231 HOH HOH A . 
C 3 HOH 23  232 232 HOH HOH A . 
C 3 HOH 24  233 233 HOH HOH A . 
C 3 HOH 25  234 234 HOH HOH A . 
C 3 HOH 26  235 235 HOH HOH A . 
C 3 HOH 27  236 236 HOH HOH A . 
C 3 HOH 28  237 237 HOH HOH A . 
C 3 HOH 29  238 238 HOH HOH A . 
C 3 HOH 30  239 239 HOH HOH A . 
C 3 HOH 31  240 240 HOH HOH A . 
C 3 HOH 32  241 241 HOH HOH A . 
C 3 HOH 33  242 242 HOH HOH A . 
C 3 HOH 34  243 243 HOH HOH A . 
C 3 HOH 35  244 244 HOH HOH A . 
C 3 HOH 36  245 245 HOH HOH A . 
C 3 HOH 37  246 246 HOH HOH A . 
C 3 HOH 38  247 247 HOH HOH A . 
C 3 HOH 39  248 248 HOH HOH A . 
C 3 HOH 40  249 249 HOH HOH A . 
C 3 HOH 41  250 250 HOH HOH A . 
C 3 HOH 42  251 251 HOH HOH A . 
C 3 HOH 43  252 252 HOH HOH A . 
C 3 HOH 44  253 253 HOH HOH A . 
C 3 HOH 45  254 254 HOH HOH A . 
C 3 HOH 46  255 255 HOH HOH A . 
C 3 HOH 47  256 256 HOH HOH A . 
C 3 HOH 48  257 257 HOH HOH A . 
C 3 HOH 49  258 258 HOH HOH A . 
C 3 HOH 50  259 259 HOH HOH A . 
C 3 HOH 51  260 260 HOH HOH A . 
C 3 HOH 52  261 261 HOH HOH A . 
C 3 HOH 53  262 262 HOH HOH A . 
C 3 HOH 54  263 263 HOH HOH A . 
C 3 HOH 55  264 264 HOH HOH A . 
C 3 HOH 56  265 265 HOH HOH A . 
C 3 HOH 57  266 266 HOH HOH A . 
C 3 HOH 58  267 267 HOH HOH A . 
C 3 HOH 59  268 268 HOH HOH A . 
C 3 HOH 60  269 269 HOH HOH A . 
C 3 HOH 61  270 270 HOH HOH A . 
C 3 HOH 62  271 271 HOH HOH A . 
C 3 HOH 63  272 272 HOH HOH A . 
C 3 HOH 64  273 273 HOH HOH A . 
C 3 HOH 65  274 274 HOH HOH A . 
C 3 HOH 66  275 275 HOH HOH A . 
C 3 HOH 67  276 276 HOH HOH A . 
C 3 HOH 68  277 277 HOH HOH A . 
C 3 HOH 69  278 278 HOH HOH A . 
C 3 HOH 70  279 279 HOH HOH A . 
C 3 HOH 71  280 280 HOH HOH A . 
C 3 HOH 72  281 281 HOH HOH A . 
C 3 HOH 73  282 282 HOH HOH A . 
C 3 HOH 74  283 283 HOH HOH A . 
C 3 HOH 75  284 284 HOH HOH A . 
C 3 HOH 76  285 285 HOH HOH A . 
C 3 HOH 77  286 286 HOH HOH A . 
C 3 HOH 78  287 287 HOH HOH A . 
C 3 HOH 79  288 288 HOH HOH A . 
C 3 HOH 80  289 289 HOH HOH A . 
C 3 HOH 81  290 290 HOH HOH A . 
C 3 HOH 82  291 291 HOH HOH A . 
C 3 HOH 83  292 292 HOH HOH A . 
C 3 HOH 84  293 293 HOH HOH A . 
C 3 HOH 85  294 294 HOH HOH A . 
C 3 HOH 86  295 295 HOH HOH A . 
C 3 HOH 87  296 296 HOH HOH A . 
C 3 HOH 88  297 297 HOH HOH A . 
C 3 HOH 89  298 298 HOH HOH A . 
C 3 HOH 90  299 299 HOH HOH A . 
C 3 HOH 91  300 300 HOH HOH A . 
C 3 HOH 92  301 301 HOH HOH A . 
C 3 HOH 93  302 302 HOH HOH A . 
C 3 HOH 94  303 303 HOH HOH A . 
C 3 HOH 95  304 304 HOH HOH A . 
C 3 HOH 96  305 305 HOH HOH A . 
C 3 HOH 97  306 306 HOH HOH A . 
C 3 HOH 98  307 307 HOH HOH A . 
C 3 HOH 99  308 308 HOH HOH A . 
C 3 HOH 100 309 309 HOH HOH A . 
C 3 HOH 101 310 310 HOH HOH A . 
C 3 HOH 102 311 311 HOH HOH A . 
C 3 HOH 103 312 312 HOH HOH A . 
C 3 HOH 104 313 313 HOH HOH A . 
C 3 HOH 105 314 314 HOH HOH A . 
C 3 HOH 106 315 315 HOH HOH A . 
C 3 HOH 107 316 316 HOH HOH A . 
C 3 HOH 108 317 317 HOH HOH A . 
C 3 HOH 109 318 318 HOH HOH A . 
C 3 HOH 110 319 319 HOH HOH A . 
C 3 HOH 111 320 320 HOH HOH A . 
C 3 HOH 112 321 321 HOH HOH A . 
C 3 HOH 113 322 322 HOH HOH A . 
C 3 HOH 114 323 323 HOH HOH A . 
C 3 HOH 115 324 324 HOH HOH A . 
C 3 HOH 116 325 325 HOH HOH A . 
C 3 HOH 117 326 326 HOH HOH A . 
C 3 HOH 118 327 327 HOH HOH A . 
C 3 HOH 119 328 328 HOH HOH A . 
C 3 HOH 120 329 329 HOH HOH A . 
C 3 HOH 121 330 330 HOH HOH A . 
C 3 HOH 122 331 331 HOH HOH A . 
C 3 HOH 123 332 332 HOH HOH A . 
# 
loop_
_software.name 
_software.classification 
_software.version 
_software.citation_id 
_software.pdbx_ordinal 
WELMS   'data collection' . ? 1 
PROTEIN 'data reduction'  . ? 2 
PROTEIN 'model building'  . ? 3 
PROLSQ  refinement        . ? 4 
WELMS   'data reduction'  . ? 5 
PROTEIN 'data scaling'    . ? 6 
PROTEIN phasing           . ? 7 
# 
_cell.entry_id           207L 
_cell.length_a           57.640 
_cell.length_b           60.700 
_cell.length_c           32.970 
_cell.angle_alpha        90.00 
_cell.angle_beta         90.00 
_cell.angle_gamma        90.00 
_cell.Z_PDB              4 
_cell.pdbx_unique_axis   ? 
_cell.length_a_esd       ? 
_cell.length_b_esd       ? 
_cell.length_c_esd       ? 
_cell.angle_alpha_esd    ? 
_cell.angle_beta_esd     ? 
_cell.angle_gamma_esd    ? 
# 
_symmetry.entry_id                         207L 
_symmetry.space_group_name_H-M             'P 21 21 21' 
_symmetry.pdbx_full_space_group_name_H-M   ? 
_symmetry.cell_setting                     ? 
_symmetry.Int_Tables_number                19 
_symmetry.space_group_name_Hall            ? 
# 
_exptl.entry_id          207L 
_exptl.method            'X-RAY DIFFRACTION' 
_exptl.crystals_number   1 
# 
_exptl_crystal.id                    1 
_exptl_crystal.density_meas          ? 
_exptl_crystal.density_Matthews      1.94 
_exptl_crystal.density_percent_sol   36.72 
_exptl_crystal.description           'INDEPENDENTLY REREFINED HUMAN LYSOZYME AT 1.5 A RESOLUTION BY PROLSQ' 
_exptl_crystal.F_000                 ? 
_exptl_crystal.preparation           ? 
# 
_exptl_crystal_grow.crystal_id      1 
_exptl_crystal_grow.method          ? 
_exptl_crystal_grow.temp            ? 
_exptl_crystal_grow.temp_details    ? 
_exptl_crystal_grow.pH              6.0 
_exptl_crystal_grow.pdbx_pH_range   ? 
_exptl_crystal_grow.pdbx_details    'pH 6.0' 
# 
_diffrn.id                     1 
_diffrn.ambient_temp           280 
_diffrn.ambient_temp_details   ? 
_diffrn.crystal_id             1 
# 
_diffrn_detector.diffrn_id              1 
_diffrn_detector.detector               'IMAGE PLATE' 
_diffrn_detector.type                   MACSCIENCE 
_diffrn_detector.pdbx_collection_date   1993-02-01 
_diffrn_detector.details                MIRROR-MIRROR 
# 
_diffrn_radiation.diffrn_id                        1 
_diffrn_radiation.wavelength_id                    1 
_diffrn_radiation.pdbx_monochromatic_or_laue_m_l   M 
_diffrn_radiation.monochromator                    ? 
_diffrn_radiation.pdbx_diffrn_protocol             ? 
_diffrn_radiation.pdbx_scattering_type             x-ray 
# 
_diffrn_radiation_wavelength.id           1 
_diffrn_radiation_wavelength.wavelength   1.5418 
_diffrn_radiation_wavelength.wt           1.0 
# 
_diffrn_source.diffrn_id                   1 
_diffrn_source.source                      'ROTATING ANODE' 
_diffrn_source.type                        OTHER 
_diffrn_source.pdbx_synchrotron_site       ? 
_diffrn_source.pdbx_synchrotron_beamline   ? 
_diffrn_source.pdbx_wavelength             1.5418 
_diffrn_source.pdbx_wavelength_list        ? 
# 
_reflns.entry_id                     207L 
_reflns.observed_criterion_sigma_I   2.0 
_reflns.observed_criterion_sigma_F   ? 
_reflns.d_resolution_low             100. 
_reflns.d_resolution_high            1.75 
_reflns.number_obs                   8903 
_reflns.number_all                   ? 
_reflns.percent_possible_obs         75.3 
_reflns.pdbx_Rmerge_I_obs            0.074 
_reflns.pdbx_Rsym_value              ? 
_reflns.pdbx_netI_over_sigmaI        ? 
_reflns.B_iso_Wilson_estimate        ? 
_reflns.pdbx_redundancy              2.68 
_reflns.R_free_details               ? 
_reflns.limit_h_max                  ? 
_reflns.limit_h_min                  ? 
_reflns.limit_k_max                  ? 
_reflns.limit_k_min                  ? 
_reflns.limit_l_max                  ? 
_reflns.limit_l_min                  ? 
_reflns.observed_criterion_F_max     ? 
_reflns.observed_criterion_F_min     ? 
_reflns.pdbx_chi_squared             ? 
_reflns.pdbx_scaling_rejects         ? 
_reflns.pdbx_ordinal                 1 
_reflns.pdbx_diffrn_id               1 
# 
_reflns_shell.d_res_high             1.75 
_reflns_shell.d_res_low              1.78 
_reflns_shell.percent_possible_all   42.2 
_reflns_shell.Rmerge_I_obs           ? 
_reflns_shell.pdbx_Rsym_value        ? 
_reflns_shell.meanI_over_sigI_obs    ? 
_reflns_shell.pdbx_redundancy        ? 
_reflns_shell.percent_possible_obs   ? 
_reflns_shell.number_unique_all      ? 
_reflns_shell.number_measured_all    ? 
_reflns_shell.number_measured_obs    ? 
_reflns_shell.number_unique_obs      ? 
_reflns_shell.pdbx_chi_squared       ? 
_reflns_shell.pdbx_ordinal           1 
_reflns_shell.pdbx_diffrn_id         1 
# 
_refine.entry_id                                 207L 
_refine.ls_number_reflns_obs                     8168 
_refine.ls_number_reflns_all                     8168 
_refine.pdbx_ls_sigma_I                          ? 
_refine.pdbx_ls_sigma_F                          0.0 
_refine.pdbx_data_cutoff_high_absF               ? 
_refine.pdbx_data_cutoff_low_absF                ? 
_refine.pdbx_data_cutoff_high_rms_absF           ? 
_refine.ls_d_res_low                             6.0 
_refine.ls_d_res_high                            1.8 
_refine.ls_percent_reflns_obs                    78.6 
_refine.ls_R_factor_obs                          ? 
_refine.ls_R_factor_all                          ? 
_refine.ls_R_factor_R_work                       ? 
_refine.ls_R_factor_R_free                       ? 
_refine.ls_R_factor_R_free_error                 ? 
_refine.ls_R_factor_R_free_error_details         ? 
_refine.ls_percent_reflns_R_free                 ? 
_refine.ls_number_reflns_R_free                  ? 
_refine.ls_number_parameters                     ? 
_refine.ls_number_restraints                     ? 
_refine.occupancy_min                            ? 
_refine.occupancy_max                            ? 
_refine.B_iso_mean                               ? 
_refine.aniso_B[1][1]                            ? 
_refine.aniso_B[2][2]                            ? 
_refine.aniso_B[3][3]                            ? 
_refine.aniso_B[1][2]                            ? 
_refine.aniso_B[1][3]                            ? 
_refine.aniso_B[2][3]                            ? 
_refine.solvent_model_details                    ? 
_refine.solvent_model_param_ksol                 ? 
_refine.solvent_model_param_bsol                 ? 
_refine.pdbx_ls_cross_valid_method               ? 
_refine.details                                  ? 
_refine.pdbx_starting_model                      'NATIVE HUMAN LYSOZYME' 
_refine.pdbx_method_to_determine_struct          'MOLECULAR REPLACEMENT' 
_refine.pdbx_isotropic_thermal_model             ? 
_refine.pdbx_stereochemistry_target_values       ? 
_refine.pdbx_stereochem_target_val_spec_case     ? 
_refine.pdbx_R_Free_selection_details            ? 
_refine.pdbx_overall_ESU_R_Free                  ? 
_refine.overall_SU_ML                            ? 
_refine.overall_SU_B                             ? 
_refine.pdbx_refine_id                           'X-RAY DIFFRACTION' 
_refine.ls_redundancy_reflns_obs                 ? 
_refine.pdbx_overall_ESU_R                       ? 
_refine.pdbx_overall_phase_error                 ? 
_refine.B_iso_min                                ? 
_refine.B_iso_max                                ? 
_refine.correlation_coeff_Fo_to_Fc               ? 
_refine.correlation_coeff_Fo_to_Fc_free          ? 
_refine.pdbx_solvent_vdw_probe_radii             ? 
_refine.pdbx_solvent_ion_probe_radii             ? 
_refine.pdbx_solvent_shrinkage_radii             ? 
_refine.overall_SU_R_Cruickshank_DPI             ? 
_refine.overall_SU_R_free                        ? 
_refine.ls_wR_factor_R_free                      ? 
_refine.ls_wR_factor_R_work                      ? 
_refine.overall_FOM_free_R_set                   ? 
_refine.overall_FOM_work_R_set                   ? 
_refine.pdbx_diffrn_id                           1 
_refine.pdbx_TLS_residual_ADP_flag               ? 
_refine.pdbx_overall_SU_R_free_Cruickshank_DPI   ? 
_refine.pdbx_overall_SU_R_Blow_DPI               ? 
_refine.pdbx_overall_SU_R_free_Blow_DPI          ? 
# 
_refine_hist.pdbx_refine_id                   'X-RAY DIFFRACTION' 
_refine_hist.cycle_id                         LAST 
_refine_hist.pdbx_number_atoms_protein        1028 
_refine_hist.pdbx_number_atoms_nucleic_acid   0 
_refine_hist.pdbx_number_atoms_ligand         10 
_refine_hist.number_atoms_solvent             123 
_refine_hist.number_atoms_total               1161 
_refine_hist.d_res_high                       1.8 
_refine_hist.d_res_low                        6.0 
# 
loop_
_refine_ls_restr.type 
_refine_ls_restr.dev_ideal 
_refine_ls_restr.dev_ideal_target 
_refine_ls_restr.weight 
_refine_ls_restr.number 
_refine_ls_restr.pdbx_refine_id 
_refine_ls_restr.pdbx_restraint_function 
p_bond_d            0.014 0.020 ? ? 'X-RAY DIFFRACTION' ? 
p_angle_d           0.036 0.035 ? ? 'X-RAY DIFFRACTION' ? 
p_angle_deg         ?     ?     ? ? 'X-RAY DIFFRACTION' ? 
p_planar_d          0.042 0.050 ? ? 'X-RAY DIFFRACTION' ? 
p_hb_or_metal_coord ?     ?     ? ? 'X-RAY DIFFRACTION' ? 
p_mcbond_it         1.066 1.500 ? ? 'X-RAY DIFFRACTION' ? 
p_mcangle_it        1.506 2.000 ? ? 'X-RAY DIFFRACTION' ? 
p_scbond_it         1.936 2.000 ? ? 'X-RAY DIFFRACTION' ? 
p_scangle_it        2.768 2.500 ? ? 'X-RAY DIFFRACTION' ? 
p_plane_restr       0.012 0.020 ? ? 'X-RAY DIFFRACTION' ? 
p_chiral_restr      0.144 0.150 ? ? 'X-RAY DIFFRACTION' ? 
p_singtor_nbd       0.161 0.300 ? ? 'X-RAY DIFFRACTION' ? 
p_multtor_nbd       0.157 0.300 ? ? 'X-RAY DIFFRACTION' ? 
p_xhyhbond_nbd      ?     ?     ? ? 'X-RAY DIFFRACTION' ? 
p_xyhbond_nbd       0.202 0.300 ? ? 'X-RAY DIFFRACTION' ? 
p_planar_tor        2.3   3.0   ? ? 'X-RAY DIFFRACTION' ? 
p_staggered_tor     17.1  15.0  ? ? 'X-RAY DIFFRACTION' ? 
p_orthonormal_tor   ?     ?     ? ? 'X-RAY DIFFRACTION' ? 
p_transverse_tor    21.0  15.0  ? ? 'X-RAY DIFFRACTION' ? 
p_special_tor       ?     ?     ? ? 'X-RAY DIFFRACTION' ? 
# 
_pdbx_refine.entry_id                                    207L 
_pdbx_refine.R_factor_all_no_cutoff                      ? 
_pdbx_refine.R_factor_obs_no_cutoff                      0.161 
_pdbx_refine.free_R_factor_no_cutoff                     ? 
_pdbx_refine.free_R_val_test_set_size_perc_no_cutoff     ? 
_pdbx_refine.free_R_val_test_set_ct_no_cutoff            ? 
_pdbx_refine.R_factor_all_4sig_cutoff                    ? 
_pdbx_refine.R_factor_obs_4sig_cutoff                    ? 
_pdbx_refine.free_R_factor_4sig_cutoff                   ? 
_pdbx_refine.free_R_val_test_set_size_perc_4sig_cutoff   ? 
_pdbx_refine.free_R_val_test_set_ct_4sig_cutoff          ? 
_pdbx_refine.number_reflns_obs_4sig_cutoff               ? 
_pdbx_refine.pdbx_refine_id                              'X-RAY DIFFRACTION' 
_pdbx_refine.free_R_error_no_cutoff                      ? 
# 
_struct.entry_id                  207L 
_struct.title                     'MUTANT HUMAN LYSOZYME C77A' 
_struct.pdbx_model_details        ? 
_struct.pdbx_CASP_flag            ? 
_struct.pdbx_model_type_details   ? 
# 
_struct_keywords.entry_id        207L 
_struct_keywords.pdbx_keywords   'HYDROLASE/HYDROLASE INHIBITOR' 
_struct_keywords.text            'HYDROLASE (O-GLYCOSYL)-CYS), MUTANT HUMAN LYSOZYME, HYDROLASE-HYDROLASE INHIBITOR COMPLEX' 
# 
loop_
_struct_asym.id 
_struct_asym.pdbx_blank_PDB_chainid_flag 
_struct_asym.pdbx_modified 
_struct_asym.entity_id 
_struct_asym.details 
A N N 1 ? 
B N N 2 ? 
C N N 3 ? 
# 
_struct_ref.id                         1 
_struct_ref.db_name                    UNP 
_struct_ref.db_code                    LYC_HUMAN 
_struct_ref.entity_id                  1 
_struct_ref.pdbx_db_accession          P00695 
_struct_ref.pdbx_align_begin           1 
_struct_ref.pdbx_seq_one_letter_code   
;MKALIVLGLVLLSVTVQGKVFERCELARTLKRLGMDGYRGISLANWMCLAKWESGYNTRATNYNAGDRSTDYGIFQINSR
YWCNDGKTPGAVNACHLSCSALLQDNIADAVACAKRVVRDPQGIRAWVAWRNRCQNRDVRQYVQGCGV
;
_struct_ref.pdbx_db_isoform            ? 
# 
_struct_ref_seq.align_id                      1 
_struct_ref_seq.ref_id                        1 
_struct_ref_seq.pdbx_PDB_id_code              207L 
_struct_ref_seq.pdbx_strand_id                A 
_struct_ref_seq.seq_align_beg                 1 
_struct_ref_seq.pdbx_seq_align_beg_ins_code   ? 
_struct_ref_seq.seq_align_end                 130 
_struct_ref_seq.pdbx_seq_align_end_ins_code   ? 
_struct_ref_seq.pdbx_db_accession             P00695 
_struct_ref_seq.db_align_beg                  19 
_struct_ref_seq.pdbx_db_align_beg_ins_code    ? 
_struct_ref_seq.db_align_end                  148 
_struct_ref_seq.pdbx_db_align_end_ins_code    ? 
_struct_ref_seq.pdbx_auth_seq_align_beg       1 
_struct_ref_seq.pdbx_auth_seq_align_end       130 
# 
_struct_ref_seq_dif.align_id                     1 
_struct_ref_seq_dif.pdbx_pdb_id_code             207L 
_struct_ref_seq_dif.mon_id                       ALA 
_struct_ref_seq_dif.pdbx_pdb_strand_id           A 
_struct_ref_seq_dif.seq_num                      77 
_struct_ref_seq_dif.pdbx_pdb_ins_code            ? 
_struct_ref_seq_dif.pdbx_seq_db_name             UNP 
_struct_ref_seq_dif.pdbx_seq_db_accession_code   P00695 
_struct_ref_seq_dif.db_mon_id                    CYS 
_struct_ref_seq_dif.pdbx_seq_db_seq_num          95 
_struct_ref_seq_dif.details                      'engineered mutation' 
_struct_ref_seq_dif.pdbx_auth_seq_num            77 
_struct_ref_seq_dif.pdbx_ordinal                 1 
# 
_pdbx_struct_assembly.id                   1 
_pdbx_struct_assembly.details              author_and_software_defined_assembly 
_pdbx_struct_assembly.method_details       PISA 
_pdbx_struct_assembly.oligomeric_details   monomeric 
_pdbx_struct_assembly.oligomeric_count     1 
# 
_pdbx_struct_assembly_gen.assembly_id       1 
_pdbx_struct_assembly_gen.oper_expression   1 
_pdbx_struct_assembly_gen.asym_id_list      A,B,C 
# 
_pdbx_struct_oper_list.id                   1 
_pdbx_struct_oper_list.type                 'identity operation' 
_pdbx_struct_oper_list.name                 1_555 
_pdbx_struct_oper_list.symmetry_operation   x,y,z 
_pdbx_struct_oper_list.matrix[1][1]         1.0000000000 
_pdbx_struct_oper_list.matrix[1][2]         0.0000000000 
_pdbx_struct_oper_list.matrix[1][3]         0.0000000000 
_pdbx_struct_oper_list.vector[1]            0.0000000000 
_pdbx_struct_oper_list.matrix[2][1]         0.0000000000 
_pdbx_struct_oper_list.matrix[2][2]         1.0000000000 
_pdbx_struct_oper_list.matrix[2][3]         0.0000000000 
_pdbx_struct_oper_list.vector[2]            0.0000000000 
_pdbx_struct_oper_list.matrix[3][1]         0.0000000000 
_pdbx_struct_oper_list.matrix[3][2]         0.0000000000 
_pdbx_struct_oper_list.matrix[3][3]         1.0000000000 
_pdbx_struct_oper_list.vector[3]            0.0000000000 
# 
_struct_biol.id        1 
_struct_biol.details   ? 
# 
loop_
_struct_conf.conf_type_id 
_struct_conf.id 
_struct_conf.pdbx_PDB_helix_id 
_struct_conf.beg_label_comp_id 
_struct_conf.beg_label_asym_id 
_struct_conf.beg_label_seq_id 
_struct_conf.pdbx_beg_PDB_ins_code 
_struct_conf.end_label_comp_id 
_struct_conf.end_label_asym_id 
_struct_conf.end_label_seq_id 
_struct_conf.pdbx_end_PDB_ins_code 
_struct_conf.beg_auth_comp_id 
_struct_conf.beg_auth_asym_id 
_struct_conf.beg_auth_seq_id 
_struct_conf.end_auth_comp_id 
_struct_conf.end_auth_asym_id 
_struct_conf.end_auth_seq_id 
_struct_conf.pdbx_PDB_helix_class 
_struct_conf.details 
_struct_conf.pdbx_PDB_helix_length 
HELX_P HELX_P1 1 ARG A 5   ? ARG A 14  ? ARG A 5   ARG A 14  1 ? 10 
HELX_P HELX_P2 2 TYR A 20  ? GLY A 22  ? TYR A 20  GLY A 22  5 ? 3  
HELX_P HELX_P3 3 LEU A 25  ? SER A 36  ? LEU A 25  SER A 36  1 ? 12 
HELX_P HELX_P4 4 CYS A 81  ? LEU A 85  ? CYS A 81  LEU A 85  5 ? 5  
HELX_P HELX_P5 5 ALA A 90  ? ARG A 101 ? ALA A 90  ARG A 101 1 ? 12 
HELX_P HELX_P6 6 GLY A 105 ? ALA A 108 ? GLY A 105 ALA A 108 5 ? 4  
HELX_P HELX_P7 7 VAL A 110 ? ARG A 115 ? VAL A 110 ARG A 115 1 ? 6  
HELX_P HELX_P8 8 ARG A 122 ? TYR A 124 ? ARG A 122 TYR A 124 5 ? 3  
# 
_struct_conf_type.id          HELX_P 
_struct_conf_type.criteria    ? 
_struct_conf_type.reference   ? 
# 
loop_
_struct_conn.id 
_struct_conn.conn_type_id 
_struct_conn.pdbx_leaving_atom_flag 
_struct_conn.pdbx_PDB_id 
_struct_conn.ptnr1_label_asym_id 
_struct_conn.ptnr1_label_comp_id 
_struct_conn.ptnr1_label_seq_id 
_struct_conn.ptnr1_label_atom_id 
_struct_conn.pdbx_ptnr1_label_alt_id 
_struct_conn.pdbx_ptnr1_PDB_ins_code 
_struct_conn.pdbx_ptnr1_standard_comp_id 
_struct_conn.ptnr1_symmetry 
_struct_conn.ptnr2_label_asym_id 
_struct_conn.ptnr2_label_comp_id 
_struct_conn.ptnr2_label_seq_id 
_struct_conn.ptnr2_label_atom_id 
_struct_conn.pdbx_ptnr2_label_alt_id 
_struct_conn.pdbx_ptnr2_PDB_ins_code 
_struct_conn.ptnr1_auth_asym_id 
_struct_conn.ptnr1_auth_comp_id 
_struct_conn.ptnr1_auth_seq_id 
_struct_conn.ptnr2_auth_asym_id 
_struct_conn.ptnr2_auth_comp_id 
_struct_conn.ptnr2_auth_seq_id 
_struct_conn.ptnr2_symmetry 
_struct_conn.pdbx_ptnr3_label_atom_id 
_struct_conn.pdbx_ptnr3_label_seq_id 
_struct_conn.pdbx_ptnr3_label_comp_id 
_struct_conn.pdbx_ptnr3_label_asym_id 
_struct_conn.pdbx_ptnr3_label_alt_id 
_struct_conn.pdbx_ptnr3_PDB_ins_code 
_struct_conn.details 
_struct_conn.pdbx_dist_value 
_struct_conn.pdbx_value_order 
_struct_conn.pdbx_role 
disulf1 disulf ?    ? A CYS 6  SG ? ? ? 1_555 A CYS 128 SG ? ? A CYS 6  A CYS 128 1_555 ? ? ? ? ? ? ? 2.020 ? ? 
disulf2 disulf ?    ? A CYS 30 SG ? ? ? 1_555 A CYS 116 SG ? ? A CYS 30 A CYS 116 1_555 ? ? ? ? ? ? ? 2.062 ? ? 
disulf3 disulf ?    ? A CYS 65 SG ? ? ? 1_555 A CYS 81  SG ? ? A CYS 65 A CYS 81  1_555 ? ? ? ? ? ? ? 2.059 ? ? 
covale1 covale none ? A CYS 95 SG ? ? ? 1_555 B SC2 .   SG ? ? A CYS 95 A SC2 200 1_555 ? ? ? ? ? ? ? 2.031 ? ? 
# 
loop_
_struct_conn_type.id 
_struct_conn_type.criteria 
_struct_conn_type.reference 
disulf ? ? 
covale ? ? 
# 
loop_
_pdbx_modification_feature.ordinal 
_pdbx_modification_feature.label_comp_id 
_pdbx_modification_feature.label_asym_id 
_pdbx_modification_feature.label_seq_id 
_pdbx_modification_feature.label_alt_id 
_pdbx_modification_feature.modified_residue_label_comp_id 
_pdbx_modification_feature.modified_residue_label_asym_id 
_pdbx_modification_feature.modified_residue_label_seq_id 
_pdbx_modification_feature.modified_residue_label_alt_id 
_pdbx_modification_feature.auth_comp_id 
_pdbx_modification_feature.auth_asym_id 
_pdbx_modification_feature.auth_seq_id 
_pdbx_modification_feature.PDB_ins_code 
_pdbx_modification_feature.symmetry 
_pdbx_modification_feature.modified_residue_auth_comp_id 
_pdbx_modification_feature.modified_residue_auth_asym_id 
_pdbx_modification_feature.modified_residue_auth_seq_id 
_pdbx_modification_feature.modified_residue_PDB_ins_code 
_pdbx_modification_feature.modified_residue_symmetry 
_pdbx_modification_feature.comp_id_linking_atom 
_pdbx_modification_feature.modified_residue_id_linking_atom 
_pdbx_modification_feature.modified_residue_id 
_pdbx_modification_feature.ref_pcm_id 
_pdbx_modification_feature.ref_comp_id 
_pdbx_modification_feature.type 
_pdbx_modification_feature.category 
1 SC2 B .  ? CYS A 95  ? SC2 A 200 ? 1_555 CYS A 95  ? 1_555 SG SG CYS 1 SC2 None 'Covalent chemical modification' 
2 CYS A 6  ? CYS A 128 ? CYS A 6   ? 1_555 CYS A 128 ? 1_555 SG SG .   . .   None 'Disulfide bridge'               
3 CYS A 30 ? CYS A 116 ? CYS A 30  ? 1_555 CYS A 116 ? 1_555 SG SG .   . .   None 'Disulfide bridge'               
4 CYS A 65 ? CYS A 81  ? CYS A 65  ? 1_555 CYS A 81  ? 1_555 SG SG .   . .   None 'Disulfide bridge'               
# 
_struct_sheet.id               A 
_struct_sheet.type             ? 
_struct_sheet.number_strands   2 
_struct_sheet.details          ? 
# 
_struct_sheet_order.sheet_id     A 
_struct_sheet_order.range_id_1   1 
_struct_sheet_order.range_id_2   2 
_struct_sheet_order.offset       ? 
_struct_sheet_order.sense        anti-parallel 
# 
loop_
_struct_sheet_range.sheet_id 
_struct_sheet_range.id 
_struct_sheet_range.beg_label_comp_id 
_struct_sheet_range.beg_label_asym_id 
_struct_sheet_range.beg_label_seq_id 
_struct_sheet_range.pdbx_beg_PDB_ins_code 
_struct_sheet_range.end_label_comp_id 
_struct_sheet_range.end_label_asym_id 
_struct_sheet_range.end_label_seq_id 
_struct_sheet_range.pdbx_end_PDB_ins_code 
_struct_sheet_range.beg_auth_comp_id 
_struct_sheet_range.beg_auth_asym_id 
_struct_sheet_range.beg_auth_seq_id 
_struct_sheet_range.end_auth_comp_id 
_struct_sheet_range.end_auth_asym_id 
_struct_sheet_range.end_auth_seq_id 
A 1 THR A 43 ? ASN A 46 ? THR A 43 ASN A 46 
A 2 SER A 51 ? TYR A 54 ? SER A 51 TYR A 54 
# 
_pdbx_struct_sheet_hbond.sheet_id                A 
_pdbx_struct_sheet_hbond.range_id_1              1 
_pdbx_struct_sheet_hbond.range_id_2              2 
_pdbx_struct_sheet_hbond.range_1_label_atom_id   O 
_pdbx_struct_sheet_hbond.range_1_label_comp_id   ASN 
_pdbx_struct_sheet_hbond.range_1_label_asym_id   A 
_pdbx_struct_sheet_hbond.range_1_label_seq_id    44 
_pdbx_struct_sheet_hbond.range_1_PDB_ins_code    ? 
_pdbx_struct_sheet_hbond.range_1_auth_atom_id    O 
_pdbx_struct_sheet_hbond.range_1_auth_comp_id    ASN 
_pdbx_struct_sheet_hbond.range_1_auth_asym_id    A 
_pdbx_struct_sheet_hbond.range_1_auth_seq_id     44 
_pdbx_struct_sheet_hbond.range_2_label_atom_id   N 
_pdbx_struct_sheet_hbond.range_2_label_comp_id   ASP 
_pdbx_struct_sheet_hbond.range_2_label_asym_id   A 
_pdbx_struct_sheet_hbond.range_2_label_seq_id    53 
_pdbx_struct_sheet_hbond.range_2_PDB_ins_code    ? 
_pdbx_struct_sheet_hbond.range_2_auth_atom_id    N 
_pdbx_struct_sheet_hbond.range_2_auth_comp_id    ASP 
_pdbx_struct_sheet_hbond.range_2_auth_asym_id    A 
_pdbx_struct_sheet_hbond.range_2_auth_seq_id     53 
# 
_struct_site.id                   AC1 
_struct_site.pdbx_evidence_code   Software 
_struct_site.pdbx_auth_asym_id    A 
_struct_site.pdbx_auth_comp_id    SC2 
_struct_site.pdbx_auth_seq_id     200 
_struct_site.pdbx_auth_ins_code   ? 
_struct_site.pdbx_num_residues    7 
_struct_site.details              'BINDING SITE FOR RESIDUE SC2 A 200' 
# 
loop_
_struct_site_gen.id 
_struct_site_gen.site_id 
_struct_site_gen.pdbx_num_res 
_struct_site_gen.label_comp_id 
_struct_site_gen.label_asym_id 
_struct_site_gen.label_seq_id 
_struct_site_gen.pdbx_auth_ins_code 
_struct_site_gen.auth_comp_id 
_struct_site_gen.auth_asym_id 
_struct_site_gen.auth_seq_id 
_struct_site_gen.label_atom_id 
_struct_site_gen.label_alt_id 
_struct_site_gen.symmetry 
_struct_site_gen.details 
1 AC1 7 TYR A 63 ? TYR A 63  . ? 1_555 ? 
2 AC1 7 TRP A 64 ? TRP A 64  . ? 1_555 ? 
3 AC1 7 HIS A 78 ? HIS A 78  . ? 1_555 ? 
4 AC1 7 LEU A 79 ? LEU A 79  . ? 1_555 ? 
5 AC1 7 CYS A 95 ? CYS A 95  . ? 1_555 ? 
6 AC1 7 HOH C .  ? HOH A 322 . ? 1_555 ? 
7 AC1 7 HOH C .  ? HOH A 324 . ? 1_555 ? 
# 
_pdbx_entry_details.entry_id                   207L 
_pdbx_entry_details.compound_details           ? 
_pdbx_entry_details.source_details             ? 
_pdbx_entry_details.nonpolymer_details         ? 
_pdbx_entry_details.sequence_details           ? 
_pdbx_entry_details.has_ligand_of_interest     ? 
_pdbx_entry_details.has_protein_modification   Y 
# 
loop_
_pdbx_validate_symm_contact.id 
_pdbx_validate_symm_contact.PDB_model_num 
_pdbx_validate_symm_contact.auth_atom_id_1 
_pdbx_validate_symm_contact.auth_asym_id_1 
_pdbx_validate_symm_contact.auth_comp_id_1 
_pdbx_validate_symm_contact.auth_seq_id_1 
_pdbx_validate_symm_contact.PDB_ins_code_1 
_pdbx_validate_symm_contact.label_alt_id_1 
_pdbx_validate_symm_contact.site_symmetry_1 
_pdbx_validate_symm_contact.auth_atom_id_2 
_pdbx_validate_symm_contact.auth_asym_id_2 
_pdbx_validate_symm_contact.auth_comp_id_2 
_pdbx_validate_symm_contact.auth_seq_id_2 
_pdbx_validate_symm_contact.PDB_ins_code_2 
_pdbx_validate_symm_contact.label_alt_id_2 
_pdbx_validate_symm_contact.site_symmetry_2 
_pdbx_validate_symm_contact.dist 
1 1 O   A HOH 221 ? ? 1_555 O A HOH 260 ? ? 1_554 2.08 
2 1 NH2 A ARG 50  ? ? 1_555 O A ARG 113 ? ? 2_555 2.11 
# 
loop_
_pdbx_validate_rmsd_angle.id 
_pdbx_validate_rmsd_angle.PDB_model_num 
_pdbx_validate_rmsd_angle.auth_atom_id_1 
_pdbx_validate_rmsd_angle.auth_asym_id_1 
_pdbx_validate_rmsd_angle.auth_comp_id_1 
_pdbx_validate_rmsd_angle.auth_seq_id_1 
_pdbx_validate_rmsd_angle.PDB_ins_code_1 
_pdbx_validate_rmsd_angle.label_alt_id_1 
_pdbx_validate_rmsd_angle.auth_atom_id_2 
_pdbx_validate_rmsd_angle.auth_asym_id_2 
_pdbx_validate_rmsd_angle.auth_comp_id_2 
_pdbx_validate_rmsd_angle.auth_seq_id_2 
_pdbx_validate_rmsd_angle.PDB_ins_code_2 
_pdbx_validate_rmsd_angle.label_alt_id_2 
_pdbx_validate_rmsd_angle.auth_atom_id_3 
_pdbx_validate_rmsd_angle.auth_asym_id_3 
_pdbx_validate_rmsd_angle.auth_comp_id_3 
_pdbx_validate_rmsd_angle.auth_seq_id_3 
_pdbx_validate_rmsd_angle.PDB_ins_code_3 
_pdbx_validate_rmsd_angle.label_alt_id_3 
_pdbx_validate_rmsd_angle.angle_value 
_pdbx_validate_rmsd_angle.angle_target_value 
_pdbx_validate_rmsd_angle.angle_deviation 
_pdbx_validate_rmsd_angle.angle_standard_deviation 
_pdbx_validate_rmsd_angle.linker_flag 
1 1 NE A ARG 5   ? ? CZ A ARG 5   ? ? NH2 A ARG 5   ? ? 125.64 120.30 5.34  0.50 N 
2 1 NE A ARG 14  ? ? CZ A ARG 14  ? ? NH1 A ARG 14  ? ? 124.33 120.30 4.03  0.50 N 
3 1 CD A ARG 50  ? ? NE A ARG 50  ? ? CZ  A ARG 50  ? ? 144.72 123.60 21.12 1.40 N 
4 1 NE A ARG 50  ? ? CZ A ARG 50  ? ? NH1 A ARG 50  ? ? 127.13 120.30 6.83  0.50 N 
5 1 NE A ARG 62  ? ? CZ A ARG 62  ? ? NH2 A ARG 62  ? ? 117.15 120.30 -3.15 0.50 N 
6 1 CD A ARG 98  ? ? NE A ARG 98  ? ? CZ  A ARG 98  ? ? 135.87 123.60 12.27 1.40 N 
7 1 CD A ARG 107 ? ? NE A ARG 107 ? ? CZ  A ARG 107 ? ? 136.90 123.60 13.30 1.40 N 
8 1 NE A ARG 107 ? ? CZ A ARG 107 ? ? NH1 A ARG 107 ? ? 124.48 120.30 4.18  0.50 N 
9 1 NE A ARG 113 ? ? CZ A ARG 113 ? ? NH2 A ARG 113 ? ? 117.13 120.30 -3.17 0.50 N 
# 
loop_
_chem_comp_atom.comp_id 
_chem_comp_atom.atom_id 
_chem_comp_atom.type_symbol 
_chem_comp_atom.pdbx_aromatic_flag 
_chem_comp_atom.pdbx_stereo_config 
_chem_comp_atom.pdbx_ordinal 
ALA N    N N N 1   
ALA CA   C N S 2   
ALA C    C N N 3   
ALA O    O N N 4   
ALA CB   C N N 5   
ALA OXT  O N N 6   
ALA H    H N N 7   
ALA H2   H N N 8   
ALA HA   H N N 9   
ALA HB1  H N N 10  
ALA HB2  H N N 11  
ALA HB3  H N N 12  
ALA HXT  H N N 13  
ARG N    N N N 14  
ARG CA   C N S 15  
ARG C    C N N 16  
ARG O    O N N 17  
ARG CB   C N N 18  
ARG CG   C N N 19  
ARG CD   C N N 20  
ARG NE   N N N 21  
ARG CZ   C N N 22  
ARG NH1  N N N 23  
ARG NH2  N N N 24  
ARG OXT  O N N 25  
ARG H    H N N 26  
ARG H2   H N N 27  
ARG HA   H N N 28  
ARG HB2  H N N 29  
ARG HB3  H N N 30  
ARG HG2  H N N 31  
ARG HG3  H N N 32  
ARG HD2  H N N 33  
ARG HD3  H N N 34  
ARG HE   H N N 35  
ARG HH11 H N N 36  
ARG HH12 H N N 37  
ARG HH21 H N N 38  
ARG HH22 H N N 39  
ARG HXT  H N N 40  
ASN N    N N N 41  
ASN CA   C N S 42  
ASN C    C N N 43  
ASN O    O N N 44  
ASN CB   C N N 45  
ASN CG   C N N 46  
ASN OD1  O N N 47  
ASN ND2  N N N 48  
ASN OXT  O N N 49  
ASN H    H N N 50  
ASN H2   H N N 51  
ASN HA   H N N 52  
ASN HB2  H N N 53  
ASN HB3  H N N 54  
ASN HD21 H N N 55  
ASN HD22 H N N 56  
ASN HXT  H N N 57  
ASP N    N N N 58  
ASP CA   C N S 59  
ASP C    C N N 60  
ASP O    O N N 61  
ASP CB   C N N 62  
ASP CG   C N N 63  
ASP OD1  O N N 64  
ASP OD2  O N N 65  
ASP OXT  O N N 66  
ASP H    H N N 67  
ASP H2   H N N 68  
ASP HA   H N N 69  
ASP HB2  H N N 70  
ASP HB3  H N N 71  
ASP HD2  H N N 72  
ASP HXT  H N N 73  
CYS N    N N N 74  
CYS CA   C N R 75  
CYS C    C N N 76  
CYS O    O N N 77  
CYS CB   C N N 78  
CYS SG   S N N 79  
CYS OXT  O N N 80  
CYS H    H N N 81  
CYS H2   H N N 82  
CYS HA   H N N 83  
CYS HB2  H N N 84  
CYS HB3  H N N 85  
CYS HG   H N N 86  
CYS HXT  H N N 87  
GLN N    N N N 88  
GLN CA   C N S 89  
GLN C    C N N 90  
GLN O    O N N 91  
GLN CB   C N N 92  
GLN CG   C N N 93  
GLN CD   C N N 94  
GLN OE1  O N N 95  
GLN NE2  N N N 96  
GLN OXT  O N N 97  
GLN H    H N N 98  
GLN H2   H N N 99  
GLN HA   H N N 100 
GLN HB2  H N N 101 
GLN HB3  H N N 102 
GLN HG2  H N N 103 
GLN HG3  H N N 104 
GLN HE21 H N N 105 
GLN HE22 H N N 106 
GLN HXT  H N N 107 
GLU N    N N N 108 
GLU CA   C N S 109 
GLU C    C N N 110 
GLU O    O N N 111 
GLU CB   C N N 112 
GLU CG   C N N 113 
GLU CD   C N N 114 
GLU OE1  O N N 115 
GLU OE2  O N N 116 
GLU OXT  O N N 117 
GLU H    H N N 118 
GLU H2   H N N 119 
GLU HA   H N N 120 
GLU HB2  H N N 121 
GLU HB3  H N N 122 
GLU HG2  H N N 123 
GLU HG3  H N N 124 
GLU HE2  H N N 125 
GLU HXT  H N N 126 
GLY N    N N N 127 
GLY CA   C N N 128 
GLY C    C N N 129 
GLY O    O N N 130 
GLY OXT  O N N 131 
GLY H    H N N 132 
GLY H2   H N N 133 
GLY HA2  H N N 134 
GLY HA3  H N N 135 
GLY HXT  H N N 136 
HIS N    N N N 137 
HIS CA   C N S 138 
HIS C    C N N 139 
HIS O    O N N 140 
HIS CB   C N N 141 
HIS CG   C Y N 142 
HIS ND1  N Y N 143 
HIS CD2  C Y N 144 
HIS CE1  C Y N 145 
HIS NE2  N Y N 146 
HIS OXT  O N N 147 
HIS H    H N N 148 
HIS H2   H N N 149 
HIS HA   H N N 150 
HIS HB2  H N N 151 
HIS HB3  H N N 152 
HIS HD1  H N N 153 
HIS HD2  H N N 154 
HIS HE1  H N N 155 
HIS HE2  H N N 156 
HIS HXT  H N N 157 
HOH O    O N N 158 
HOH H1   H N N 159 
HOH H2   H N N 160 
ILE N    N N N 161 
ILE CA   C N S 162 
ILE C    C N N 163 
ILE O    O N N 164 
ILE CB   C N S 165 
ILE CG1  C N N 166 
ILE CG2  C N N 167 
ILE CD1  C N N 168 
ILE OXT  O N N 169 
ILE H    H N N 170 
ILE H2   H N N 171 
ILE HA   H N N 172 
ILE HB   H N N 173 
ILE HG12 H N N 174 
ILE HG13 H N N 175 
ILE HG21 H N N 176 
ILE HG22 H N N 177 
ILE HG23 H N N 178 
ILE HD11 H N N 179 
ILE HD12 H N N 180 
ILE HD13 H N N 181 
ILE HXT  H N N 182 
LEU N    N N N 183 
LEU CA   C N S 184 
LEU C    C N N 185 
LEU O    O N N 186 
LEU CB   C N N 187 
LEU CG   C N N 188 
LEU CD1  C N N 189 
LEU CD2  C N N 190 
LEU OXT  O N N 191 
LEU H    H N N 192 
LEU H2   H N N 193 
LEU HA   H N N 194 
LEU HB2  H N N 195 
LEU HB3  H N N 196 
LEU HG   H N N 197 
LEU HD11 H N N 198 
LEU HD12 H N N 199 
LEU HD13 H N N 200 
LEU HD21 H N N 201 
LEU HD22 H N N 202 
LEU HD23 H N N 203 
LEU HXT  H N N 204 
LYS N    N N N 205 
LYS CA   C N S 206 
LYS C    C N N 207 
LYS O    O N N 208 
LYS CB   C N N 209 
LYS CG   C N N 210 
LYS CD   C N N 211 
LYS CE   C N N 212 
LYS NZ   N N N 213 
LYS OXT  O N N 214 
LYS H    H N N 215 
LYS H2   H N N 216 
LYS HA   H N N 217 
LYS HB2  H N N 218 
LYS HB3  H N N 219 
LYS HG2  H N N 220 
LYS HG3  H N N 221 
LYS HD2  H N N 222 
LYS HD3  H N N 223 
LYS HE2  H N N 224 
LYS HE3  H N N 225 
LYS HZ1  H N N 226 
LYS HZ2  H N N 227 
LYS HZ3  H N N 228 
LYS HXT  H N N 229 
MET N    N N N 230 
MET CA   C N S 231 
MET C    C N N 232 
MET O    O N N 233 
MET CB   C N N 234 
MET CG   C N N 235 
MET SD   S N N 236 
MET CE   C N N 237 
MET OXT  O N N 238 
MET H    H N N 239 
MET H2   H N N 240 
MET HA   H N N 241 
MET HB2  H N N 242 
MET HB3  H N N 243 
MET HG2  H N N 244 
MET HG3  H N N 245 
MET HE1  H N N 246 
MET HE2  H N N 247 
MET HE3  H N N 248 
MET HXT  H N N 249 
PHE N    N N N 250 
PHE CA   C N S 251 
PHE C    C N N 252 
PHE O    O N N 253 
PHE CB   C N N 254 
PHE CG   C Y N 255 
PHE CD1  C Y N 256 
PHE CD2  C Y N 257 
PHE CE1  C Y N 258 
PHE CE2  C Y N 259 
PHE CZ   C Y N 260 
PHE OXT  O N N 261 
PHE H    H N N 262 
PHE H2   H N N 263 
PHE HA   H N N 264 
PHE HB2  H N N 265 
PHE HB3  H N N 266 
PHE HD1  H N N 267 
PHE HD2  H N N 268 
PHE HE1  H N N 269 
PHE HE2  H N N 270 
PHE HZ   H N N 271 
PHE HXT  H N N 272 
PRO N    N N N 273 
PRO CA   C N S 274 
PRO C    C N N 275 
PRO O    O N N 276 
PRO CB   C N N 277 
PRO CG   C N N 278 
PRO CD   C N N 279 
PRO OXT  O N N 280 
PRO H    H N N 281 
PRO HA   H N N 282 
PRO HB2  H N N 283 
PRO HB3  H N N 284 
PRO HG2  H N N 285 
PRO HG3  H N N 286 
PRO HD2  H N N 287 
PRO HD3  H N N 288 
PRO HXT  H N N 289 
SC2 C    C N N 290 
SC2 CB   C N N 291 
SC2 CT   C N N 292 
SC2 CA   C N R 293 
SC2 N    N N N 294 
SC2 OXT  O N N 295 
SC2 O    O N N 296 
SC2 OT   O N N 297 
SC2 CM   C N N 298 
SC2 SG   S N N 299 
SC2 H2   H N N 300 
SC2 HA   H N N 301 
SC2 HBC1 H N N 302 
SC2 HBC2 H N N 303 
SC2 HXT  H N N 304 
SC2 HMC1 H N N 305 
SC2 HMC2 H N N 306 
SC2 HMC3 H N N 307 
SC2 HSG  H N N 308 
SER N    N N N 309 
SER CA   C N S 310 
SER C    C N N 311 
SER O    O N N 312 
SER CB   C N N 313 
SER OG   O N N 314 
SER OXT  O N N 315 
SER H    H N N 316 
SER H2   H N N 317 
SER HA   H N N 318 
SER HB2  H N N 319 
SER HB3  H N N 320 
SER HG   H N N 321 
SER HXT  H N N 322 
THR N    N N N 323 
THR CA   C N S 324 
THR C    C N N 325 
THR O    O N N 326 
THR CB   C N R 327 
THR OG1  O N N 328 
THR CG2  C N N 329 
THR OXT  O N N 330 
THR H    H N N 331 
THR H2   H N N 332 
THR HA   H N N 333 
THR HB   H N N 334 
THR HG1  H N N 335 
THR HG21 H N N 336 
THR HG22 H N N 337 
THR HG23 H N N 338 
THR HXT  H N N 339 
TRP N    N N N 340 
TRP CA   C N S 341 
TRP C    C N N 342 
TRP O    O N N 343 
TRP CB   C N N 344 
TRP CG   C Y N 345 
TRP CD1  C Y N 346 
TRP CD2  C Y N 347 
TRP NE1  N Y N 348 
TRP CE2  C Y N 349 
TRP CE3  C Y N 350 
TRP CZ2  C Y N 351 
TRP CZ3  C Y N 352 
TRP CH2  C Y N 353 
TRP OXT  O N N 354 
TRP H    H N N 355 
TRP H2   H N N 356 
TRP HA   H N N 357 
TRP HB2  H N N 358 
TRP HB3  H N N 359 
TRP HD1  H N N 360 
TRP HE1  H N N 361 
TRP HE3  H N N 362 
TRP HZ2  H N N 363 
TRP HZ3  H N N 364 
TRP HH2  H N N 365 
TRP HXT  H N N 366 
TYR N    N N N 367 
TYR CA   C N S 368 
TYR C    C N N 369 
TYR O    O N N 370 
TYR CB   C N N 371 
TYR CG   C Y N 372 
TYR CD1  C Y N 373 
TYR CD2  C Y N 374 
TYR CE1  C Y N 375 
TYR CE2  C Y N 376 
TYR CZ   C Y N 377 
TYR OH   O N N 378 
TYR OXT  O N N 379 
TYR H    H N N 380 
TYR H2   H N N 381 
TYR HA   H N N 382 
TYR HB2  H N N 383 
TYR HB3  H N N 384 
TYR HD1  H N N 385 
TYR HD2  H N N 386 
TYR HE1  H N N 387 
TYR HE2  H N N 388 
TYR HH   H N N 389 
TYR HXT  H N N 390 
VAL N    N N N 391 
VAL CA   C N S 392 
VAL C    C N N 393 
VAL O    O N N 394 
VAL CB   C N N 395 
VAL CG1  C N N 396 
VAL CG2  C N N 397 
VAL OXT  O N N 398 
VAL H    H N N 399 
VAL H2   H N N 400 
VAL HA   H N N 401 
VAL HB   H N N 402 
VAL HG11 H N N 403 
VAL HG12 H N N 404 
VAL HG13 H N N 405 
VAL HG21 H N N 406 
VAL HG22 H N N 407 
VAL HG23 H N N 408 
VAL HXT  H N N 409 
# 
loop_
_chem_comp_bond.comp_id 
_chem_comp_bond.atom_id_1 
_chem_comp_bond.atom_id_2 
_chem_comp_bond.value_order 
_chem_comp_bond.pdbx_aromatic_flag 
_chem_comp_bond.pdbx_stereo_config 
_chem_comp_bond.pdbx_ordinal 
ALA N   CA   sing N N 1   
ALA N   H    sing N N 2   
ALA N   H2   sing N N 3   
ALA CA  C    sing N N 4   
ALA CA  CB   sing N N 5   
ALA CA  HA   sing N N 6   
ALA C   O    doub N N 7   
ALA C   OXT  sing N N 8   
ALA CB  HB1  sing N N 9   
ALA CB  HB2  sing N N 10  
ALA CB  HB3  sing N N 11  
ALA OXT HXT  sing N N 12  
ARG N   CA   sing N N 13  
ARG N   H    sing N N 14  
ARG N   H2   sing N N 15  
ARG CA  C    sing N N 16  
ARG CA  CB   sing N N 17  
ARG CA  HA   sing N N 18  
ARG C   O    doub N N 19  
ARG C   OXT  sing N N 20  
ARG CB  CG   sing N N 21  
ARG CB  HB2  sing N N 22  
ARG CB  HB3  sing N N 23  
ARG CG  CD   sing N N 24  
ARG CG  HG2  sing N N 25  
ARG CG  HG3  sing N N 26  
ARG CD  NE   sing N N 27  
ARG CD  HD2  sing N N 28  
ARG CD  HD3  sing N N 29  
ARG NE  CZ   sing N N 30  
ARG NE  HE   sing N N 31  
ARG CZ  NH1  sing N N 32  
ARG CZ  NH2  doub N N 33  
ARG NH1 HH11 sing N N 34  
ARG NH1 HH12 sing N N 35  
ARG NH2 HH21 sing N N 36  
ARG NH2 HH22 sing N N 37  
ARG OXT HXT  sing N N 38  
ASN N   CA   sing N N 39  
ASN N   H    sing N N 40  
ASN N   H2   sing N N 41  
ASN CA  C    sing N N 42  
ASN CA  CB   sing N N 43  
ASN CA  HA   sing N N 44  
ASN C   O    doub N N 45  
ASN C   OXT  sing N N 46  
ASN CB  CG   sing N N 47  
ASN CB  HB2  sing N N 48  
ASN CB  HB3  sing N N 49  
ASN CG  OD1  doub N N 50  
ASN CG  ND2  sing N N 51  
ASN ND2 HD21 sing N N 52  
ASN ND2 HD22 sing N N 53  
ASN OXT HXT  sing N N 54  
ASP N   CA   sing N N 55  
ASP N   H    sing N N 56  
ASP N   H2   sing N N 57  
ASP CA  C    sing N N 58  
ASP CA  CB   sing N N 59  
ASP CA  HA   sing N N 60  
ASP C   O    doub N N 61  
ASP C   OXT  sing N N 62  
ASP CB  CG   sing N N 63  
ASP CB  HB2  sing N N 64  
ASP CB  HB3  sing N N 65  
ASP CG  OD1  doub N N 66  
ASP CG  OD2  sing N N 67  
ASP OD2 HD2  sing N N 68  
ASP OXT HXT  sing N N 69  
CYS N   CA   sing N N 70  
CYS N   H    sing N N 71  
CYS N   H2   sing N N 72  
CYS CA  C    sing N N 73  
CYS CA  CB   sing N N 74  
CYS CA  HA   sing N N 75  
CYS C   O    doub N N 76  
CYS C   OXT  sing N N 77  
CYS CB  SG   sing N N 78  
CYS CB  HB2  sing N N 79  
CYS CB  HB3  sing N N 80  
CYS SG  HG   sing N N 81  
CYS OXT HXT  sing N N 82  
GLN N   CA   sing N N 83  
GLN N   H    sing N N 84  
GLN N   H2   sing N N 85  
GLN CA  C    sing N N 86  
GLN CA  CB   sing N N 87  
GLN CA  HA   sing N N 88  
GLN C   O    doub N N 89  
GLN C   OXT  sing N N 90  
GLN CB  CG   sing N N 91  
GLN CB  HB2  sing N N 92  
GLN CB  HB3  sing N N 93  
GLN CG  CD   sing N N 94  
GLN CG  HG2  sing N N 95  
GLN CG  HG3  sing N N 96  
GLN CD  OE1  doub N N 97  
GLN CD  NE2  sing N N 98  
GLN NE2 HE21 sing N N 99  
GLN NE2 HE22 sing N N 100 
GLN OXT HXT  sing N N 101 
GLU N   CA   sing N N 102 
GLU N   H    sing N N 103 
GLU N   H2   sing N N 104 
GLU CA  C    sing N N 105 
GLU CA  CB   sing N N 106 
GLU CA  HA   sing N N 107 
GLU C   O    doub N N 108 
GLU C   OXT  sing N N 109 
GLU CB  CG   sing N N 110 
GLU CB  HB2  sing N N 111 
GLU CB  HB3  sing N N 112 
GLU CG  CD   sing N N 113 
GLU CG  HG2  sing N N 114 
GLU CG  HG3  sing N N 115 
GLU CD  OE1  doub N N 116 
GLU CD  OE2  sing N N 117 
GLU OE2 HE2  sing N N 118 
GLU OXT HXT  sing N N 119 
GLY N   CA   sing N N 120 
GLY N   H    sing N N 121 
GLY N   H2   sing N N 122 
GLY CA  C    sing N N 123 
GLY CA  HA2  sing N N 124 
GLY CA  HA3  sing N N 125 
GLY C   O    doub N N 126 
GLY C   OXT  sing N N 127 
GLY OXT HXT  sing N N 128 
HIS N   CA   sing N N 129 
HIS N   H    sing N N 130 
HIS N   H2   sing N N 131 
HIS CA  C    sing N N 132 
HIS CA  CB   sing N N 133 
HIS CA  HA   sing N N 134 
HIS C   O    doub N N 135 
HIS C   OXT  sing N N 136 
HIS CB  CG   sing N N 137 
HIS CB  HB2  sing N N 138 
HIS CB  HB3  sing N N 139 
HIS CG  ND1  sing Y N 140 
HIS CG  CD2  doub Y N 141 
HIS ND1 CE1  doub Y N 142 
HIS ND1 HD1  sing N N 143 
HIS CD2 NE2  sing Y N 144 
HIS CD2 HD2  sing N N 145 
HIS CE1 NE2  sing Y N 146 
HIS CE1 HE1  sing N N 147 
HIS NE2 HE2  sing N N 148 
HIS OXT HXT  sing N N 149 
HOH O   H1   sing N N 150 
HOH O   H2   sing N N 151 
ILE N   CA   sing N N 152 
ILE N   H    sing N N 153 
ILE N   H2   sing N N 154 
ILE CA  C    sing N N 155 
ILE CA  CB   sing N N 156 
ILE CA  HA   sing N N 157 
ILE C   O    doub N N 158 
ILE C   OXT  sing N N 159 
ILE CB  CG1  sing N N 160 
ILE CB  CG2  sing N N 161 
ILE CB  HB   sing N N 162 
ILE CG1 CD1  sing N N 163 
ILE CG1 HG12 sing N N 164 
ILE CG1 HG13 sing N N 165 
ILE CG2 HG21 sing N N 166 
ILE CG2 HG22 sing N N 167 
ILE CG2 HG23 sing N N 168 
ILE CD1 HD11 sing N N 169 
ILE CD1 HD12 sing N N 170 
ILE CD1 HD13 sing N N 171 
ILE OXT HXT  sing N N 172 
LEU N   CA   sing N N 173 
LEU N   H    sing N N 174 
LEU N   H2   sing N N 175 
LEU CA  C    sing N N 176 
LEU CA  CB   sing N N 177 
LEU CA  HA   sing N N 178 
LEU C   O    doub N N 179 
LEU C   OXT  sing N N 180 
LEU CB  CG   sing N N 181 
LEU CB  HB2  sing N N 182 
LEU CB  HB3  sing N N 183 
LEU CG  CD1  sing N N 184 
LEU CG  CD2  sing N N 185 
LEU CG  HG   sing N N 186 
LEU CD1 HD11 sing N N 187 
LEU CD1 HD12 sing N N 188 
LEU CD1 HD13 sing N N 189 
LEU CD2 HD21 sing N N 190 
LEU CD2 HD22 sing N N 191 
LEU CD2 HD23 sing N N 192 
LEU OXT HXT  sing N N 193 
LYS N   CA   sing N N 194 
LYS N   H    sing N N 195 
LYS N   H2   sing N N 196 
LYS CA  C    sing N N 197 
LYS CA  CB   sing N N 198 
LYS CA  HA   sing N N 199 
LYS C   O    doub N N 200 
LYS C   OXT  sing N N 201 
LYS CB  CG   sing N N 202 
LYS CB  HB2  sing N N 203 
LYS CB  HB3  sing N N 204 
LYS CG  CD   sing N N 205 
LYS CG  HG2  sing N N 206 
LYS CG  HG3  sing N N 207 
LYS CD  CE   sing N N 208 
LYS CD  HD2  sing N N 209 
LYS CD  HD3  sing N N 210 
LYS CE  NZ   sing N N 211 
LYS CE  HE2  sing N N 212 
LYS CE  HE3  sing N N 213 
LYS NZ  HZ1  sing N N 214 
LYS NZ  HZ2  sing N N 215 
LYS NZ  HZ3  sing N N 216 
LYS OXT HXT  sing N N 217 
MET N   CA   sing N N 218 
MET N   H    sing N N 219 
MET N   H2   sing N N 220 
MET CA  C    sing N N 221 
MET CA  CB   sing N N 222 
MET CA  HA   sing N N 223 
MET C   O    doub N N 224 
MET C   OXT  sing N N 225 
MET CB  CG   sing N N 226 
MET CB  HB2  sing N N 227 
MET CB  HB3  sing N N 228 
MET CG  SD   sing N N 229 
MET CG  HG2  sing N N 230 
MET CG  HG3  sing N N 231 
MET SD  CE   sing N N 232 
MET CE  HE1  sing N N 233 
MET CE  HE2  sing N N 234 
MET CE  HE3  sing N N 235 
MET OXT HXT  sing N N 236 
PHE N   CA   sing N N 237 
PHE N   H    sing N N 238 
PHE N   H2   sing N N 239 
PHE CA  C    sing N N 240 
PHE CA  CB   sing N N 241 
PHE CA  HA   sing N N 242 
PHE C   O    doub N N 243 
PHE C   OXT  sing N N 244 
PHE CB  CG   sing N N 245 
PHE CB  HB2  sing N N 246 
PHE CB  HB3  sing N N 247 
PHE CG  CD1  doub Y N 248 
PHE CG  CD2  sing Y N 249 
PHE CD1 CE1  sing Y N 250 
PHE CD1 HD1  sing N N 251 
PHE CD2 CE2  doub Y N 252 
PHE CD2 HD2  sing N N 253 
PHE CE1 CZ   doub Y N 254 
PHE CE1 HE1  sing N N 255 
PHE CE2 CZ   sing Y N 256 
PHE CE2 HE2  sing N N 257 
PHE CZ  HZ   sing N N 258 
PHE OXT HXT  sing N N 259 
PRO N   CA   sing N N 260 
PRO N   CD   sing N N 261 
PRO N   H    sing N N 262 
PRO CA  C    sing N N 263 
PRO CA  CB   sing N N 264 
PRO CA  HA   sing N N 265 
PRO C   O    doub N N 266 
PRO C   OXT  sing N N 267 
PRO CB  CG   sing N N 268 
PRO CB  HB2  sing N N 269 
PRO CB  HB3  sing N N 270 
PRO CG  CD   sing N N 271 
PRO CG  HG2  sing N N 272 
PRO CG  HG3  sing N N 273 
PRO CD  HD2  sing N N 274 
PRO CD  HD3  sing N N 275 
PRO OXT HXT  sing N N 276 
SC2 C   OXT  sing N N 277 
SC2 C   O    doub N N 278 
SC2 C   CA   sing N N 279 
SC2 CB  CA   sing N N 280 
SC2 CB  SG   sing N N 281 
SC2 CB  HBC1 sing N N 282 
SC2 CB  HBC2 sing N N 283 
SC2 CT  N    sing N N 284 
SC2 CT  OT   doub N N 285 
SC2 CT  CM   sing N N 286 
SC2 CA  N    sing N N 287 
SC2 CA  HA   sing N N 288 
SC2 N   H2   sing N N 289 
SC2 OXT HXT  sing N N 290 
SC2 CM  HMC1 sing N N 291 
SC2 CM  HMC2 sing N N 292 
SC2 CM  HMC3 sing N N 293 
SC2 SG  HSG  sing N N 294 
SER N   CA   sing N N 295 
SER N   H    sing N N 296 
SER N   H2   sing N N 297 
SER CA  C    sing N N 298 
SER CA  CB   sing N N 299 
SER CA  HA   sing N N 300 
SER C   O    doub N N 301 
SER C   OXT  sing N N 302 
SER CB  OG   sing N N 303 
SER CB  HB2  sing N N 304 
SER CB  HB3  sing N N 305 
SER OG  HG   sing N N 306 
SER OXT HXT  sing N N 307 
THR N   CA   sing N N 308 
THR N   H    sing N N 309 
THR N   H2   sing N N 310 
THR CA  C    sing N N 311 
THR CA  CB   sing N N 312 
THR CA  HA   sing N N 313 
THR C   O    doub N N 314 
THR C   OXT  sing N N 315 
THR CB  OG1  sing N N 316 
THR CB  CG2  sing N N 317 
THR CB  HB   sing N N 318 
THR OG1 HG1  sing N N 319 
THR CG2 HG21 sing N N 320 
THR CG2 HG22 sing N N 321 
THR CG2 HG23 sing N N 322 
THR OXT HXT  sing N N 323 
TRP N   CA   sing N N 324 
TRP N   H    sing N N 325 
TRP N   H2   sing N N 326 
TRP CA  C    sing N N 327 
TRP CA  CB   sing N N 328 
TRP CA  HA   sing N N 329 
TRP C   O    doub N N 330 
TRP C   OXT  sing N N 331 
TRP CB  CG   sing N N 332 
TRP CB  HB2  sing N N 333 
TRP CB  HB3  sing N N 334 
TRP CG  CD1  doub Y N 335 
TRP CG  CD2  sing Y N 336 
TRP CD1 NE1  sing Y N 337 
TRP CD1 HD1  sing N N 338 
TRP CD2 CE2  doub Y N 339 
TRP CD2 CE3  sing Y N 340 
TRP NE1 CE2  sing Y N 341 
TRP NE1 HE1  sing N N 342 
TRP CE2 CZ2  sing Y N 343 
TRP CE3 CZ3  doub Y N 344 
TRP CE3 HE3  sing N N 345 
TRP CZ2 CH2  doub Y N 346 
TRP CZ2 HZ2  sing N N 347 
TRP CZ3 CH2  sing Y N 348 
TRP CZ3 HZ3  sing N N 349 
TRP CH2 HH2  sing N N 350 
TRP OXT HXT  sing N N 351 
TYR N   CA   sing N N 352 
TYR N   H    sing N N 353 
TYR N   H2   sing N N 354 
TYR CA  C    sing N N 355 
TYR CA  CB   sing N N 356 
TYR CA  HA   sing N N 357 
TYR C   O    doub N N 358 
TYR C   OXT  sing N N 359 
TYR CB  CG   sing N N 360 
TYR CB  HB2  sing N N 361 
TYR CB  HB3  sing N N 362 
TYR CG  CD1  doub Y N 363 
TYR CG  CD2  sing Y N 364 
TYR CD1 CE1  sing Y N 365 
TYR CD1 HD1  sing N N 366 
TYR CD2 CE2  doub Y N 367 
TYR CD2 HD2  sing N N 368 
TYR CE1 CZ   doub Y N 369 
TYR CE1 HE1  sing N N 370 
TYR CE2 CZ   sing Y N 371 
TYR CE2 HE2  sing N N 372 
TYR CZ  OH   sing N N 373 
TYR OH  HH   sing N N 374 
TYR OXT HXT  sing N N 375 
VAL N   CA   sing N N 376 
VAL N   H    sing N N 377 
VAL N   H2   sing N N 378 
VAL CA  C    sing N N 379 
VAL CA  CB   sing N N 380 
VAL CA  HA   sing N N 381 
VAL C   O    doub N N 382 
VAL C   OXT  sing N N 383 
VAL CB  CG1  sing N N 384 
VAL CB  CG2  sing N N 385 
VAL CB  HB   sing N N 386 
VAL CG1 HG11 sing N N 387 
VAL CG1 HG12 sing N N 388 
VAL CG1 HG13 sing N N 389 
VAL CG2 HG21 sing N N 390 
VAL CG2 HG22 sing N N 391 
VAL CG2 HG23 sing N N 392 
VAL OXT HXT  sing N N 393 
# 
_pdbx_initial_refinement_model.accession_code   ? 
_pdbx_initial_refinement_model.id               1 
_pdbx_initial_refinement_model.entity_id_list   ? 
_pdbx_initial_refinement_model.type             'experimental model' 
_pdbx_initial_refinement_model.source_name      Other 
_pdbx_initial_refinement_model.details          'NATIVE HUMAN LYSOZYME' 
# 
_atom_sites.entry_id                    207L 
_atom_sites.fract_transf_matrix[1][1]   -0.01518820 
_atom_sites.fract_transf_matrix[1][2]   -0.00535541 
_atom_sites.fract_transf_matrix[1][3]   0.00645183 
_atom_sites.fract_transf_matrix[2][1]   0.00770591 
_atom_sites.fract_transf_matrix[2][2]   -0.01210422 
_atom_sites.fract_transf_matrix[2][3]   0.00809318 
_atom_sites.fract_transf_matrix[3][1]   0.00368802 
_atom_sites.fract_transf_matrix[3][2]   0.01832101 
_atom_sites.fract_transf_matrix[3][3]   0.02388951 
_atom_sites.fract_transf_vector[1]      0.222087 
_atom_sites.fract_transf_vector[2]      0.244017 
_atom_sites.fract_transf_vector[3]      0.875564 
# 
loop_
_atom_type.symbol 
C 
N 
O 
S 
# 
loop_
_atom_site.group_PDB 
_atom_site.id 
_atom_site.type_symbol 
_atom_site.label_atom_id 
_atom_site.label_alt_id 
_atom_site.label_comp_id 
_atom_site.label_asym_id 
_atom_site.label_entity_id 
_atom_site.label_seq_id 
_atom_site.pdbx_PDB_ins_code 
_atom_site.Cartn_x 
_atom_site.Cartn_y 
_atom_site.Cartn_z 
_atom_site.occupancy 
_atom_site.B_iso_or_equiv 
_atom_site.pdbx_formal_charge 
_atom_site.auth_seq_id 
_atom_site.auth_comp_id 
_atom_site.auth_asym_id 
_atom_site.auth_atom_id 
_atom_site.pdbx_PDB_model_num 
ATOM   1    N N   . LYS A 1 1   ? 11.207  -3.878  -7.407  1.00 12.18 ? 1   LYS A N   1 
ATOM   2    C CA  . LYS A 1 1   ? 11.095  -5.317  -7.745  1.00 12.88 ? 1   LYS A CA  1 
ATOM   3    C C   . LYS A 1 1   ? 9.653   -5.697  -7.972  1.00 11.66 ? 1   LYS A C   1 
ATOM   4    O O   . LYS A 1 1   ? 8.772   -5.043  -7.358  1.00 11.61 ? 1   LYS A O   1 
ATOM   5    C CB  . LYS A 1 1   ? 11.745  -6.123  -6.644  1.00 16.57 ? 1   LYS A CB  1 
ATOM   6    C CG  . LYS A 1 1   ? 10.980  -6.636  -5.459  1.00 17.77 ? 1   LYS A CG  1 
ATOM   7    C CD  . LYS A 1 1   ? 11.660  -7.727  -4.654  1.00 18.98 ? 1   LYS A CD  1 
ATOM   8    C CE  . LYS A 1 1   ? 10.877  -9.027  -4.578  1.00 21.50 ? 1   LYS A CE  1 
ATOM   9    N NZ  . LYS A 1 1   ? 11.195  -9.834  -3.357  1.00 22.20 ? 1   LYS A NZ  1 
ATOM   10   N N   . VAL A 1 2   ? 9.380   -6.671  -8.820  1.00 13.19 ? 2   VAL A N   1 
ATOM   11   C CA  . VAL A 1 2   ? 8.045   -7.177  -9.118  1.00 12.54 ? 2   VAL A CA  1 
ATOM   12   C C   . VAL A 1 2   ? 7.933   -8.514  -8.358  1.00 12.29 ? 2   VAL A C   1 
ATOM   13   O O   . VAL A 1 2   ? 8.679   -9.476  -8.618  1.00 13.01 ? 2   VAL A O   1 
ATOM   14   C CB  . VAL A 1 2   ? 7.700   -7.344  -10.613 1.00 14.38 ? 2   VAL A CB  1 
ATOM   15   C CG1 . VAL A 1 2   ? 6.263   -7.890  -10.782 1.00 14.39 ? 2   VAL A CG1 1 
ATOM   16   C CG2 . VAL A 1 2   ? 7.932   -6.086  -11.423 1.00 14.42 ? 2   VAL A CG2 1 
ATOM   17   N N   . PHE A 1 3   ? 7.005   -8.555  -7.405  1.00 12.16 ? 3   PHE A N   1 
ATOM   18   C CA  . PHE A 1 3   ? 6.794   -9.720  -6.558  1.00 12.46 ? 3   PHE A CA  1 
ATOM   19   C C   . PHE A 1 3   ? 5.943   -10.762 -7.305  1.00 12.52 ? 3   PHE A C   1 
ATOM   20   O O   . PHE A 1 3   ? 5.153   -10.313 -8.132  1.00 13.18 ? 3   PHE A O   1 
ATOM   21   C CB  . PHE A 1 3   ? 6.038   -9.360  -5.251  1.00 12.62 ? 3   PHE A CB  1 
ATOM   22   C CG  . PHE A 1 3   ? 6.865   -8.903  -4.099  1.00 11.82 ? 3   PHE A CG  1 
ATOM   23   C CD1 . PHE A 1 3   ? 7.251   -7.568  -3.931  1.00 13.30 ? 3   PHE A CD1 1 
ATOM   24   C CD2 . PHE A 1 3   ? 7.269   -9.831  -3.124  1.00 13.21 ? 3   PHE A CD2 1 
ATOM   25   C CE1 . PHE A 1 3   ? 8.054   -7.185  -2.855  1.00 14.36 ? 3   PHE A CE1 1 
ATOM   26   C CE2 . PHE A 1 3   ? 8.043   -9.471  -2.050  1.00 12.27 ? 3   PHE A CE2 1 
ATOM   27   C CZ  . PHE A 1 3   ? 8.436   -8.145  -1.903  1.00 13.54 ? 3   PHE A CZ  1 
ATOM   28   N N   . GLU A 1 4   ? 6.157   -11.987 -6.954  1.00 12.21 ? 4   GLU A N   1 
ATOM   29   C CA  . GLU A 1 4   ? 5.326   -13.093 -7.488  1.00 14.42 ? 4   GLU A CA  1 
ATOM   30   C C   . GLU A 1 4   ? 4.141   -13.103 -6.512  1.00 12.90 ? 4   GLU A C   1 
ATOM   31   O O   . GLU A 1 4   ? 4.329   -12.692 -5.330  1.00 13.05 ? 4   GLU A O   1 
ATOM   32   C CB  . GLU A 1 4   ? 6.059   -14.420 -7.555  1.00 19.05 ? 4   GLU A CB  1 
ATOM   33   C CG  . GLU A 1 4   ? 7.104   -14.507 -8.678  1.00 25.24 ? 4   GLU A CG  1 
ATOM   34   C CD  . GLU A 1 4   ? 7.857   -15.776 -8.887  1.00 30.00 ? 4   GLU A CD  1 
ATOM   35   O OE1 . GLU A 1 4   ? 8.217   -16.565 -8.008  1.00 31.87 ? 4   GLU A OE1 1 
ATOM   36   O OE2 . GLU A 1 4   ? 8.125   -15.951 -10.118 1.00 31.01 ? 4   GLU A OE2 1 
ATOM   37   N N   . ARG A 1 5   ? 2.959   -13.469 -6.895  1.00 11.62 ? 5   ARG A N   1 
ATOM   38   C CA  . ARG A 1 5   ? 1.786   -13.437 -5.983  1.00 11.06 ? 5   ARG A CA  1 
ATOM   39   C C   . ARG A 1 5   ? 1.992   -14.112 -4.638  1.00 10.13 ? 5   ARG A C   1 
ATOM   40   O O   . ARG A 1 5   ? 1.697   -13.426 -3.603  1.00 7.75  ? 5   ARG A O   1 
ATOM   41   C CB  . ARG A 1 5   ? 0.520   -13.955 -6.695  1.00 9.79  ? 5   ARG A CB  1 
ATOM   42   C CG  . ARG A 1 5   ? -0.732  -14.096 -5.788  1.00 13.36 ? 5   ARG A CG  1 
ATOM   43   C CD  . ARG A 1 5   ? -1.828  -14.662 -6.643  1.00 13.97 ? 5   ARG A CD  1 
ATOM   44   N NE  . ARG A 1 5   ? -1.572  -16.057 -7.026  1.00 15.83 ? 5   ARG A NE  1 
ATOM   45   C CZ  . ARG A 1 5   ? -1.985  -17.063 -6.230  1.00 16.73 ? 5   ARG A CZ  1 
ATOM   46   N NH1 . ARG A 1 5   ? -2.607  -16.772 -5.085  1.00 16.73 ? 5   ARG A NH1 1 
ATOM   47   N NH2 . ARG A 1 5   ? -1.853  -18.359 -6.489  1.00 18.42 ? 5   ARG A NH2 1 
ATOM   48   N N   . CYS A 1 6   ? 2.453   -15.340 -4.599  1.00 8.17  ? 6   CYS A N   1 
ATOM   49   C CA  . CYS A 1 6   ? 2.627   -16.081 -3.325  1.00 9.78  ? 6   CYS A CA  1 
ATOM   50   C C   . CYS A 1 6   ? 3.788   -15.598 -2.482  1.00 10.17 ? 6   CYS A C   1 
ATOM   51   O O   . CYS A 1 6   ? 3.724   -15.671 -1.239  1.00 8.97  ? 6   CYS A O   1 
ATOM   52   C CB  . CYS A 1 6   ? 2.562   -17.595 -3.576  1.00 11.65 ? 6   CYS A CB  1 
ATOM   53   S SG  . CYS A 1 6   ? 0.851   -18.135 -4.043  1.00 12.85 ? 6   CYS A SG  1 
ATOM   54   N N   . GLU A 1 7   ? 4.845   -15.200 -3.142  1.00 10.05 ? 7   GLU A N   1 
ATOM   55   C CA  . GLU A 1 7   ? 6.043   -14.644 -2.478  1.00 10.45 ? 7   GLU A CA  1 
ATOM   56   C C   . GLU A 1 7   ? 5.588   -13.437 -1.671  1.00 10.00 ? 7   GLU A C   1 
ATOM   57   O O   . GLU A 1 7   ? 5.959   -13.258 -0.491  1.00 11.94 ? 7   GLU A O   1 
ATOM   58   C CB  . GLU A 1 7   ? 7.062   -14.206 -3.503  1.00 13.35 ? 7   GLU A CB  1 
ATOM   59   C CG  . GLU A 1 7   ? 8.368   -13.534 -3.081  1.00 14.21 ? 7   GLU A CG  1 
ATOM   60   C CD  . GLU A 1 7   ? 9.090   -12.809 -4.196  1.00 16.00 ? 7   GLU A CD  1 
ATOM   61   O OE1 . GLU A 1 7   ? 8.658   -12.505 -5.291  1.00 16.67 ? 7   GLU A OE1 1 
ATOM   62   O OE2 . GLU A 1 7   ? 10.245  -12.501 -3.853  1.00 20.37 ? 7   GLU A OE2 1 
ATOM   63   N N   . LEU A 1 8   ? 4.761   -12.581 -2.275  1.00 9.70  ? 8   LEU A N   1 
ATOM   64   C CA  . LEU A 1 8   ? 4.232   -11.391 -1.580  1.00 8.05  ? 8   LEU A CA  1 
ATOM   65   C C   . LEU A 1 8   ? 3.331   -11.769 -0.380  1.00 8.65  ? 8   LEU A C   1 
ATOM   66   O O   . LEU A 1 8   ? 3.380   -11.207 0.709   1.00 7.71  ? 8   LEU A O   1 
ATOM   67   C CB  . LEU A 1 8   ? 3.476   -10.428 -2.534  1.00 7.43  ? 8   LEU A CB  1 
ATOM   68   C CG  . LEU A 1 8   ? 2.884   -9.187  -1.830  1.00 5.19  ? 8   LEU A CG  1 
ATOM   69   C CD1 . LEU A 1 8   ? 3.985   -8.356  -1.180  1.00 7.83  ? 8   LEU A CD1 1 
ATOM   70   C CD2 . LEU A 1 8   ? 2.040   -8.368  -2.774  1.00 6.07  ? 8   LEU A CD2 1 
ATOM   71   N N   . ALA A 1 9   ? 2.392   -12.712 -0.633  1.00 8.94  ? 9   ALA A N   1 
ATOM   72   C CA  . ALA A 1 9   ? 1.439   -13.146 0.415   1.00 8.54  ? 9   ALA A CA  1 
ATOM   73   C C   . ALA A 1 9   ? 2.141   -13.597 1.671   1.00 10.16 ? 9   ALA A C   1 
ATOM   74   O O   . ALA A 1 9   ? 1.843   -13.188 2.813   1.00 11.20 ? 9   ALA A O   1 
ATOM   75   C CB  . ALA A 1 9   ? 0.544   -14.215 -0.222  1.00 10.77 ? 9   ALA A CB  1 
ATOM   76   N N   . ARG A 1 10  ? 3.169   -14.422 1.535   1.00 10.19 ? 10  ARG A N   1 
ATOM   77   C CA  . ARG A 1 10  ? 3.959   -14.923 2.665   1.00 10.23 ? 10  ARG A CA  1 
ATOM   78   C C   . ARG A 1 10  ? 4.719   -13.768 3.340   1.00 9.54  ? 10  ARG A C   1 
ATOM   79   O O   . ARG A 1 10  ? 4.821   -13.717 4.585   1.00 9.70  ? 10  ARG A O   1 
ATOM   80   C CB  . ARG A 1 10  ? 4.898   -15.997 2.129   1.00 11.80 ? 10  ARG A CB  1 
ATOM   81   C CG  . ARG A 1 10  ? 4.253   -17.350 1.915   1.00 12.43 ? 10  ARG A CG  1 
ATOM   82   C CD  . ARG A 1 10  ? 5.348   -18.394 1.831   1.00 15.98 ? 10  ARG A CD  1 
ATOM   83   N NE  . ARG A 1 10  ? 6.097   -18.290 0.595   1.00 14.30 ? 10  ARG A NE  1 
ATOM   84   C CZ  . ARG A 1 10  ? 5.662   -18.652 -0.602  1.00 15.11 ? 10  ARG A CZ  1 
ATOM   85   N NH1 . ARG A 1 10  ? 4.454   -19.150 -0.807  1.00 15.27 ? 10  ARG A NH1 1 
ATOM   86   N NH2 . ARG A 1 10  ? 6.462   -18.486 -1.678  1.00 16.66 ? 10  ARG A NH2 1 
ATOM   87   N N   . THR A 1 11  ? 5.204   -12.842 2.510   1.00 9.71  ? 11  THR A N   1 
ATOM   88   C CA  . THR A 1 11  ? 5.936   -11.665 3.079   1.00 9.85  ? 11  THR A CA  1 
ATOM   89   C C   . THR A 1 11  ? 4.992   -10.826 3.949   1.00 10.42 ? 11  THR A C   1 
ATOM   90   O O   . THR A 1 11  ? 5.366   -10.401 5.068   1.00 9.66  ? 11  THR A O   1 
ATOM   91   C CB  . THR A 1 11  ? 6.625   -10.785 1.968   1.00 9.83  ? 11  THR A CB  1 
ATOM   92   O OG1 . THR A 1 11  ? 7.425   -11.711 1.176   1.00 12.87 ? 11  THR A OG1 1 
ATOM   93   C CG2 . THR A 1 11  ? 7.403   -9.615  2.595   1.00 10.89 ? 11  THR A CG2 1 
ATOM   94   N N   . LEU A 1 12  ? 3.790   -10.545 3.433   1.00 8.94  ? 12  LEU A N   1 
ATOM   95   C CA  . LEU A 1 12  ? 2.805   -9.752  4.215   1.00 8.27  ? 12  LEU A CA  1 
ATOM   96   C C   . LEU A 1 12  ? 2.400   -10.455 5.509   1.00 8.24  ? 12  LEU A C   1 
ATOM   97   O O   . LEU A 1 12  ? 2.260   -9.738  6.516   1.00 8.76  ? 12  LEU A O   1 
ATOM   98   C CB  . LEU A 1 12  ? 1.617   -9.361  3.316   1.00 10.77 ? 12  LEU A CB  1 
ATOM   99   C CG  . LEU A 1 12  ? 1.887   -8.398  2.153   1.00 11.24 ? 12  LEU A CG  1 
ATOM   100  C CD1 . LEU A 1 12  ? 0.609   -8.204  1.352   1.00 13.26 ? 12  LEU A CD1 1 
ATOM   101  C CD2 . LEU A 1 12  ? 2.445   -7.080  2.713   1.00 14.85 ? 12  LEU A CD2 1 
ATOM   102  N N   . LYS A 1 13  ? 2.266   -11.758 5.518   1.00 10.22 ? 13  LYS A N   1 
ATOM   103  C CA  . LYS A 1 13  ? 1.892   -12.506 6.740   1.00 11.60 ? 13  LYS A CA  1 
ATOM   104  C C   . LYS A 1 13  ? 2.963   -12.346 7.803   1.00 11.15 ? 13  LYS A C   1 
ATOM   105  O O   . LYS A 1 13  ? 2.748   -12.148 9.018   1.00 12.22 ? 13  LYS A O   1 
ATOM   106  C CB  . LYS A 1 13  ? 1.760   -14.015 6.490   1.00 13.41 ? 13  LYS A CB  1 
ATOM   107  C CG  . LYS A 1 13  ? 0.986   -14.710 7.626   1.00 17.72 ? 13  LYS A CG  1 
ATOM   108  C CD  . LYS A 1 13  ? 0.488   -16.087 7.237   1.00 21.16 ? 13  LYS A CD  1 
ATOM   109  C CE  . LYS A 1 13  ? -0.652  -16.624 8.080   1.00 23.75 ? 13  LYS A CE  1 
ATOM   110  N NZ  . LYS A 1 13  ? -0.292  -16.794 9.518   1.00 24.82 ? 13  LYS A NZ  1 
ATOM   111  N N   . ARG A 1 14  ? 4.210   -12.428 7.349   1.00 12.81 ? 14  ARG A N   1 
ATOM   112  C CA  . ARG A 1 14  ? 5.373   -12.336 8.256   1.00 11.55 ? 14  ARG A CA  1 
ATOM   113  C C   . ARG A 1 14  ? 5.554   -11.012 8.948   1.00 11.33 ? 14  ARG A C   1 
ATOM   114  O O   . ARG A 1 14  ? 6.096   -10.896 10.075  1.00 10.25 ? 14  ARG A O   1 
ATOM   115  C CB  . ARG A 1 14  ? 6.622   -12.704 7.430   1.00 13.50 ? 14  ARG A CB  1 
ATOM   116  C CG  . ARG A 1 14  ? 7.882   -13.115 8.133   1.00 16.43 ? 14  ARG A CG  1 
ATOM   117  C CD  . ARG A 1 14  ? 8.996   -13.191 7.129   1.00 18.55 ? 14  ARG A CD  1 
ATOM   118  N NE  . ARG A 1 14  ? 8.770   -13.984 5.943   1.00 22.87 ? 14  ARG A NE  1 
ATOM   119  C CZ  . ARG A 1 14  ? 9.102   -13.652 4.696   1.00 23.12 ? 14  ARG A CZ  1 
ATOM   120  N NH1 . ARG A 1 14  ? 9.630   -12.482 4.347   1.00 23.96 ? 14  ARG A NH1 1 
ATOM   121  N NH2 . ARG A 1 14  ? 8.951   -14.542 3.698   1.00 24.98 ? 14  ARG A NH2 1 
ATOM   122  N N   . LEU A 1 15  ? 5.112   -9.985  8.245   1.00 10.44 ? 15  LEU A N   1 
ATOM   123  C CA  . LEU A 1 15  ? 5.171   -8.582  8.677   1.00 11.80 ? 15  LEU A CA  1 
ATOM   124  C C   . LEU A 1 15  ? 3.899   -8.226  9.476   1.00 10.77 ? 15  LEU A C   1 
ATOM   125  O O   . LEU A 1 15  ? 3.808   -7.065  9.784   1.00 11.23 ? 15  LEU A O   1 
ATOM   126  C CB  . LEU A 1 15  ? 5.410   -7.643  7.488   1.00 10.48 ? 15  LEU A CB  1 
ATOM   127  C CG  . LEU A 1 15  ? 6.724   -7.884  6.750   1.00 13.57 ? 15  LEU A CG  1 
ATOM   128  C CD1 . LEU A 1 15  ? 6.870   -7.066  5.470   1.00 11.75 ? 15  LEU A CD1 1 
ATOM   129  C CD2 . LEU A 1 15  ? 7.829   -7.610  7.765   1.00 10.85 ? 15  LEU A CD2 1 
ATOM   130  N N   . GLY A 1 16  ? 3.102   -9.232  9.712   1.00 10.73 ? 16  GLY A N   1 
ATOM   131  C CA  . GLY A 1 16  ? 1.874   -9.104  10.509  1.00 10.44 ? 16  GLY A CA  1 
ATOM   132  C C   . GLY A 1 16  ? 0.709   -8.410  9.909   1.00 10.22 ? 16  GLY A C   1 
ATOM   133  O O   . GLY A 1 16  ? -0.014  -7.751  10.691  1.00 12.05 ? 16  GLY A O   1 
ATOM   134  N N   . MET A 1 17  ? 0.435   -8.499  8.621   1.00 9.48  ? 17  MET A N   1 
ATOM   135  C CA  . MET A 1 17  ? -0.733  -7.842  8.032   1.00 9.80  ? 17  MET A CA  1 
ATOM   136  C C   . MET A 1 17  ? -2.026  -8.676  8.118   1.00 10.01 ? 17  MET A C   1 
ATOM   137  O O   . MET A 1 17  ? -3.094  -8.024  8.011   1.00 11.20 ? 17  MET A O   1 
ATOM   138  C CB  . MET A 1 17  ? -0.432  -7.469  6.573   1.00 11.53 ? 17  MET A CB  1 
ATOM   139  C CG  . MET A 1 17  ? 0.762   -6.547  6.565   1.00 13.27 ? 17  MET A CG  1 
ATOM   140  S SD  . MET A 1 17  ? 0.168   -4.853  6.893   1.00 17.28 ? 17  MET A SD  1 
ATOM   141  C CE  . MET A 1 17  ? 0.131   -4.315  5.152   1.00 16.43 ? 17  MET A CE  1 
ATOM   142  N N   . ASP A 1 18  ? -1.951  -9.966  8.282   1.00 11.30 ? 18  ASP A N   1 
ATOM   143  C CA  . ASP A 1 18  ? -3.182  -10.814 8.358   1.00 12.35 ? 18  ASP A CA  1 
ATOM   144  C C   . ASP A 1 18  ? -4.063  -10.433 9.566   1.00 13.32 ? 18  ASP A C   1 
ATOM   145  O O   . ASP A 1 18  ? -3.756  -10.652 10.752  1.00 11.40 ? 18  ASP A O   1 
ATOM   146  C CB  . ASP A 1 18  ? -2.828  -12.300 8.294   1.00 14.61 ? 18  ASP A CB  1 
ATOM   147  C CG  . ASP A 1 18  ? -4.029  -13.128 7.852   1.00 15.82 ? 18  ASP A CG  1 
ATOM   148  O OD1 . ASP A 1 18  ? -5.014  -12.591 7.326   1.00 14.47 ? 18  ASP A OD1 1 
ATOM   149  O OD2 . ASP A 1 18  ? -3.979  -14.364 7.995   1.00 19.06 ? 18  ASP A OD2 1 
ATOM   150  N N   . GLY A 1 19  ? -5.194  -9.823  9.224   1.00 12.83 ? 19  GLY A N   1 
ATOM   151  C CA  . GLY A 1 19  ? -6.212  -9.392  10.196  1.00 12.34 ? 19  GLY A CA  1 
ATOM   152  C C   . GLY A 1 19  ? -5.929  -8.086  10.858  1.00 10.83 ? 19  GLY A C   1 
ATOM   153  O O   . GLY A 1 19  ? -6.635  -7.782  11.823  1.00 12.98 ? 19  GLY A O   1 
ATOM   154  N N   . TYR A 1 20  ? -4.927  -7.332  10.436  1.00 11.38 ? 20  TYR A N   1 
ATOM   155  C CA  . TYR A 1 20  ? -4.556  -6.022  10.978  1.00 10.77 ? 20  TYR A CA  1 
ATOM   156  C C   . TYR A 1 20  ? -5.747  -5.069  10.856  1.00 10.26 ? 20  TYR A C   1 
ATOM   157  O O   . TYR A 1 20  ? -6.290  -4.823  9.759   1.00 11.51 ? 20  TYR A O   1 
ATOM   158  C CB  . TYR A 1 20  ? -3.242  -5.492  10.329  1.00 10.28 ? 20  TYR A CB  1 
ATOM   159  C CG  . TYR A 1 20  ? -2.740  -4.289  11.099  1.00 12.28 ? 20  TYR A CG  1 
ATOM   160  C CD1 . TYR A 1 20  ? -1.920  -4.407  12.219  1.00 11.58 ? 20  TYR A CD1 1 
ATOM   161  C CD2 . TYR A 1 20  ? -3.134  -3.012  10.710  1.00 11.60 ? 20  TYR A CD2 1 
ATOM   162  C CE1 . TYR A 1 20  ? -1.535  -3.251  12.919  1.00 14.63 ? 20  TYR A CE1 1 
ATOM   163  C CE2 . TYR A 1 20  ? -2.768  -1.857  11.379  1.00 13.06 ? 20  TYR A CE2 1 
ATOM   164  C CZ  . TYR A 1 20  ? -1.946  -1.989  12.487  1.00 14.14 ? 20  TYR A CZ  1 
ATOM   165  O OH  . TYR A 1 20  ? -1.573  -0.862  13.146  1.00 16.77 ? 20  TYR A OH  1 
ATOM   166  N N   . ARG A 1 21  ? -6.215  -4.552  11.984  1.00 9.35  ? 21  ARG A N   1 
ATOM   167  C CA  . ARG A 1 21  ? -7.388  -3.667  12.069  1.00 10.13 ? 21  ARG A CA  1 
ATOM   168  C C   . ARG A 1 21  ? -8.583  -4.263  11.309  1.00 7.96  ? 21  ARG A C   1 
ATOM   169  O O   . ARG A 1 21  ? -9.328  -3.528  10.670  1.00 8.14  ? 21  ARG A O   1 
ATOM   170  C CB  . ARG A 1 21  ? -6.998  -2.304  11.538  1.00 11.50 ? 21  ARG A CB  1 
ATOM   171  C CG  . ARG A 1 21  ? -6.162  -1.555  12.599  1.00 14.62 ? 21  ARG A CG  1 
ATOM   172  C CD  . ARG A 1 21  ? -7.079  -0.580  13.304  1.00 20.40 ? 21  ARG A CD  1 
ATOM   173  N NE  . ARG A 1 21  ? -7.854  0.137   12.297  1.00 22.44 ? 21  ARG A NE  1 
ATOM   174  C CZ  . ARG A 1 21  ? -8.863  0.979   12.526  1.00 23.28 ? 21  ARG A CZ  1 
ATOM   175  N NH1 . ARG A 1 21  ? -9.261  1.225   13.769  1.00 22.28 ? 21  ARG A NH1 1 
ATOM   176  N NH2 . ARG A 1 21  ? -9.475  1.537   11.485  1.00 24.98 ? 21  ARG A NH2 1 
ATOM   177  N N   . GLY A 1 22  ? -8.757  -5.562  11.385  1.00 7.98  ? 22  GLY A N   1 
ATOM   178  C CA  . GLY A 1 22  ? -9.801  -6.325  10.713  1.00 9.61  ? 22  GLY A CA  1 
ATOM   179  C C   . GLY A 1 22  ? -9.617  -6.593  9.240   1.00 10.73 ? 22  GLY A C   1 
ATOM   180  O O   . GLY A 1 22  ? -10.615 -7.051  8.598   1.00 11.16 ? 22  GLY A O   1 
ATOM   181  N N   . ILE A 1 23  ? -8.427  -6.333  8.681   1.00 8.79  ? 23  ILE A N   1 
ATOM   182  C CA  . ILE A 1 23  ? -8.147  -6.517  7.261   1.00 10.11 ? 23  ILE A CA  1 
ATOM   183  C C   . ILE A 1 23  ? -7.424  -7.815  6.925   1.00 8.98  ? 23  ILE A C   1 
ATOM   184  O O   . ILE A 1 23  ? -6.296  -8.021  7.345   1.00 11.43 ? 23  ILE A O   1 
ATOM   185  C CB  . ILE A 1 23  ? -7.318  -5.281  6.720   1.00 8.07  ? 23  ILE A CB  1 
ATOM   186  C CG1 . ILE A 1 23  ? -8.016  -3.964  7.084   1.00 9.03  ? 23  ILE A CG1 1 
ATOM   187  C CG2 . ILE A 1 23  ? -7.177  -5.508  5.178   1.00 7.85  ? 23  ILE A CG2 1 
ATOM   188  C CD1 . ILE A 1 23  ? -7.098  -2.679  7.121   1.00 9.24  ? 23  ILE A CD1 1 
ATOM   189  N N   . SER A 1 24  ? -8.080  -8.696  6.184   1.00 9.58  ? 24  SER A N   1 
ATOM   190  C CA  . SER A 1 24  ? -7.561  -9.999  5.801   1.00 10.11 ? 24  SER A CA  1 
ATOM   191  C C   . SER A 1 24  ? -6.384  -9.822  4.819   1.00 9.77  ? 24  SER A C   1 
ATOM   192  O O   . SER A 1 24  ? -6.379  -8.793  4.118   1.00 8.57  ? 24  SER A O   1 
ATOM   193  C CB  . SER A 1 24  ? -8.645  -10.860 5.146   1.00 11.49 ? 24  SER A CB  1 
ATOM   194  O OG  . SER A 1 24  ? -9.039  -10.358 3.881   1.00 13.31 ? 24  SER A OG  1 
ATOM   195  N N   . LEU A 1 25  ? -5.558  -10.835 4.801   1.00 9.30  ? 25  LEU A N   1 
ATOM   196  C CA  . LEU A 1 25  ? -4.375  -10.818 3.868   1.00 10.16 ? 25  LEU A CA  1 
ATOM   197  C C   . LEU A 1 25  ? -4.904  -10.705 2.458   1.00 10.63 ? 25  LEU A C   1 
ATOM   198  O O   . LEU A 1 25  ? -4.355  -10.003 1.576   1.00 9.61  ? 25  LEU A O   1 
ATOM   199  C CB  . LEU A 1 25  ? -3.601  -12.092 4.209   1.00 11.02 ? 25  LEU A CB  1 
ATOM   200  C CG  . LEU A 1 25  ? -2.151  -12.192 3.709   1.00 13.16 ? 25  LEU A CG  1 
ATOM   201  C CD1 . LEU A 1 25  ? -1.245  -11.356 4.643   1.00 13.84 ? 25  LEU A CD1 1 
ATOM   202  C CD2 . LEU A 1 25  ? -1.756  -13.645 3.779   1.00 13.73 ? 25  LEU A CD2 1 
ATOM   203  N N   . ALA A 1 26  ? -6.010  -11.447 2.216   1.00 8.64  ? 26  ALA A N   1 
ATOM   204  C CA  . ALA A 1 26  ? -6.589  -11.420 0.843   1.00 9.29  ? 26  ALA A CA  1 
ATOM   205  C C   . ALA A 1 26  ? -6.939  -9.977  0.479   1.00 10.64 ? 26  ALA A C   1 
ATOM   206  O O   . ALA A 1 26  ? -6.759  -9.608  -0.705  1.00 11.90 ? 26  ALA A O   1 
ATOM   207  C CB  . ALA A 1 26  ? -7.782  -12.353 0.755   1.00 7.48  ? 26  ALA A CB  1 
ATOM   208  N N   . ASN A 1 27  ? -7.450  -9.192  1.433   1.00 10.04 ? 27  ASN A N   1 
ATOM   209  C CA  . ASN A 1 27  ? -7.766  -7.791  1.111   1.00 8.73  ? 27  ASN A CA  1 
ATOM   210  C C   . ASN A 1 27  ? -6.500  -6.950  0.818   1.00 9.61  ? 27  ASN A C   1 
ATOM   211  O O   . ASN A 1 27  ? -6.568  -6.147  -0.150  1.00 8.88  ? 27  ASN A O   1 
ATOM   212  C CB  . ASN A 1 27  ? -8.640  -7.162  2.181   1.00 10.11 ? 27  ASN A CB  1 
ATOM   213  C CG  . ASN A 1 27  ? -10.121 -7.407  1.870   1.00 13.24 ? 27  ASN A CG  1 
ATOM   214  O OD1 . ASN A 1 27  ? -10.626 -7.150  0.778   1.00 10.00 ? 27  ASN A OD1 1 
ATOM   215  N ND2 . ASN A 1 27  ? -10.748 -7.987  2.910   1.00 14.47 ? 27  ASN A ND2 1 
ATOM   216  N N   . TRP A 1 28  ? -5.443  -7.166  1.580   1.00 7.11  ? 28  TRP A N   1 
ATOM   217  C CA  . TRP A 1 28  ? -4.183  -6.453  1.377   1.00 7.59  ? 28  TRP A CA  1 
ATOM   218  C C   . TRP A 1 28  ? -3.560  -6.799  0.020   1.00 8.15  ? 28  TRP A C   1 
ATOM   219  O O   . TRP A 1 28  ? -2.928  -5.928  -0.626  1.00 8.20  ? 28  TRP A O   1 
ATOM   220  C CB  . TRP A 1 28  ? -3.218  -6.849  2.487   1.00 8.98  ? 28  TRP A CB  1 
ATOM   221  C CG  . TRP A 1 28  ? -3.436  -6.212  3.808   1.00 10.57 ? 28  TRP A CG  1 
ATOM   222  C CD1 . TRP A 1 28  ? -3.715  -6.871  4.955   1.00 11.32 ? 28  TRP A CD1 1 
ATOM   223  C CD2 . TRP A 1 28  ? -3.340  -4.822  4.137   1.00 12.06 ? 28  TRP A CD2 1 
ATOM   224  N NE1 . TRP A 1 28  ? -3.792  -5.984  6.008   1.00 12.97 ? 28  TRP A NE1 1 
ATOM   225  C CE2 . TRP A 1 28  ? -3.617  -4.716  5.532   1.00 12.49 ? 28  TRP A CE2 1 
ATOM   226  C CE3 . TRP A 1 28  ? -3.116  -3.650  3.437   1.00 11.48 ? 28  TRP A CE3 1 
ATOM   227  C CZ2 . TRP A 1 28  ? -3.587  -3.506  6.206   1.00 12.98 ? 28  TRP A CZ2 1 
ATOM   228  C CZ3 . TRP A 1 28  ? -3.100  -2.438  4.075   1.00 13.19 ? 28  TRP A CZ3 1 
ATOM   229  C CH2 . TRP A 1 28  ? -3.338  -2.358  5.442   1.00 13.51 ? 28  TRP A CH2 1 
ATOM   230  N N   . MET A 1 29  ? -3.734  -8.021  -0.404  1.00 7.43  ? 29  MET A N   1 
ATOM   231  C CA  . MET A 1 29  ? -3.250  -8.562  -1.648  1.00 8.07  ? 29  MET A CA  1 
ATOM   232  C C   . MET A 1 29  ? -4.025  -7.938  -2.829  1.00 10.43 ? 29  MET A C   1 
ATOM   233  O O   . MET A 1 29  ? -3.458  -7.674  -3.900  1.00 9.55  ? 29  MET A O   1 
ATOM   234  C CB  . MET A 1 29  ? -3.301  -10.078 -1.826  1.00 9.19  ? 29  MET A CB  1 
ATOM   235  C CG  . MET A 1 29  ? -2.408  -10.872 -0.963  1.00 8.51  ? 29  MET A CG  1 
ATOM   236  S SD  . MET A 1 29  ? -0.622  -10.620 -1.485  1.00 11.61 ? 29  MET A SD  1 
ATOM   237  C CE  . MET A 1 29  ? -0.737  -11.458 -3.079  1.00 9.05  ? 29  MET A CE  1 
ATOM   238  N N   . CYS A 1 30  ? -5.323  -7.817  -2.622  1.00 9.74  ? 30  CYS A N   1 
ATOM   239  C CA  . CYS A 1 30  ? -6.233  -7.289  -3.642  1.00 10.27 ? 30  CYS A CA  1 
ATOM   240  C C   . CYS A 1 30  ? -5.802  -5.819  -3.898  1.00 9.05  ? 30  CYS A C   1 
ATOM   241  O O   . CYS A 1 30  ? -5.780  -5.389  -5.064  1.00 9.56  ? 30  CYS A O   1 
ATOM   242  C CB  . CYS A 1 30  ? -7.694  -7.402  -3.169  1.00 10.78 ? 30  CYS A CB  1 
ATOM   243  S SG  . CYS A 1 30  ? -8.812  -6.882  -4.499  1.00 12.51 ? 30  CYS A SG  1 
ATOM   244  N N   . LEU A 1 31  ? -5.503  -5.162  -2.819  1.00 9.46  ? 31  LEU A N   1 
ATOM   245  C CA  . LEU A 1 31  ? -5.072  -3.765  -2.806  1.00 10.05 ? 31  LEU A CA  1 
ATOM   246  C C   . LEU A 1 31  ? -3.708  -3.609  -3.558  1.00 10.60 ? 31  LEU A C   1 
ATOM   247  O O   . LEU A 1 31  ? -3.634  -2.721  -4.423  1.00 11.33 ? 31  LEU A O   1 
ATOM   248  C CB  . LEU A 1 31  ? -4.928  -3.172  -1.412  1.00 10.30 ? 31  LEU A CB  1 
ATOM   249  C CG  . LEU A 1 31  ? -4.341  -1.767  -1.353  1.00 10.54 ? 31  LEU A CG  1 
ATOM   250  C CD1 . LEU A 1 31  ? -5.372  -0.745  -1.851  1.00 10.14 ? 31  LEU A CD1 1 
ATOM   251  C CD2 . LEU A 1 31  ? -3.877  -1.469  0.089   1.00 10.06 ? 31  LEU A CD2 1 
ATOM   252  N N   . ALA A 1 32  ? -2.726  -4.392  -3.223  1.00 10.35 ? 32  ALA A N   1 
ATOM   253  C CA  . ALA A 1 32  ? -1.403  -4.310  -3.904  1.00 10.47 ? 32  ALA A CA  1 
ATOM   254  C C   . ALA A 1 32  ? -1.539  -4.635  -5.372  1.00 9.67  ? 32  ALA A C   1 
ATOM   255  O O   . ALA A 1 32  ? -0.867  -4.025  -6.238  1.00 12.66 ? 32  ALA A O   1 
ATOM   256  C CB  . ALA A 1 32  ? -0.402  -5.276  -3.258  1.00 10.59 ? 32  ALA A CB  1 
ATOM   257  N N   . LYS A 1 33  ? -2.415  -5.563  -5.735  1.00 9.16  ? 33  LYS A N   1 
ATOM   258  C CA  . LYS A 1 33  ? -2.627  -5.996  -7.116  1.00 9.22  ? 33  LYS A CA  1 
ATOM   259  C C   . LYS A 1 33  ? -3.130  -4.846  -7.962  1.00 10.44 ? 33  LYS A C   1 
ATOM   260  O O   . LYS A 1 33  ? -2.517  -4.540  -9.028  1.00 9.57  ? 33  LYS A O   1 
ATOM   261  C CB  . LYS A 1 33  ? -3.569  -7.199  -7.178  1.00 11.20 ? 33  LYS A CB  1 
ATOM   262  C CG  . LYS A 1 33  ? -4.112  -7.651  -8.516  1.00 14.43 ? 33  LYS A CG  1 
ATOM   263  C CD  . LYS A 1 33  ? -3.105  -8.073  -9.531  1.00 15.76 ? 33  LYS A CD  1 
ATOM   264  C CE  . LYS A 1 33  ? -3.773  -8.775  -10.731 1.00 18.63 ? 33  LYS A CE  1 
ATOM   265  N NZ  . LYS A 1 33  ? -2.662  -9.215  -11.636 1.00 20.84 ? 33  LYS A NZ  1 
ATOM   266  N N   . TRP A 1 34  ? -4.204  -4.216  -7.518  1.00 8.77  ? 34  TRP A N   1 
ATOM   267  C CA  . TRP A 1 34  ? -4.801  -3.146  -8.349  1.00 11.25 ? 34  TRP A CA  1 
ATOM   268  C C   . TRP A 1 34  ? -4.069  -1.824  -8.189  1.00 10.70 ? 34  TRP A C   1 
ATOM   269  O O   . TRP A 1 34  ? -4.192  -0.980  -9.129  1.00 12.30 ? 34  TRP A O   1 
ATOM   270  C CB  . TRP A 1 34  ? -6.321  -3.155  -8.182  1.00 13.39 ? 34  TRP A CB  1 
ATOM   271  C CG  . TRP A 1 34  ? -6.868  -4.468  -8.669  1.00 14.88 ? 34  TRP A CG  1 
ATOM   272  C CD1 . TRP A 1 34  ? -7.402  -5.464  -7.900  1.00 15.51 ? 34  TRP A CD1 1 
ATOM   273  C CD2 . TRP A 1 34  ? -6.893  -4.956  -10.019 1.00 17.60 ? 34  TRP A CD2 1 
ATOM   274  N NE1 . TRP A 1 34  ? -7.746  -6.541  -8.681  1.00 17.39 ? 34  TRP A NE1 1 
ATOM   275  C CE2 . TRP A 1 34  ? -7.481  -6.242  -9.979  1.00 18.58 ? 34  TRP A CE2 1 
ATOM   276  C CE3 . TRP A 1 34  ? -6.514  -4.422  -11.240 1.00 19.74 ? 34  TRP A CE3 1 
ATOM   277  C CZ2 . TRP A 1 34  ? -7.644  -7.024  -11.121 1.00 19.82 ? 34  TRP A CZ2 1 
ATOM   278  C CZ3 . TRP A 1 34  ? -6.680  -5.196  -12.378 1.00 20.51 ? 34  TRP A CZ3 1 
ATOM   279  C CH2 . TRP A 1 34  ? -7.249  -6.465  -12.330 1.00 20.96 ? 34  TRP A CH2 1 
ATOM   280  N N   . GLU A 1 35  ? -3.338  -1.688  -7.104  1.00 9.50  ? 35  GLU A N   1 
ATOM   281  C CA  . GLU A 1 35  ? -2.577  -0.419  -6.952  1.00 9.83  ? 35  GLU A CA  1 
ATOM   282  C C   . GLU A 1 35  ? -1.291  -0.397  -7.787  1.00 11.58 ? 35  GLU A C   1 
ATOM   283  O O   . GLU A 1 35  ? -0.989  0.582   -8.511  1.00 11.16 ? 35  GLU A O   1 
ATOM   284  C CB  . GLU A 1 35  ? -2.281  -0.076  -5.511  1.00 12.10 ? 35  GLU A CB  1 
ATOM   285  C CG  . GLU A 1 35  ? -3.409  0.396   -4.597  1.00 13.02 ? 35  GLU A CG  1 
ATOM   286  C CD  . GLU A 1 35  ? -4.023  1.703   -5.028  1.00 13.63 ? 35  GLU A CD  1 
ATOM   287  O OE1 . GLU A 1 35  ? -3.433  2.479   -5.749  1.00 12.68 ? 35  GLU A OE1 1 
ATOM   288  O OE2 . GLU A 1 35  ? -5.159  1.950   -4.551  1.00 17.03 ? 35  GLU A OE2 1 
ATOM   289  N N   . SER A 1 36  ? -0.471  -1.408  -7.728  1.00 11.57 ? 36  SER A N   1 
ATOM   290  C CA  . SER A 1 36  ? 0.831   -1.431  -8.436  1.00 11.98 ? 36  SER A CA  1 
ATOM   291  C C   . SER A 1 36  ? 1.216   -2.668  -9.193  1.00 12.39 ? 36  SER A C   1 
ATOM   292  O O   . SER A 1 36  ? 2.352   -2.708  -9.751  1.00 12.46 ? 36  SER A O   1 
ATOM   293  C CB  . SER A 1 36  ? 1.898   -1.255  -7.319  1.00 10.37 ? 36  SER A CB  1 
ATOM   294  O OG  . SER A 1 36  ? 1.860   -2.372  -6.429  1.00 11.50 ? 36  SER A OG  1 
ATOM   295  N N   . GLY A 1 37  ? 0.343   -3.654  -9.240  1.00 10.71 ? 37  GLY A N   1 
ATOM   296  C CA  . GLY A 1 37  ? 0.676   -4.916  -9.889  1.00 10.39 ? 37  GLY A CA  1 
ATOM   297  C C   . GLY A 1 37  ? 1.826   -5.578  -9.131  1.00 9.18  ? 37  GLY A C   1 
ATOM   298  O O   . GLY A 1 37  ? 2.592   -6.305  -9.765  1.00 9.39  ? 37  GLY A O   1 
ATOM   299  N N   . TYR A 1 38  ? 1.948   -5.365  -7.819  1.00 9.15  ? 38  TYR A N   1 
ATOM   300  C CA  . TYR A 1 38  ? 2.937   -5.936  -6.929  1.00 10.56 ? 38  TYR A CA  1 
ATOM   301  C C   . TYR A 1 38  ? 4.358   -5.403  -7.237  1.00 10.62 ? 38  TYR A C   1 
ATOM   302  O O   . TYR A 1 38  ? 5.347   -6.149  -7.033  1.00 9.31  ? 38  TYR A O   1 
ATOM   303  C CB  . TYR A 1 38  ? 2.950   -7.489  -7.002  1.00 9.64  ? 38  TYR A CB  1 
ATOM   304  C CG  . TYR A 1 38  ? 1.661   -8.270  -6.911  1.00 10.51 ? 38  TYR A CG  1 
ATOM   305  C CD1 . TYR A 1 38  ? 0.712   -7.945  -5.929  1.00 9.66  ? 38  TYR A CD1 1 
ATOM   306  C CD2 . TYR A 1 38  ? 1.359   -9.318  -7.758  1.00 9.36  ? 38  TYR A CD2 1 
ATOM   307  C CE1 . TYR A 1 38  ? -0.469  -8.663  -5.837  1.00 10.45 ? 38  TYR A CE1 1 
ATOM   308  C CE2 . TYR A 1 38  ? 0.174   -10.068 -7.676  1.00 12.52 ? 38  TYR A CE2 1 
ATOM   309  C CZ  . TYR A 1 38  ? -0.738  -9.715  -6.669  1.00 11.51 ? 38  TYR A CZ  1 
ATOM   310  O OH  . TYR A 1 38  ? -1.917  -10.356 -6.497  1.00 13.68 ? 38  TYR A OH  1 
ATOM   311  N N   . ASN A 1 39  ? 4.412   -4.173  -7.694  1.00 10.69 ? 39  ASN A N   1 
ATOM   312  C CA  . ASN A 1 39  ? 5.684   -3.515  -8.086  1.00 10.76 ? 39  ASN A CA  1 
ATOM   313  C C   . ASN A 1 39  ? 6.105   -2.431  -7.131  1.00 10.52 ? 39  ASN A C   1 
ATOM   314  O O   . ASN A 1 39  ? 5.501   -1.360  -6.965  1.00 9.53  ? 39  ASN A O   1 
ATOM   315  C CB  . ASN A 1 39  ? 5.529   -3.170  -9.582  1.00 10.14 ? 39  ASN A CB  1 
ATOM   316  C CG  . ASN A 1 39  ? 6.714   -2.445  -10.224 1.00 10.59 ? 39  ASN A CG  1 
ATOM   317  O OD1 . ASN A 1 39  ? 7.820   -2.398  -9.702  1.00 9.80  ? 39  ASN A OD1 1 
ATOM   318  N ND2 . ASN A 1 39  ? 6.463   -1.890  -11.394 1.00 10.32 ? 39  ASN A ND2 1 
ATOM   319  N N   . THR A 1 40  ? 7.208   -2.682  -6.433  1.00 10.28 ? 40  THR A N   1 
ATOM   320  C CA  . THR A 1 40  ? 7.758   -1.722  -5.453  1.00 13.06 ? 40  THR A CA  1 
ATOM   321  C C   . THR A 1 40  ? 8.232   -0.408  -6.053  1.00 13.40 ? 40  THR A C   1 
ATOM   322  O O   . THR A 1 40  ? 8.413   0.597   -5.339  1.00 15.54 ? 40  THR A O   1 
ATOM   323  C CB  . THR A 1 40  ? 8.887   -2.437  -4.597  1.00 13.56 ? 40  THR A CB  1 
ATOM   324  O OG1 . THR A 1 40  ? 9.991   -2.707  -5.538  1.00 12.25 ? 40  THR A OG1 1 
ATOM   325  C CG2 . THR A 1 40  ? 8.382   -3.736  -3.938  1.00 12.39 ? 40  THR A CG2 1 
ATOM   326  N N   . ARG A 1 41  ? 8.537   -0.378  -7.338  1.00 15.41 ? 41  ARG A N   1 
ATOM   327  C CA  . ARG A 1 41  ? 9.033   0.774   -8.074  1.00 17.08 ? 41  ARG A CA  1 
ATOM   328  C C   . ARG A 1 41  ? 7.919   1.713   -8.562  1.00 15.58 ? 41  ARG A C   1 
ATOM   329  O O   . ARG A 1 41  ? 8.226   2.864   -8.885  1.00 16.78 ? 41  ARG A O   1 
ATOM   330  C CB  . ARG A 1 41  ? 9.836   0.315   -9.322  1.00 19.73 ? 41  ARG A CB  1 
ATOM   331  C CG  . ARG A 1 41  ? 10.799  1.408   -9.820  1.00 24.38 ? 41  ARG A CG  1 
ATOM   332  C CD  . ARG A 1 41  ? 11.768  0.869   -10.818 1.00 25.69 ? 41  ARG A CD  1 
ATOM   333  N NE  . ARG A 1 41  ? 13.043  1.612   -10.853 1.00 28.21 ? 41  ARG A NE  1 
ATOM   334  C CZ  . ARG A 1 41  ? 13.122  2.755   -11.582 1.00 28.33 ? 41  ARG A CZ  1 
ATOM   335  N NH1 . ARG A 1 41  ? 12.059  3.216   -12.240 1.00 26.46 ? 41  ARG A NH1 1 
ATOM   336  N NH2 . ARG A 1 41  ? 14.280  3.429   -11.641 1.00 29.89 ? 41  ARG A NH2 1 
ATOM   337  N N   . ALA A 1 42  ? 6.701   1.240   -8.651  1.00 14.81 ? 42  ALA A N   1 
ATOM   338  C CA  . ALA A 1 42  ? 5.538   1.994   -9.153  1.00 13.98 ? 42  ALA A CA  1 
ATOM   339  C C   . ALA A 1 42  ? 5.417   3.384   -8.535  1.00 14.21 ? 42  ALA A C   1 
ATOM   340  O O   . ALA A 1 42  ? 5.549   3.594   -7.346  1.00 12.03 ? 42  ALA A O   1 
ATOM   341  C CB  . ALA A 1 42  ? 4.272   1.168   -8.984  1.00 11.91 ? 42  ALA A CB  1 
ATOM   342  N N   . THR A 1 43  ? 5.194   4.335   -9.428  1.00 15.30 ? 43  THR A N   1 
ATOM   343  C CA  . THR A 1 43  ? 5.053   5.766   -9.112  1.00 16.85 ? 43  THR A CA  1 
ATOM   344  C C   . THR A 1 43  ? 3.953   6.327   -9.997  1.00 16.72 ? 43  THR A C   1 
ATOM   345  O O   . THR A 1 43  ? 3.987   6.080   -11.215 1.00 17.90 ? 43  THR A O   1 
ATOM   346  C CB  . THR A 1 43  ? 6.449   6.474   -9.367  1.00 18.96 ? 43  THR A CB  1 
ATOM   347  O OG1 . THR A 1 43  ? 7.198   6.488   -8.120  1.00 20.62 ? 43  THR A OG1 1 
ATOM   348  C CG2 . THR A 1 43  ? 6.404   7.820   -10.033 1.00 20.44 ? 43  THR A CG2 1 
ATOM   349  N N   . ASN A 1 44  ? 3.023   7.040   -9.422  1.00 17.19 ? 44  ASN A N   1 
ATOM   350  C CA  . ASN A 1 44  ? 1.919   7.684   -10.164 1.00 17.97 ? 44  ASN A CA  1 
ATOM   351  C C   . ASN A 1 44  ? 1.842   9.179   -9.764  1.00 17.99 ? 44  ASN A C   1 
ATOM   352  O O   . ASN A 1 44  ? 1.557   9.549   -8.629  1.00 17.60 ? 44  ASN A O   1 
ATOM   353  C CB  . ASN A 1 44  ? 0.623   6.918   -10.023 1.00 19.88 ? 44  ASN A CB  1 
ATOM   354  C CG  . ASN A 1 44  ? -0.603  7.674   -10.529 1.00 23.75 ? 44  ASN A CG  1 
ATOM   355  O OD1 . ASN A 1 44  ? -0.826  7.735   -11.754 1.00 25.01 ? 44  ASN A OD1 1 
ATOM   356  N ND2 . ASN A 1 44  ? -1.464  8.246   -9.664  1.00 25.10 ? 44  ASN A ND2 1 
ATOM   357  N N   . TYR A 1 45  ? 2.049   10.064  -10.735 1.00 17.94 ? 45  TYR A N   1 
ATOM   358  C CA  . TYR A 1 45  ? 1.967   11.517  -10.500 1.00 17.65 ? 45  TYR A CA  1 
ATOM   359  C C   . TYR A 1 45  ? 0.534   11.973  -10.736 1.00 17.28 ? 45  TYR A C   1 
ATOM   360  O O   . TYR A 1 45  ? -0.007  11.589  -11.785 1.00 18.38 ? 45  TYR A O   1 
ATOM   361  C CB  . TYR A 1 45  ? 2.910   12.258  -11.468 1.00 18.40 ? 45  TYR A CB  1 
ATOM   362  C CG  . TYR A 1 45  ? 2.868   13.768  -11.330 1.00 16.97 ? 45  TYR A CG  1 
ATOM   363  C CD1 . TYR A 1 45  ? 3.249   14.378  -10.149 1.00 17.95 ? 45  TYR A CD1 1 
ATOM   364  C CD2 . TYR A 1 45  ? 2.423   14.547  -12.409 1.00 17.55 ? 45  TYR A CD2 1 
ATOM   365  C CE1 . TYR A 1 45  ? 3.201   15.772  -10.010 1.00 18.35 ? 45  TYR A CE1 1 
ATOM   366  C CE2 . TYR A 1 45  ? 2.371   15.932  -12.266 1.00 17.72 ? 45  TYR A CE2 1 
ATOM   367  C CZ  . TYR A 1 45  ? 2.756   16.515  -11.083 1.00 17.49 ? 45  TYR A CZ  1 
ATOM   368  O OH  . TYR A 1 45  ? 2.720   17.878  -10.935 1.00 22.30 ? 45  TYR A OH  1 
ATOM   369  N N   . ASN A 1 46  ? -0.032  12.717  -9.809  1.00 17.22 ? 46  ASN A N   1 
ATOM   370  C CA  . ASN A 1 46  ? -1.435  13.207  -9.970  1.00 17.89 ? 46  ASN A CA  1 
ATOM   371  C C   . ASN A 1 46  ? -1.242  14.668  -10.398 1.00 17.43 ? 46  ASN A C   1 
ATOM   372  O O   . ASN A 1 46  ? -0.974  15.467  -9.502  1.00 15.72 ? 46  ASN A O   1 
ATOM   373  C CB  . ASN A 1 46  ? -2.229  12.991  -8.679  1.00 17.66 ? 46  ASN A CB  1 
ATOM   374  C CG  . ASN A 1 46  ? -2.141  11.540  -8.213  1.00 18.16 ? 46  ASN A CG  1 
ATOM   375  O OD1 . ASN A 1 46  ? -2.568  10.601  -8.884  1.00 18.19 ? 46  ASN A OD1 1 
ATOM   376  N ND2 . ASN A 1 46  ? -1.520  11.333  -7.062  1.00 18.11 ? 46  ASN A ND2 1 
ATOM   377  N N   . ALA A 1 47  ? -1.363  14.911  -11.698 1.00 17.26 ? 47  ALA A N   1 
ATOM   378  C CA  . ALA A 1 47  ? -1.140  16.276  -12.214 1.00 18.43 ? 47  ALA A CA  1 
ATOM   379  C C   . ALA A 1 47  ? -2.056  17.307  -11.584 1.00 18.24 ? 47  ALA A C   1 
ATOM   380  O O   . ALA A 1 47  ? -1.622  18.426  -11.274 1.00 18.00 ? 47  ALA A O   1 
ATOM   381  C CB  . ALA A 1 47  ? -1.138  16.363  -13.709 1.00 20.18 ? 47  ALA A CB  1 
ATOM   382  N N   . GLY A 1 48  ? -3.289  16.912  -11.411 1.00 18.52 ? 48  GLY A N   1 
ATOM   383  C CA  . GLY A 1 48  ? -4.315  17.772  -10.830 1.00 18.23 ? 48  GLY A CA  1 
ATOM   384  C C   . GLY A 1 48  ? -3.994  18.360  -9.484  1.00 18.14 ? 48  GLY A C   1 
ATOM   385  O O   . GLY A 1 48  ? -4.339  19.543  -9.224  1.00 18.99 ? 48  GLY A O   1 
ATOM   386  N N   . ASP A 1 49  ? -3.390  17.605  -8.598  1.00 18.30 ? 49  ASP A N   1 
ATOM   387  C CA  . ASP A 1 49  ? -3.086  18.141  -7.263  1.00 17.89 ? 49  ASP A CA  1 
ATOM   388  C C   . ASP A 1 49  ? -1.614  18.163  -6.932  1.00 16.64 ? 49  ASP A C   1 
ATOM   389  O O   . ASP A 1 49  ? -1.297  18.503  -5.788  1.00 17.20 ? 49  ASP A O   1 
ATOM   390  C CB  . ASP A 1 49  ? -3.981  17.477  -6.180  1.00 18.78 ? 49  ASP A CB  1 
ATOM   391  C CG  . ASP A 1 49  ? -3.627  15.992  -6.241  1.00 20.58 ? 49  ASP A CG  1 
ATOM   392  O OD1 . ASP A 1 49  ? -2.589  15.597  -5.721  1.00 20.55 ? 49  ASP A OD1 1 
ATOM   393  O OD2 . ASP A 1 49  ? -4.411  15.313  -6.908  1.00 25.48 ? 49  ASP A OD2 1 
ATOM   394  N N   . ARG A 1 50  ? -0.760  17.814  -7.864  1.00 15.46 ? 50  ARG A N   1 
ATOM   395  C CA  . ARG A 1 50  ? 0.704   17.848  -7.678  1.00 16.61 ? 50  ARG A CA  1 
ATOM   396  C C   . ARG A 1 50  ? 1.241   16.969  -6.576  1.00 15.42 ? 50  ARG A C   1 
ATOM   397  O O   . ARG A 1 50  ? 2.279   17.242  -5.906  1.00 17.51 ? 50  ARG A O   1 
ATOM   398  C CB  . ARG A 1 50  ? 1.198   19.317  -7.654  1.00 18.10 ? 50  ARG A CB  1 
ATOM   399  C CG  . ARG A 1 50  ? 0.806   20.060  -8.915  1.00 21.02 ? 50  ARG A CG  1 
ATOM   400  C CD  . ARG A 1 50  ? 1.131   21.489  -9.112  1.00 23.00 ? 50  ARG A CD  1 
ATOM   401  N NE  . ARG A 1 50  ? 0.322   22.448  -8.452  1.00 27.82 ? 50  ARG A NE  1 
ATOM   402  C CZ  . ARG A 1 50  ? -0.257  23.626  -8.563  1.00 28.67 ? 50  ARG A CZ  1 
ATOM   403  N NH1 . ARG A 1 50  ? -0.269  24.417  -9.634  1.00 31.82 ? 50  ARG A NH1 1 
ATOM   404  N NH2 . ARG A 1 50  ? -0.845  24.187  -7.493  1.00 28.66 ? 50  ARG A NH2 1 
ATOM   405  N N   . SER A 1 51  ? 0.601   15.815  -6.413  1.00 13.08 ? 51  SER A N   1 
ATOM   406  C CA  . SER A 1 51  ? 1.031   14.815  -5.419  1.00 11.93 ? 51  SER A CA  1 
ATOM   407  C C   . SER A 1 51  ? 1.511   13.594  -6.208  1.00 11.16 ? 51  SER A C   1 
ATOM   408  O O   . SER A 1 51  ? 1.178   13.445  -7.400  1.00 10.68 ? 51  SER A O   1 
ATOM   409  C CB  . SER A 1 51  ? -0.063  14.416  -4.440  1.00 13.27 ? 51  SER A CB  1 
ATOM   410  O OG  . SER A 1 51  ? -1.090  13.721  -5.172  1.00 15.56 ? 51  SER A OG  1 
ATOM   411  N N   . THR A 1 52  ? 2.257   12.730  -5.547  1.00 9.81  ? 52  THR A N   1 
ATOM   412  C CA  . THR A 1 52  ? 2.696   11.496  -6.220  1.00 11.66 ? 52  THR A CA  1 
ATOM   413  C C   . THR A 1 52  ? 2.360   10.320  -5.283  1.00 10.93 ? 52  THR A C   1 
ATOM   414  O O   . THR A 1 52  ? 2.541   10.445  -4.066  1.00 11.16 ? 52  THR A O   1 
ATOM   415  C CB  . THR A 1 52  ? 4.236   11.415  -6.623  1.00 11.40 ? 52  THR A CB  1 
ATOM   416  O OG1 . THR A 1 52  ? 4.530   12.529  -7.507  1.00 12.21 ? 52  THR A OG1 1 
ATOM   417  C CG2 . THR A 1 52  ? 4.593   10.122  -7.398  1.00 10.07 ? 52  THR A CG2 1 
ATOM   418  N N   . ASP A 1 53  ? 1.926   9.233   -5.887  1.00 11.84 ? 53  ASP A N   1 
ATOM   419  C CA  . ASP A 1 53  ? 1.658   7.976   -5.151  1.00 11.85 ? 53  ASP A CA  1 
ATOM   420  C C   . ASP A 1 53  ? 2.909   7.095   -5.310  1.00 11.75 ? 53  ASP A C   1 
ATOM   421  O O   . ASP A 1 53  ? 3.327   6.871   -6.469  1.00 12.45 ? 53  ASP A O   1 
ATOM   422  C CB  . ASP A 1 53  ? 0.418   7.248   -5.690  1.00 13.12 ? 53  ASP A CB  1 
ATOM   423  C CG  . ASP A 1 53  ? -0.805  8.141   -5.483  1.00 13.42 ? 53  ASP A CG  1 
ATOM   424  O OD1 . ASP A 1 53  ? -0.980  8.657   -4.366  1.00 15.03 ? 53  ASP A OD1 1 
ATOM   425  O OD2 . ASP A 1 53  ? -1.522  8.311   -6.468  1.00 14.68 ? 53  ASP A OD2 1 
ATOM   426  N N   . TYR A 1 54  ? 3.415   6.556   -4.198  1.00 9.62  ? 54  TYR A N   1 
ATOM   427  C CA  . TYR A 1 54  ? 4.600   5.743   -4.252  1.00 8.52  ? 54  TYR A CA  1 
ATOM   428  C C   . TYR A 1 54  ? 4.585   4.289   -3.799  1.00 8.89  ? 54  TYR A C   1 
ATOM   429  O O   . TYR A 1 54  ? 4.065   4.009   -2.730  1.00 12.25 ? 54  TYR A O   1 
ATOM   430  C CB  . TYR A 1 54  ? 5.695   6.390   -3.350  1.00 8.84  ? 54  TYR A CB  1 
ATOM   431  C CG  . TYR A 1 54  ? 6.233   7.726   -3.833  1.00 11.54 ? 54  TYR A CG  1 
ATOM   432  C CD1 . TYR A 1 54  ? 5.580   8.901   -3.499  1.00 12.09 ? 54  TYR A CD1 1 
ATOM   433  C CD2 . TYR A 1 54  ? 7.364   7.844   -4.640  1.00 14.01 ? 54  TYR A CD2 1 
ATOM   434  C CE1 . TYR A 1 54  ? 6.033   10.181  -3.864  1.00 12.37 ? 54  TYR A CE1 1 
ATOM   435  C CE2 . TYR A 1 54  ? 7.821   9.089   -5.072  1.00 11.40 ? 54  TYR A CE2 1 
ATOM   436  C CZ  . TYR A 1 54  ? 7.197   10.258  -4.649  1.00 12.48 ? 54  TYR A CZ  1 
ATOM   437  O OH  . TYR A 1 54  ? 7.569   11.514  -5.079  1.00 11.82 ? 54  TYR A OH  1 
ATOM   438  N N   . GLY A 1 55  ? 5.201   3.410   -4.583  1.00 8.45  ? 55  GLY A N   1 
ATOM   439  C CA  . GLY A 1 55  ? 5.392   2.055   -4.178  1.00 7.36  ? 55  GLY A CA  1 
ATOM   440  C C   . GLY A 1 55  ? 4.300   1.032   -4.368  1.00 6.99  ? 55  GLY A C   1 
ATOM   441  O O   . GLY A 1 55  ? 3.303   1.367   -5.007  1.00 7.92  ? 55  GLY A O   1 
ATOM   442  N N   . ILE A 1 56  ? 4.541   -0.106  -3.757  1.00 7.58  ? 56  ILE A N   1 
ATOM   443  C CA  . ILE A 1 56  ? 3.572   -1.231  -3.891  1.00 10.09 ? 56  ILE A CA  1 
ATOM   444  C C   . ILE A 1 56  ? 2.151   -0.875  -3.456  1.00 9.95  ? 56  ILE A C   1 
ATOM   445  O O   . ILE A 1 56  ? 1.192   -1.458  -4.054  1.00 9.65  ? 56  ILE A O   1 
ATOM   446  C CB  . ILE A 1 56  ? 4.223   -2.446  -3.126  1.00 11.38 ? 56  ILE A CB  1 
ATOM   447  C CG1 . ILE A 1 56  ? 3.600   -3.749  -3.663  1.00 12.85 ? 56  ILE A CG1 1 
ATOM   448  C CG2 . ILE A 1 56  ? 4.096   -2.224  -1.602  1.00 13.65 ? 56  ILE A CG2 1 
ATOM   449  C CD1 . ILE A 1 56  ? 4.348   -5.066  -3.454  1.00 13.64 ? 56  ILE A CD1 1 
ATOM   450  N N   . PHE A 1 57  ? 2.017   -0.014  -2.475  1.00 9.21  ? 57  PHE A N   1 
ATOM   451  C CA  . PHE A 1 57  ? 0.663   0.344   -1.982  1.00 10.31 ? 57  PHE A CA  1 
ATOM   452  C C   . PHE A 1 57  ? 0.177   1.694   -2.496  1.00 11.25 ? 57  PHE A C   1 
ATOM   453  O O   . PHE A 1 57  ? -0.946  2.145   -2.177  1.00 10.73 ? 57  PHE A O   1 
ATOM   454  C CB  . PHE A 1 57  ? 0.555   0.263   -0.454  1.00 9.73  ? 57  PHE A CB  1 
ATOM   455  C CG  . PHE A 1 57  ? 0.639   -1.115  0.144   1.00 10.88 ? 57  PHE A CG  1 
ATOM   456  C CD1 . PHE A 1 57  ? -0.241  -2.116  -0.259  1.00 11.95 ? 57  PHE A CD1 1 
ATOM   457  C CD2 . PHE A 1 57  ? 1.657   -1.374  1.083   1.00 11.96 ? 57  PHE A CD2 1 
ATOM   458  C CE1 . PHE A 1 57  ? -0.112  -3.395  0.313   1.00 13.15 ? 57  PHE A CE1 1 
ATOM   459  C CE2 . PHE A 1 57  ? 1.829   -2.648  1.636   1.00 13.21 ? 57  PHE A CE2 1 
ATOM   460  C CZ  . PHE A 1 57  ? 0.928   -3.637  1.230   1.00 12.95 ? 57  PHE A CZ  1 
ATOM   461  N N   . GLN A 1 58  ? 1.061   2.330   -3.270  1.00 10.73 ? 58  GLN A N   1 
ATOM   462  C CA  . GLN A 1 58  ? 0.725   3.656   -3.868  1.00 11.39 ? 58  GLN A CA  1 
ATOM   463  C C   . GLN A 1 58  ? 0.283   4.657   -2.805  1.00 11.93 ? 58  GLN A C   1 
ATOM   464  O O   . GLN A 1 58  ? -0.849  5.194   -2.782  1.00 13.34 ? 58  GLN A O   1 
ATOM   465  C CB  . GLN A 1 58  ? -0.328  3.487   -4.957  1.00 11.15 ? 58  GLN A CB  1 
ATOM   466  C CG  . GLN A 1 58  ? 0.124   2.865   -6.242  1.00 9.94  ? 58  GLN A CG  1 
ATOM   467  C CD  . GLN A 1 58  ? 1.098   3.711   -7.031  1.00 10.99 ? 58  GLN A CD  1 
ATOM   468  O OE1 . GLN A 1 58  ? 0.691   4.512   -7.861  1.00 11.58 ? 58  GLN A OE1 1 
ATOM   469  N NE2 . GLN A 1 58  ? 2.381   3.499   -6.728  1.00 9.14  ? 58  GLN A NE2 1 
ATOM   470  N N   . ILE A 1 59  ? 1.212   4.931   -1.911  1.00 12.80 ? 59  ILE A N   1 
ATOM   471  C CA  . ILE A 1 59  ? 1.059   5.842   -0.770  1.00 12.07 ? 59  ILE A CA  1 
ATOM   472  C C   . ILE A 1 59  ? 1.315   7.259   -1.258  1.00 12.68 ? 59  ILE A C   1 
ATOM   473  O O   . ILE A 1 59  ? 2.244   7.509   -2.031  1.00 11.16 ? 59  ILE A O   1 
ATOM   474  C CB  . ILE A 1 59  ? 1.935   5.321   0.404   1.00 13.78 ? 59  ILE A CB  1 
ATOM   475  C CG1 . ILE A 1 59  ? 1.241   4.014   0.959   1.00 13.23 ? 59  ILE A CG1 1 
ATOM   476  C CG2 . ILE A 1 59  ? 2.107   6.323   1.563   1.00 13.84 ? 59  ILE A CG2 1 
ATOM   477  C CD1 . ILE A 1 59  ? 2.174   3.145   1.815   1.00 13.46 ? 59  ILE A CD1 1 
ATOM   478  N N   . ASN A 1 60  ? 0.467   8.180   -0.805  1.00 13.19 ? 60  ASN A N   1 
ATOM   479  C CA  . ASN A 1 60  ? 0.546   9.586   -1.288  1.00 11.46 ? 60  ASN A CA  1 
ATOM   480  C C   . ASN A 1 60  ? 1.428   10.510  -0.483  1.00 12.11 ? 60  ASN A C   1 
ATOM   481  O O   . ASN A 1 60  ? 1.409   10.603  0.770   1.00 12.39 ? 60  ASN A O   1 
ATOM   482  C CB  . ASN A 1 60  ? -0.912  10.009  -1.427  1.00 12.85 ? 60  ASN A CB  1 
ATOM   483  C CG  . ASN A 1 60  ? -1.234  11.362  -2.027  1.00 11.57 ? 60  ASN A CG  1 
ATOM   484  O OD1 . ASN A 1 60  ? -1.364  12.360  -1.291  1.00 12.59 ? 60  ASN A OD1 1 
ATOM   485  N ND2 . ASN A 1 60  ? -1.325  11.369  -3.344  1.00 12.82 ? 60  ASN A ND2 1 
ATOM   486  N N   . SER A 1 61  ? 2.118   11.354  -1.251  1.00 10.73 ? 61  SER A N   1 
ATOM   487  C CA  . SER A 1 61  ? 3.044   12.364  -0.737  1.00 11.43 ? 61  SER A CA  1 
ATOM   488  C C   . SER A 1 61  ? 2.440   13.568  -0.061  1.00 12.34 ? 61  SER A C   1 
ATOM   489  O O   . SER A 1 61  ? 3.230   14.418  0.413   1.00 13.60 ? 61  SER A O   1 
ATOM   490  C CB  . SER A 1 61  ? 3.980   12.810  -1.858  1.00 8.52  ? 61  SER A CB  1 
ATOM   491  O OG  . SER A 1 61  ? 3.258   13.473  -2.861  1.00 10.65 ? 61  SER A OG  1 
ATOM   492  N N   . ARG A 1 62  ? 1.134   13.740  -0.047  1.00 13.38 ? 62  ARG A N   1 
ATOM   493  C CA  . ARG A 1 62  ? 0.564   14.911  0.643   1.00 14.12 ? 62  ARG A CA  1 
ATOM   494  C C   . ARG A 1 62  ? 0.283   14.575  2.106   1.00 15.16 ? 62  ARG A C   1 
ATOM   495  O O   . ARG A 1 62  ? 0.568   15.353  3.037   1.00 16.16 ? 62  ARG A O   1 
ATOM   496  C CB  . ARG A 1 62  ? -0.693  15.438  -0.042  1.00 15.83 ? 62  ARG A CB  1 
ATOM   497  C CG  . ARG A 1 62  ? -1.386  16.493  0.864   1.00 15.34 ? 62  ARG A CG  1 
ATOM   498  C CD  . ARG A 1 62  ? -2.163  17.441  0.065   1.00 19.00 ? 62  ARG A CD  1 
ATOM   499  N NE  . ARG A 1 62  ? -1.429  18.180  -0.957  1.00 19.99 ? 62  ARG A NE  1 
ATOM   500  C CZ  . ARG A 1 62  ? -1.465  17.870  -2.246  1.00 21.57 ? 62  ARG A CZ  1 
ATOM   501  N NH1 . ARG A 1 62  ? -2.169  16.837  -2.711  1.00 23.24 ? 62  ARG A NH1 1 
ATOM   502  N NH2 . ARG A 1 62  ? -0.813  18.678  -3.086  1.00 22.48 ? 62  ARG A NH2 1 
ATOM   503  N N   . TYR A 1 63  ? -0.268  13.378  2.304   1.00 14.87 ? 63  TYR A N   1 
ATOM   504  C CA  . TYR A 1 63  ? -0.633  12.947  3.656   1.00 14.53 ? 63  TYR A CA  1 
ATOM   505  C C   . TYR A 1 63  ? 0.317   12.079  4.419   1.00 13.89 ? 63  TYR A C   1 
ATOM   506  O O   . TYR A 1 63  ? 0.415   12.209  5.660   1.00 15.31 ? 63  TYR A O   1 
ATOM   507  C CB  . TYR A 1 63  ? -2.035  12.236  3.564   1.00 18.51 ? 63  TYR A CB  1 
ATOM   508  C CG  . TYR A 1 63  ? -3.055  13.122  2.878   1.00 21.99 ? 63  TYR A CG  1 
ATOM   509  C CD1 . TYR A 1 63  ? -3.407  14.334  3.480   1.00 23.54 ? 63  TYR A CD1 1 
ATOM   510  C CD2 . TYR A 1 63  ? -3.598  12.792  1.631   1.00 23.14 ? 63  TYR A CD2 1 
ATOM   511  C CE1 . TYR A 1 63  ? -4.307  15.197  2.859   1.00 24.48 ? 63  TYR A CE1 1 
ATOM   512  C CE2 . TYR A 1 63  ? -4.509  13.646  1.006   1.00 23.26 ? 63  TYR A CE2 1 
ATOM   513  C CZ  . TYR A 1 63  ? -4.834  14.843  1.629   1.00 23.31 ? 63  TYR A CZ  1 
ATOM   514  O OH  . TYR A 1 63  ? -5.726  15.715  1.058   1.00 27.01 ? 63  TYR A OH  1 
ATOM   515  N N   . TRP A 1 64  ? 1.022   11.181  3.735   1.00 11.31 ? 64  TRP A N   1 
ATOM   516  C CA  . TRP A 1 64  ? 1.848   10.187  4.402   1.00 10.81 ? 64  TRP A CA  1 
ATOM   517  C C   . TRP A 1 64  ? 3.346   10.231  4.241   1.00 11.70 ? 64  TRP A C   1 
ATOM   518  O O   . TRP A 1 64  ? 3.963   9.848   5.243   1.00 11.89 ? 64  TRP A O   1 
ATOM   519  C CB  . TRP A 1 64  ? 1.235   8.803   3.975   1.00 10.04 ? 64  TRP A CB  1 
ATOM   520  C CG  . TRP A 1 64  ? -0.239  8.762   4.203   1.00 11.28 ? 64  TRP A CG  1 
ATOM   521  C CD1 . TRP A 1 64  ? -1.236  8.798   3.254   1.00 12.62 ? 64  TRP A CD1 1 
ATOM   522  C CD2 . TRP A 1 64  ? -0.898  8.807   5.512   1.00 12.26 ? 64  TRP A CD2 1 
ATOM   523  N NE1 . TRP A 1 64  ? -2.478  8.796   3.906   1.00 12.10 ? 64  TRP A NE1 1 
ATOM   524  C CE2 . TRP A 1 64  ? -2.292  8.790   5.261   1.00 13.00 ? 64  TRP A CE2 1 
ATOM   525  C CE3 . TRP A 1 64  ? -0.456  8.793   6.814   1.00 14.83 ? 64  TRP A CE3 1 
ATOM   526  C CZ2 . TRP A 1 64  ? -3.237  8.772   6.288   1.00 13.09 ? 64  TRP A CZ2 1 
ATOM   527  C CZ3 . TRP A 1 64  ? -1.393  8.813   7.876   1.00 13.98 ? 64  TRP A CZ3 1 
ATOM   528  C CH2 . TRP A 1 64  ? -2.761  8.822   7.593   1.00 12.75 ? 64  TRP A CH2 1 
ATOM   529  N N   . CYS A 1 65  ? 3.884   10.568  3.057   1.00 11.16 ? 65  CYS A N   1 
ATOM   530  C CA  . CYS A 1 65  ? 5.389   10.583  3.010   1.00 12.58 ? 65  CYS A CA  1 
ATOM   531  C C   . CYS A 1 65  ? 5.849   11.937  2.485   1.00 12.67 ? 65  CYS A C   1 
ATOM   532  O O   . CYS A 1 65  ? 5.102   12.553  1.691   1.00 13.46 ? 65  CYS A O   1 
ATOM   533  C CB  . CYS A 1 65  ? 5.914   9.412   2.220   1.00 9.18  ? 65  CYS A CB  1 
ATOM   534  S SG  . CYS A 1 65  ? 5.529   9.384   0.463   1.00 11.41 ? 65  CYS A SG  1 
ATOM   535  N N   . ASN A 1 66  ? 7.052   12.362  2.856   1.00 13.07 ? 66  ASN A N   1 
ATOM   536  C CA  . ASN A 1 66  ? 7.580   13.653  2.371   1.00 12.84 ? 66  ASN A CA  1 
ATOM   537  C C   . ASN A 1 66  ? 8.479   13.470  1.126   1.00 12.38 ? 66  ASN A C   1 
ATOM   538  O O   . ASN A 1 66  ? 9.377   12.627  1.137   1.00 11.03 ? 66  ASN A O   1 
ATOM   539  C CB  . ASN A 1 66  ? 8.309   14.410  3.483   1.00 15.89 ? 66  ASN A CB  1 
ATOM   540  C CG  . ASN A 1 66  ? 8.892   15.726  2.971   1.00 15.90 ? 66  ASN A CG  1 
ATOM   541  O OD1 . ASN A 1 66  ? 8.172   16.725  2.807   1.00 19.99 ? 66  ASN A OD1 1 
ATOM   542  N ND2 . ASN A 1 66  ? 10.197  15.808  2.722   1.00 19.54 ? 66  ASN A ND2 1 
ATOM   543  N N   . ASP A 1 67  ? 8.193   14.256  0.079   1.00 13.08 ? 67  ASP A N   1 
ATOM   544  C CA  . ASP A 1 67  ? 9.044   14.193  -1.144  1.00 12.45 ? 67  ASP A CA  1 
ATOM   545  C C   . ASP A 1 67  ? 9.591   15.582  -1.481  1.00 12.83 ? 67  ASP A C   1 
ATOM   546  O O   . ASP A 1 67  ? 10.342  15.784  -2.464  1.00 12.82 ? 67  ASP A O   1 
ATOM   547  C CB  . ASP A 1 67  ? 8.382   13.510  -2.316  1.00 12.52 ? 67  ASP A CB  1 
ATOM   548  C CG  . ASP A 1 67  ? 7.231   14.208  -2.981  1.00 12.04 ? 67  ASP A CG  1 
ATOM   549  O OD1 . ASP A 1 67  ? 6.761   15.241  -2.541  1.00 11.73 ? 67  ASP A OD1 1 
ATOM   550  O OD2 . ASP A 1 67  ? 6.728   13.644  -3.978  1.00 13.60 ? 67  ASP A OD2 1 
ATOM   551  N N   . GLY A 1 68  ? 9.263   16.583  -0.706  1.00 12.34 ? 68  GLY A N   1 
ATOM   552  C CA  . GLY A 1 68  ? 9.674   17.954  -0.884  1.00 13.35 ? 68  GLY A CA  1 
ATOM   553  C C   . GLY A 1 68  ? 8.919   18.783  -1.891  1.00 14.02 ? 68  GLY A C   1 
ATOM   554  O O   . GLY A 1 68  ? 8.543   19.952  -1.634  1.00 14.81 ? 68  GLY A O   1 
ATOM   555  N N   . LYS A 1 69  ? 8.608   18.231  -3.030  1.00 14.35 ? 69  LYS A N   1 
ATOM   556  C CA  . LYS A 1 69  ? 7.925   18.867  -4.136  1.00 16.54 ? 69  LYS A CA  1 
ATOM   557  C C   . LYS A 1 69  ? 6.411   18.961  -4.046  1.00 17.10 ? 69  LYS A C   1 
ATOM   558  O O   . LYS A 1 69  ? 5.833   19.729  -4.849  1.00 18.21 ? 69  LYS A O   1 
ATOM   559  C CB  . LYS A 1 69  ? 8.399   18.262  -5.452  1.00 16.51 ? 69  LYS A CB  1 
ATOM   560  C CG  . LYS A 1 69  ? 8.062   16.813  -5.702  1.00 19.49 ? 69  LYS A CG  1 
ATOM   561  C CD  . LYS A 1 69  ? 8.410   16.381  -7.112  1.00 20.80 ? 69  LYS A CD  1 
ATOM   562  C CE  . LYS A 1 69  ? 7.726   15.072  -7.444  1.00 23.31 ? 69  LYS A CE  1 
ATOM   563  N NZ  . LYS A 1 69  ? 8.654   14.123  -8.113  1.00 24.47 ? 69  LYS A NZ  1 
ATOM   564  N N   . THR A 1 70  ? 5.757   18.276  -3.131  1.00 17.57 ? 70  THR A N   1 
ATOM   565  C CA  . THR A 1 70  ? 4.288   18.354  -3.001  1.00 17.44 ? 70  THR A CA  1 
ATOM   566  C C   . THR A 1 70  ? 3.782   19.526  -2.171  1.00 18.54 ? 70  THR A C   1 
ATOM   567  O O   . THR A 1 70  ? 4.044   19.590  -0.963  1.00 18.98 ? 70  THR A O   1 
ATOM   568  C CB  . THR A 1 70  ? 3.702   17.014  -2.397  1.00 16.82 ? 70  THR A CB  1 
ATOM   569  O OG1 . THR A 1 70  ? 4.369   15.949  -3.137  1.00 12.40 ? 70  THR A OG1 1 
ATOM   570  C CG2 . THR A 1 70  ? 2.159   16.957  -2.536  1.00 13.18 ? 70  THR A CG2 1 
ATOM   571  N N   . PRO A 1 71  ? 2.995   20.385  -2.789  1.00 19.49 ? 71  PRO A N   1 
ATOM   572  C CA  . PRO A 1 71  ? 2.435   21.536  -2.050  1.00 20.45 ? 71  PRO A CA  1 
ATOM   573  C C   . PRO A 1 71  ? 1.468   21.065  -0.976  1.00 21.86 ? 71  PRO A C   1 
ATOM   574  O O   . PRO A 1 71  ? 0.865   19.982  -1.115  1.00 22.03 ? 71  PRO A O   1 
ATOM   575  C CB  . PRO A 1 71  ? 1.802   22.404  -3.114  1.00 19.68 ? 71  PRO A CB  1 
ATOM   576  C CG  . PRO A 1 71  ? 1.574   21.520  -4.298  1.00 20.54 ? 71  PRO A CG  1 
ATOM   577  C CD  . PRO A 1 71  ? 2.597   20.378  -4.186  1.00 19.10 ? 71  PRO A CD  1 
ATOM   578  N N   . GLY A 1 72  ? 1.305   21.872  0.043   1.00 22.91 ? 72  GLY A N   1 
ATOM   579  C CA  . GLY A 1 72  ? 0.412   21.629  1.189   1.00 24.01 ? 72  GLY A CA  1 
ATOM   580  C C   . GLY A 1 72  ? 0.518   20.181  1.641   1.00 25.33 ? 72  GLY A C   1 
ATOM   581  O O   . GLY A 1 72  ? -0.494  19.443  1.554   1.00 26.30 ? 72  GLY A O   1 
ATOM   582  N N   . ALA A 1 73  ? 1.718   19.800  2.087   1.00 24.99 ? 73  ALA A N   1 
ATOM   583  C CA  . ALA A 1 73  ? 1.976   18.429  2.537   1.00 23.83 ? 73  ALA A CA  1 
ATOM   584  C C   . ALA A 1 73  ? 2.594   18.355  3.925   1.00 23.88 ? 73  ALA A C   1 
ATOM   585  O O   . ALA A 1 73  ? 2.940   19.383  4.522   1.00 24.55 ? 73  ALA A O   1 
ATOM   586  C CB  . ALA A 1 73  ? 2.973   17.789  1.557   1.00 23.59 ? 73  ALA A CB  1 
ATOM   587  N N   . VAL A 1 74  ? 2.752   17.120  4.373   1.00 22.80 ? 74  VAL A N   1 
ATOM   588  C CA  . VAL A 1 74  ? 3.410   16.770  5.629   1.00 22.28 ? 74  VAL A CA  1 
ATOM   589  C C   . VAL A 1 74  ? 4.886   17.194  5.393   1.00 22.51 ? 74  VAL A C   1 
ATOM   590  O O   . VAL A 1 74  ? 5.314   17.161  4.237   1.00 21.64 ? 74  VAL A O   1 
ATOM   591  C CB  . VAL A 1 74  ? 3.311   15.292  6.007   1.00 22.55 ? 74  VAL A CB  1 
ATOM   592  C CG1 . VAL A 1 74  ? 1.856   14.831  5.928   1.00 23.54 ? 74  VAL A CG1 1 
ATOM   593  C CG2 . VAL A 1 74  ? 4.187   14.371  5.159   1.00 23.55 ? 74  VAL A CG2 1 
ATOM   594  N N   . ASN A 1 75  ? 5.530   17.545  6.469   1.00 23.33 ? 75  ASN A N   1 
ATOM   595  C CA  . ASN A 1 75  ? 6.921   18.024  6.394   1.00 24.13 ? 75  ASN A CA  1 
ATOM   596  C C   . ASN A 1 75  ? 7.972   16.922  6.332   1.00 24.20 ? 75  ASN A C   1 
ATOM   597  O O   . ASN A 1 75  ? 7.677   15.730  6.282   1.00 25.26 ? 75  ASN A O   1 
ATOM   598  C CB  . ASN A 1 75  ? 7.164   19.003  7.550   1.00 22.50 ? 75  ASN A CB  1 
ATOM   599  C CG  . ASN A 1 75  ? 7.083   18.405  8.929   1.00 22.84 ? 75  ASN A CG  1 
ATOM   600  O OD1 . ASN A 1 75  ? 6.722   19.215  9.800   1.00 22.21 ? 75  ASN A OD1 1 
ATOM   601  N ND2 . ASN A 1 75  ? 7.368   17.126  9.204   1.00 19.14 ? 75  ASN A ND2 1 
ATOM   602  N N   . ALA A 1 76  ? 9.196   17.443  6.357   1.00 23.88 ? 76  ALA A N   1 
ATOM   603  C CA  . ALA A 1 76  ? 10.437  16.668  6.323   1.00 23.26 ? 76  ALA A CA  1 
ATOM   604  C C   . ALA A 1 76  ? 10.750  15.892  7.593   1.00 22.43 ? 76  ALA A C   1 
ATOM   605  O O   . ALA A 1 76  ? 11.763  15.162  7.613   1.00 23.45 ? 76  ALA A O   1 
ATOM   606  C CB  . ALA A 1 76  ? 11.581  17.612  5.897   1.00 21.17 ? 76  ALA A CB  1 
ATOM   607  N N   . ALA A 1 77  ? 9.952   15.986  8.643   1.00 21.65 ? 77  ALA A N   1 
ATOM   608  C CA  . ALA A 1 77  ? 10.162  15.215  9.890   1.00 21.30 ? 77  ALA A CA  1 
ATOM   609  C C   . ALA A 1 77  ? 9.579   13.812  9.706   1.00 21.10 ? 77  ALA A C   1 
ATOM   610  O O   . ALA A 1 77  ? 9.895   12.842  10.424  1.00 23.74 ? 77  ALA A O   1 
ATOM   611  C CB  . ALA A 1 77  ? 9.563   15.974  11.059  1.00 21.67 ? 77  ALA A CB  1 
ATOM   612  N N   . HIS A 1 78  ? 8.698   13.626  8.744   1.00 20.43 ? 78  HIS A N   1 
ATOM   613  C CA  . HIS A 1 78  ? 8.057   12.359  8.388   1.00 19.80 ? 78  HIS A CA  1 
ATOM   614  C C   . HIS A 1 78  ? 8.852   11.571  7.340   1.00 18.81 ? 78  HIS A C   1 
ATOM   615  O O   . HIS A 1 78  ? 9.691   12.090  6.578   1.00 19.48 ? 78  HIS A O   1 
ATOM   616  C CB  . HIS A 1 78  ? 6.646   12.572  7.773   1.00 21.25 ? 78  HIS A CB  1 
ATOM   617  C CG  . HIS A 1 78  ? 5.786   13.202  8.825   1.00 23.51 ? 78  HIS A CG  1 
ATOM   618  N ND1 . HIS A 1 78  ? 5.021   12.502  9.724   1.00 24.05 ? 78  HIS A ND1 1 
ATOM   619  C CD2 . HIS A 1 78  ? 5.668   14.517  9.127   1.00 24.24 ? 78  HIS A CD2 1 
ATOM   620  C CE1 . HIS A 1 78  ? 4.413   13.380  10.513  1.00 24.97 ? 78  HIS A CE1 1 
ATOM   621  N NE2 . HIS A 1 78  ? 4.792   14.590  10.194  1.00 25.40 ? 78  HIS A NE2 1 
ATOM   622  N N   . LEU A 1 79  ? 8.577   10.281  7.306   1.00 16.05 ? 79  LEU A N   1 
ATOM   623  C CA  . LEU A 1 79  ? 9.210   9.338   6.380   1.00 14.81 ? 79  LEU A CA  1 
ATOM   624  C C   . LEU A 1 79  ? 9.365   9.910   4.972   1.00 13.96 ? 79  LEU A C   1 
ATOM   625  O O   . LEU A 1 79  ? 8.384   10.441  4.437   1.00 13.85 ? 79  LEU A O   1 
ATOM   626  C CB  . LEU A 1 79  ? 8.167   8.203   6.302   1.00 13.42 ? 79  LEU A CB  1 
ATOM   627  C CG  . LEU A 1 79  ? 8.460   6.867   5.695   1.00 14.08 ? 79  LEU A CG  1 
ATOM   628  C CD1 . LEU A 1 79  ? 8.297   6.875   4.210   1.00 17.40 ? 79  LEU A CD1 1 
ATOM   629  C CD2 . LEU A 1 79  ? 9.794   6.295   6.150   1.00 15.63 ? 79  LEU A CD2 1 
ATOM   630  N N   . SER A 1 80  ? 10.493  9.714   4.353   1.00 14.11 ? 80  SER A N   1 
ATOM   631  C CA  . SER A 1 80  ? 10.849  10.105  2.992   1.00 12.61 ? 80  SER A CA  1 
ATOM   632  C C   . SER A 1 80  ? 10.111  9.159   2.039   1.00 11.39 ? 80  SER A C   1 
ATOM   633  O O   . SER A 1 80  ? 10.105  7.935   2.297   1.00 13.00 ? 80  SER A O   1 
ATOM   634  C CB  . SER A 1 80  ? 12.331  9.843   2.711   1.00 12.68 ? 80  SER A CB  1 
ATOM   635  O OG  . SER A 1 80  ? 13.165  10.361  3.748   1.00 19.35 ? 80  SER A OG  1 
ATOM   636  N N   . CYS A 1 81  ? 9.541   9.665   0.992   1.00 11.81 ? 81  CYS A N   1 
ATOM   637  C CA  . CYS A 1 81  ? 8.836   8.819   -0.014  1.00 11.36 ? 81  CYS A CA  1 
ATOM   638  C C   . CYS A 1 81  ? 9.795   7.827   -0.650  1.00 11.20 ? 81  CYS A C   1 
ATOM   639  O O   . CYS A 1 81  ? 9.397   6.740   -1.113  1.00 10.94 ? 81  CYS A O   1 
ATOM   640  C CB  . CYS A 1 81  ? 8.142   9.724   -1.046  1.00 10.73 ? 81  CYS A CB  1 
ATOM   641  S SG  . CYS A 1 81  ? 6.852   10.774  -0.285  1.00 10.30 ? 81  CYS A SG  1 
ATOM   642  N N   . SER A 1 82  ? 11.082  8.178   -0.660  1.00 12.01 ? 82  SER A N   1 
ATOM   643  C CA  . SER A 1 82  ? 12.095  7.287   -1.267  1.00 12.42 ? 82  SER A CA  1 
ATOM   644  C C   . SER A 1 82  ? 12.061  5.918   -0.587  1.00 11.77 ? 82  SER A C   1 
ATOM   645  O O   . SER A 1 82  ? 12.328  4.954   -1.317  1.00 13.84 ? 82  SER A O   1 
ATOM   646  C CB  . SER A 1 82  ? 13.525  7.829   -1.227  1.00 14.31 ? 82  SER A CB  1 
ATOM   647  O OG  . SER A 1 82  ? 13.702  8.627   -0.061  1.00 19.66 ? 82  SER A OG  1 
ATOM   648  N N   . ALA A 1 83  ? 11.787  5.889   0.709   1.00 12.29 ? 83  ALA A N   1 
ATOM   649  C CA  . ALA A 1 83  ? 11.748  4.658   1.509   1.00 10.64 ? 83  ALA A CA  1 
ATOM   650  C C   . ALA A 1 83  ? 10.660  3.714   0.958   1.00 10.34 ? 83  ALA A C   1 
ATOM   651  O O   . ALA A 1 83  ? 10.825  2.506   1.138   1.00 10.89 ? 83  ALA A O   1 
ATOM   652  C CB  . ALA A 1 83  ? 11.534  4.900   2.985   1.00 10.88 ? 83  ALA A CB  1 
ATOM   653  N N   . LEU A 1 84  ? 9.691   4.262   0.270   1.00 10.13 ? 84  LEU A N   1 
ATOM   654  C CA  . LEU A 1 84  ? 8.623   3.405   -0.343  1.00 9.94  ? 84  LEU A CA  1 
ATOM   655  C C   . LEU A 1 84  ? 8.967   2.901   -1.729  1.00 11.21 ? 84  LEU A C   1 
ATOM   656  O O   . LEU A 1 84  ? 8.102   2.257   -2.413  1.00 10.93 ? 84  LEU A O   1 
ATOM   657  C CB  . LEU A 1 84  ? 7.344   4.243   -0.289  1.00 10.30 ? 84  LEU A CB  1 
ATOM   658  C CG  . LEU A 1 84  ? 7.004   4.780   1.110   1.00 11.16 ? 84  LEU A CG  1 
ATOM   659  C CD1 . LEU A 1 84  ? 5.802   5.726   1.028   1.00 12.42 ? 84  LEU A CD1 1 
ATOM   660  C CD2 . LEU A 1 84  ? 6.699   3.619   2.028   1.00 13.47 ? 84  LEU A CD2 1 
ATOM   661  N N   . LEU A 1 85  ? 10.180  3.165   -2.175  1.00 10.41 ? 85  LEU A N   1 
ATOM   662  C CA  . LEU A 1 85  ? 10.622  2.666   -3.490  1.00 12.00 ? 85  LEU A CA  1 
ATOM   663  C C   . LEU A 1 85  ? 11.694  1.581   -3.376  1.00 12.81 ? 85  LEU A C   1 
ATOM   664  O O   . LEU A 1 85  ? 12.219  1.104   -4.409  1.00 13.77 ? 85  LEU A O   1 
ATOM   665  C CB  . LEU A 1 85  ? 11.003  3.818   -4.392  1.00 10.96 ? 85  LEU A CB  1 
ATOM   666  C CG  . LEU A 1 85  ? 9.964   4.852   -4.772  1.00 11.37 ? 85  LEU A CG  1 
ATOM   667  C CD1 . LEU A 1 85  ? 10.666  6.036   -5.435  1.00 11.90 ? 85  LEU A CD1 1 
ATOM   668  C CD2 . LEU A 1 85  ? 8.942   4.225   -5.696  1.00 10.82 ? 85  LEU A CD2 1 
ATOM   669  N N   . GLN A 1 86  ? 11.947  1.132   -2.174  1.00 12.69 ? 86  GLN A N   1 
ATOM   670  C CA  . GLN A 1 86  ? 12.899  0.053   -1.859  1.00 13.74 ? 86  GLN A CA  1 
ATOM   671  C C   . GLN A 1 86  ? 12.353  -1.323  -2.222  1.00 13.10 ? 86  GLN A C   1 
ATOM   672  O O   . GLN A 1 86  ? 11.113  -1.522  -2.290  1.00 14.40 ? 86  GLN A O   1 
ATOM   673  C CB  . GLN A 1 86  ? 13.230  0.080   -0.372  1.00 14.44 ? 86  GLN A CB  1 
ATOM   674  C CG  . GLN A 1 86  ? 13.796  1.398   0.123   1.00 21.65 ? 86  GLN A CG  1 
ATOM   675  C CD  . GLN A 1 86  ? 14.209  1.282   1.581   1.00 24.99 ? 86  GLN A CD  1 
ATOM   676  O OE1 . GLN A 1 86  ? 15.244  0.643   1.864   1.00 29.20 ? 86  GLN A OE1 1 
ATOM   677  N NE2 . GLN A 1 86  ? 13.421  1.863   2.486   1.00 26.31 ? 86  GLN A NE2 1 
ATOM   678  N N   . ASP A 1 87  ? 13.220  -2.303  -2.412  1.00 11.99 ? 87  ASP A N   1 
ATOM   679  C CA  . ASP A 1 87  ? 12.848  -3.690  -2.715  1.00 12.49 ? 87  ASP A CA  1 
ATOM   680  C C   . ASP A 1 87  ? 12.264  -4.359  -1.440  1.00 12.37 ? 87  ASP A C   1 
ATOM   681  O O   . ASP A 1 87  ? 11.383  -5.245  -1.579  1.00 14.31 ? 87  ASP A O   1 
ATOM   682  C CB  . ASP A 1 87  ? 13.999  -4.549  -3.252  1.00 12.76 ? 87  ASP A CB  1 
ATOM   683  C CG  . ASP A 1 87  ? 14.298  -4.277  -4.728  1.00 15.91 ? 87  ASP A CG  1 
ATOM   684  O OD1 . ASP A 1 87  ? 13.621  -3.417  -5.285  1.00 17.47 ? 87  ASP A OD1 1 
ATOM   685  O OD2 . ASP A 1 87  ? 15.159  -4.964  -5.341  1.00 15.93 ? 87  ASP A OD2 1 
ATOM   686  N N   . ASN A 1 88  ? 12.801  -3.993  -0.317  1.00 12.91 ? 88  ASN A N   1 
ATOM   687  C CA  . ASN A 1 88  ? 12.438  -4.438  1.019   1.00 13.53 ? 88  ASN A CA  1 
ATOM   688  C C   . ASN A 1 88  ? 11.155  -3.627  1.382   1.00 12.65 ? 88  ASN A C   1 
ATOM   689  O O   . ASN A 1 88  ? 11.338  -2.419  1.468   1.00 12.69 ? 88  ASN A O   1 
ATOM   690  C CB  . ASN A 1 88  ? 13.522  -4.244  2.091   1.00 16.99 ? 88  ASN A CB  1 
ATOM   691  C CG  . ASN A 1 88  ? 13.010  -4.878  3.401   1.00 20.33 ? 88  ASN A CG  1 
ATOM   692  O OD1 . ASN A 1 88  ? 12.191  -4.295  4.109   1.00 20.18 ? 88  ASN A OD1 1 
ATOM   693  N ND2 . ASN A 1 88  ? 13.439  -6.101  3.700   1.00 23.91 ? 88  ASN A ND2 1 
ATOM   694  N N   . ILE A 1 89  ? 10.025  -4.287  1.569   1.00 10.85 ? 89  ILE A N   1 
ATOM   695  C CA  . ILE A 1 89  ? 8.770   -3.560  1.842   1.00 10.20 ? 89  ILE A CA  1 
ATOM   696  C C   . ILE A 1 89  ? 8.486   -3.284  3.286   1.00 10.87 ? 89  ILE A C   1 
ATOM   697  O O   . ILE A 1 89  ? 7.367   -2.801  3.587   1.00 13.21 ? 89  ILE A O   1 
ATOM   698  C CB  . ILE A 1 89  ? 7.536   -4.242  1.117   1.00 9.20  ? 89  ILE A CB  1 
ATOM   699  C CG1 . ILE A 1 89  ? 7.220   -5.573  1.801   1.00 7.07  ? 89  ILE A CG1 1 
ATOM   700  C CG2 . ILE A 1 89  ? 7.820   -4.294  -0.401  1.00 7.27  ? 89  ILE A CG2 1 
ATOM   701  C CD1 . ILE A 1 89  ? 5.922   -6.303  1.279   1.00 10.34 ? 89  ILE A CD1 1 
ATOM   702  N N   . ALA A 1 90  ? 9.457   -3.523  4.166   1.00 11.03 ? 90  ALA A N   1 
ATOM   703  C CA  . ALA A 1 90  ? 9.184   -3.215  5.588   1.00 12.38 ? 90  ALA A CA  1 
ATOM   704  C C   . ALA A 1 90  ? 8.678   -1.818  5.851   1.00 12.58 ? 90  ALA A C   1 
ATOM   705  O O   . ALA A 1 90  ? 7.741   -1.653  6.645   1.00 12.11 ? 90  ALA A O   1 
ATOM   706  C CB  . ALA A 1 90  ? 10.429  -3.497  6.444   1.00 15.55 ? 90  ALA A CB  1 
ATOM   707  N N   . ASP A 1 91  ? 9.284   -0.752  5.312   1.00 13.67 ? 91  ASP A N   1 
ATOM   708  C CA  . ASP A 1 91  ? 8.805   0.613   5.576   1.00 14.63 ? 91  ASP A CA  1 
ATOM   709  C C   . ASP A 1 91  ? 7.380   0.835   5.043   1.00 13.15 ? 91  ASP A C   1 
ATOM   710  O O   . ASP A 1 91  ? 6.621   1.475   5.773   1.00 13.05 ? 91  ASP A O   1 
ATOM   711  C CB  . ASP A 1 91  ? 9.747   1.718   5.096   1.00 16.15 ? 91  ASP A CB  1 
ATOM   712  C CG  . ASP A 1 91  ? 11.006  1.764   5.927   1.00 18.48 ? 91  ASP A CG  1 
ATOM   713  O OD1 . ASP A 1 91  ? 11.006  1.518   7.145   1.00 18.93 ? 91  ASP A OD1 1 
ATOM   714  O OD2 . ASP A 1 91  ? 12.059  2.096   5.305   1.00 22.04 ? 91  ASP A OD2 1 
ATOM   715  N N   . ALA A 1 92  ? 7.114   0.359   3.860   1.00 12.39 ? 92  ALA A N   1 
ATOM   716  C CA  . ALA A 1 92  ? 5.832   0.450   3.183   1.00 12.36 ? 92  ALA A CA  1 
ATOM   717  C C   . ALA A 1 92  ? 4.734   -0.213  4.036   1.00 10.84 ? 92  ALA A C   1 
ATOM   718  O O   . ALA A 1 92  ? 3.649   0.335   4.089   1.00 9.72  ? 92  ALA A O   1 
ATOM   719  C CB  . ALA A 1 92  ? 5.867   -0.143  1.789   1.00 11.80 ? 92  ALA A CB  1 
ATOM   720  N N   . VAL A 1 93  ? 5.056   -1.346  4.623   1.00 11.38 ? 93  VAL A N   1 
ATOM   721  C CA  . VAL A 1 93  ? 4.054   -2.044  5.472   1.00 10.12 ? 93  VAL A CA  1 
ATOM   722  C C   . VAL A 1 93  ? 3.751   -1.226  6.717   1.00 10.52 ? 93  VAL A C   1 
ATOM   723  O O   . VAL A 1 93  ? 2.572   -1.068  7.127   1.00 9.90  ? 93  VAL A O   1 
ATOM   724  C CB  . VAL A 1 93  ? 4.511   -3.499  5.735   1.00 10.74 ? 93  VAL A CB  1 
ATOM   725  C CG1 . VAL A 1 93  ? 3.612   -4.144  6.793   1.00 11.74 ? 93  VAL A CG1 1 
ATOM   726  C CG2 . VAL A 1 93  ? 4.459   -4.279  4.433   1.00 9.78  ? 93  VAL A CG2 1 
ATOM   727  N N   . ALA A 1 94  ? 4.778   -0.701  7.352   1.00 9.29  ? 94  ALA A N   1 
ATOM   728  C CA  . ALA A 1 94  ? 4.656   0.094   8.560   1.00 9.54  ? 94  ALA A CA  1 
ATOM   729  C C   . ALA A 1 94  ? 3.832   1.343   8.262   1.00 9.86  ? 94  ALA A C   1 
ATOM   730  O O   . ALA A 1 94  ? 3.032   1.801   9.133   1.00 8.80  ? 94  ALA A O   1 
ATOM   731  C CB  . ALA A 1 94  ? 6.019   0.426   9.185   1.00 9.38  ? 94  ALA A CB  1 
ATOM   732  N N   . CYS A 1 95  ? 3.984   1.828   7.064   1.00 9.33  ? 95  CYS A N   1 
ATOM   733  C CA  . CYS A 1 95  ? 3.213   3.045   6.659   1.00 11.04 ? 95  CYS A CA  1 
ATOM   734  C C   . CYS A 1 95  ? 1.790   2.604   6.338   1.00 11.33 ? 95  CYS A C   1 
ATOM   735  O O   . CYS A 1 95  ? 0.879   3.319   6.733   1.00 11.48 ? 95  CYS A O   1 
ATOM   736  C CB  . CYS A 1 95  ? 3.837   3.808   5.501   1.00 10.58 ? 95  CYS A CB  1 
ATOM   737  S SG  . CYS A 1 95  ? 3.175   5.399   5.060   1.00 14.32 ? 95  CYS A SG  1 
ATOM   738  N N   . ALA A 1 96  ? 1.633   1.524   5.581   1.00 11.35 ? 96  ALA A N   1 
ATOM   739  C CA  . ALA A 1 96  ? 0.261   1.051   5.270   1.00 12.25 ? 96  ALA A CA  1 
ATOM   740  C C   . ALA A 1 96  ? -0.540  0.834   6.573   1.00 12.90 ? 96  ALA A C   1 
ATOM   741  O O   . ALA A 1 96  ? -1.766  1.075   6.570   1.00 12.63 ? 96  ALA A O   1 
ATOM   742  C CB  . ALA A 1 96  ? 0.288   -0.267  4.487   1.00 11.56 ? 96  ALA A CB  1 
ATOM   743  N N   . LYS A 1 97  ? 0.148   0.351   7.589   1.00 11.59 ? 97  LYS A N   1 
ATOM   744  C CA  . LYS A 1 97  ? -0.543  0.082   8.896   1.00 11.70 ? 97  LYS A CA  1 
ATOM   745  C C   . LYS A 1 97  ? -1.088  1.356   9.483   1.00 13.20 ? 97  LYS A C   1 
ATOM   746  O O   . LYS A 1 97  ? -2.213  1.410   10.006  1.00 12.26 ? 97  LYS A O   1 
ATOM   747  C CB  . LYS A 1 97  ? 0.362   -0.704  9.835   1.00 10.43 ? 97  LYS A CB  1 
ATOM   748  C CG  . LYS A 1 97  ? 0.568   -2.170  9.389   1.00 9.57  ? 97  LYS A CG  1 
ATOM   749  C CD  . LYS A 1 97  ? 1.390   -2.855  10.513  1.00 11.55 ? 97  LYS A CD  1 
ATOM   750  C CE  . LYS A 1 97  ? 1.684   -4.297  10.225  1.00 9.82  ? 97  LYS A CE  1 
ATOM   751  N NZ  . LYS A 1 97  ? 2.802   -4.785  11.105  1.00 12.12 ? 97  LYS A NZ  1 
ATOM   752  N N   . ARG A 1 98  ? -0.283  2.426   9.420   1.00 12.44 ? 98  ARG A N   1 
ATOM   753  C CA  . ARG A 1 98  ? -0.636  3.735   9.920   1.00 12.22 ? 98  ARG A CA  1 
ATOM   754  C C   . ARG A 1 98  ? -1.823  4.314   9.182   1.00 11.81 ? 98  ARG A C   1 
ATOM   755  O O   . ARG A 1 98  ? -2.752  4.881   9.795   1.00 12.99 ? 98  ARG A O   1 
ATOM   756  C CB  . ARG A 1 98  ? 0.593   4.690   9.844   1.00 12.93 ? 98  ARG A CB  1 
ATOM   757  C CG  . ARG A 1 98  ? 0.247   6.153   10.013  1.00 15.28 ? 98  ARG A CG  1 
ATOM   758  C CD  . ARG A 1 98  ? -0.111  6.420   11.451  1.00 16.69 ? 98  ARG A CD  1 
ATOM   759  N NE  . ARG A 1 98  ? -0.676  7.727   11.638  1.00 20.22 ? 98  ARG A NE  1 
ATOM   760  C CZ  . ARG A 1 98  ? -1.841  8.286   11.429  1.00 20.49 ? 98  ARG A CZ  1 
ATOM   761  N NH1 . ARG A 1 98  ? -2.899  7.583   10.982  1.00 21.71 ? 98  ARG A NH1 1 
ATOM   762  N NH2 . ARG A 1 98  ? -2.000  9.593   11.704  1.00 21.98 ? 98  ARG A NH2 1 
ATOM   763  N N   . VAL A 1 99  ? -1.820  4.216   7.869   1.00 12.18 ? 99  VAL A N   1 
ATOM   764  C CA  . VAL A 1 99  ? -2.899  4.747   7.033   1.00 12.77 ? 99  VAL A CA  1 
ATOM   765  C C   . VAL A 1 99  ? -4.271  4.210   7.497   1.00 13.75 ? 99  VAL A C   1 
ATOM   766  O O   . VAL A 1 99  ? -5.193  5.034   7.601   1.00 14.38 ? 99  VAL A O   1 
ATOM   767  C CB  . VAL A 1 99  ? -2.681  4.469   5.546   1.00 12.52 ? 99  VAL A CB  1 
ATOM   768  C CG1 . VAL A 1 99  ? -3.956  4.750   4.707   1.00 13.01 ? 99  VAL A CG1 1 
ATOM   769  C CG2 . VAL A 1 99  ? -1.506  5.212   4.952   1.00 13.56 ? 99  VAL A CG2 1 
ATOM   770  N N   . VAL A 1 100 ? -4.356  2.900   7.714   1.00 13.97 ? 100 VAL A N   1 
ATOM   771  C CA  . VAL A 1 100 ? -5.630  2.256   8.100   1.00 13.48 ? 100 VAL A CA  1 
ATOM   772  C C   . VAL A 1 100 ? -5.947  2.390   9.571   1.00 14.65 ? 100 VAL A C   1 
ATOM   773  O O   . VAL A 1 100 ? -6.960  1.822   10.023  1.00 14.63 ? 100 VAL A O   1 
ATOM   774  C CB  . VAL A 1 100 ? -5.705  0.812   7.548   1.00 11.91 ? 100 VAL A CB  1 
ATOM   775  C CG1 . VAL A 1 100 ? -5.452  0.705   6.040   1.00 11.16 ? 100 VAL A CG1 1 
ATOM   776  C CG2 . VAL A 1 100 ? -4.837  -0.154  8.324   1.00 11.30 ? 100 VAL A CG2 1 
ATOM   777  N N   . ARG A 1 101 ? -5.120  3.088   10.340  1.00 15.50 ? 101 ARG A N   1 
ATOM   778  C CA  . ARG A 1 101 ? -5.360  3.304   11.765  1.00 18.94 ? 101 ARG A CA  1 
ATOM   779  C C   . ARG A 1 101 ? -6.381  4.447   11.877  1.00 20.38 ? 101 ARG A C   1 
ATOM   780  O O   . ARG A 1 101 ? -6.933  4.637   12.972  1.00 22.54 ? 101 ARG A O   1 
ATOM   781  C CB  . ARG A 1 101 ? -4.170  3.540   12.664  1.00 18.05 ? 101 ARG A CB  1 
ATOM   782  C CG  . ARG A 1 101 ? -3.389  2.252   12.967  1.00 21.38 ? 101 ARG A CG  1 
ATOM   783  C CD  . ARG A 1 101 ? -2.589  2.405   14.212  1.00 20.19 ? 101 ARG A CD  1 
ATOM   784  N NE  . ARG A 1 101 ? -1.458  3.306   14.109  1.00 22.16 ? 101 ARG A NE  1 
ATOM   785  C CZ  . ARG A 1 101 ? -0.252  2.967   13.615  1.00 21.62 ? 101 ARG A CZ  1 
ATOM   786  N NH1 . ARG A 1 101 ? 0.023   1.758   13.125  1.00 20.51 ? 101 ARG A NH1 1 
ATOM   787  N NH2 . ARG A 1 101 ? 0.756   3.851   13.645  1.00 19.32 ? 101 ARG A NH2 1 
ATOM   788  N N   . ASP A 1 102 ? -6.641  5.099   10.767  1.00 21.24 ? 102 ASP A N   1 
ATOM   789  C CA  . ASP A 1 102 ? -7.651  6.166   10.641  1.00 22.56 ? 102 ASP A CA  1 
ATOM   790  C C   . ASP A 1 102 ? -9.000  5.440   10.553  1.00 23.29 ? 102 ASP A C   1 
ATOM   791  O O   . ASP A 1 102 ? -9.026  4.304   10.030  1.00 22.88 ? 102 ASP A O   1 
ATOM   792  C CB  . ASP A 1 102 ? -7.410  6.979   9.374   1.00 24.84 ? 102 ASP A CB  1 
ATOM   793  C CG  . ASP A 1 102 ? -6.545  8.199   9.558   1.00 25.68 ? 102 ASP A CG  1 
ATOM   794  O OD1 . ASP A 1 102 ? -5.808  8.304   10.566  1.00 28.12 ? 102 ASP A OD1 1 
ATOM   795  O OD2 . ASP A 1 102 ? -6.573  9.095   8.682   1.00 29.13 ? 102 ASP A OD2 1 
ATOM   796  N N   . PRO A 1 103 ? -10.048 6.127   10.977  1.00 24.07 ? 103 PRO A N   1 
ATOM   797  C CA  . PRO A 1 103 ? -11.414 5.614   10.972  1.00 24.56 ? 103 PRO A CA  1 
ATOM   798  C C   . PRO A 1 103 ? -11.851 5.013   9.641   1.00 24.44 ? 103 PRO A C   1 
ATOM   799  O O   . PRO A 1 103 ? -12.579 3.998   9.664   1.00 24.33 ? 103 PRO A O   1 
ATOM   800  C CB  . PRO A 1 103 ? -12.284 6.785   11.401  1.00 24.75 ? 103 PRO A CB  1 
ATOM   801  C CG  . PRO A 1 103 ? -11.417 8.003   11.351  1.00 24.80 ? 103 PRO A CG  1 
ATOM   802  C CD  . PRO A 1 103 ? -9.996  7.481   11.570  1.00 24.36 ? 103 PRO A CD  1 
ATOM   803  N N   . GLN A 1 104 ? -11.383 5.609   8.562   1.00 24.81 ? 104 GLN A N   1 
ATOM   804  C CA  . GLN A 1 104 ? -11.613 5.230   7.174   1.00 23.64 ? 104 GLN A CA  1 
ATOM   805  C C   . GLN A 1 104 ? -11.055 3.851   6.832   1.00 22.93 ? 104 GLN A C   1 
ATOM   806  O O   . GLN A 1 104 ? -11.571 3.185   5.902   1.00 22.61 ? 104 GLN A O   1 
ATOM   807  C CB  . GLN A 1 104 ? -11.057 6.288   6.195   1.00 27.55 ? 104 GLN A CB  1 
ATOM   808  C CG  . GLN A 1 104 ? -11.406 5.959   4.763   1.00 29.34 ? 104 GLN A CG  1 
ATOM   809  C CD  . GLN A 1 104 ? -11.533 7.095   3.795   1.00 31.20 ? 104 GLN A CD  1 
ATOM   810  O OE1 . GLN A 1 104 ? -11.138 8.248   3.963   1.00 33.16 ? 104 GLN A OE1 1 
ATOM   811  N NE2 . GLN A 1 104 ? -12.133 6.789   2.634   1.00 32.65 ? 104 GLN A NE2 1 
ATOM   812  N N   . GLY A 1 105 ? -10.049 3.380   7.532   1.00 20.23 ? 105 GLY A N   1 
ATOM   813  C CA  . GLY A 1 105 ? -9.495  2.035   7.276   1.00 18.85 ? 105 GLY A CA  1 
ATOM   814  C C   . GLY A 1 105 ? -9.041  1.897   5.819   1.00 17.13 ? 105 GLY A C   1 
ATOM   815  O O   . GLY A 1 105 ? -8.673  2.872   5.162   1.00 17.83 ? 105 GLY A O   1 
ATOM   816  N N   . ILE A 1 106 ? -9.107  0.689   5.324   1.00 16.05 ? 106 ILE A N   1 
ATOM   817  C CA  . ILE A 1 106 ? -8.688  0.370   3.954   1.00 16.92 ? 106 ILE A CA  1 
ATOM   818  C C   . ILE A 1 106 ? -9.451  1.110   2.872   1.00 16.92 ? 106 ILE A C   1 
ATOM   819  O O   . ILE A 1 106 ? -9.011  1.169   1.712   1.00 16.80 ? 106 ILE A O   1 
ATOM   820  C CB  . ILE A 1 106 ? -8.707  -1.190  3.799   1.00 17.52 ? 106 ILE A CB  1 
ATOM   821  C CG1 . ILE A 1 106 ? -7.844  -1.542  2.547   1.00 18.35 ? 106 ILE A CG1 1 
ATOM   822  C CG2 . ILE A 1 106 ? -10.151 -1.742  3.727   1.00 18.16 ? 106 ILE A CG2 1 
ATOM   823  C CD1 . ILE A 1 106 ? -7.166  -2.920  2.579   1.00 15.66 ? 106 ILE A CD1 1 
ATOM   824  N N   . ARG A 1 107 ? -10.595 1.694   3.221   1.00 17.41 ? 107 ARG A N   1 
ATOM   825  C CA  . ARG A 1 107 ? -11.419 2.473   2.298   1.00 18.48 ? 107 ARG A CA  1 
ATOM   826  C C   . ARG A 1 107 ? -10.692 3.749   1.868   1.00 17.89 ? 107 ARG A C   1 
ATOM   827  O O   . ARG A 1 107 ? -11.208 4.417   0.967   1.00 17.56 ? 107 ARG A O   1 
ATOM   828  C CB  . ARG A 1 107 ? -12.790 2.895   2.857   1.00 19.25 ? 107 ARG A CB  1 
ATOM   829  C CG  . ARG A 1 107 ? -13.815 1.771   2.893   1.00 22.83 ? 107 ARG A CG  1 
ATOM   830  C CD  . ARG A 1 107 ? -15.129 2.300   3.386   1.00 24.63 ? 107 ARG A CD  1 
ATOM   831  N NE  . ARG A 1 107 ? -16.105 1.315   3.695   1.00 28.30 ? 107 ARG A NE  1 
ATOM   832  C CZ  . ARG A 1 107 ? -16.113 0.085   4.147   1.00 29.45 ? 107 ARG A CZ  1 
ATOM   833  N NH1 . ARG A 1 107 ? -15.019 -0.618  4.441   1.00 31.68 ? 107 ARG A NH1 1 
ATOM   834  N NH2 . ARG A 1 107 ? -17.293 -0.529  4.316   1.00 30.68 ? 107 ARG A NH2 1 
ATOM   835  N N   . ALA A 1 108 ? -9.565  4.058   2.452   1.00 17.29 ? 108 ALA A N   1 
ATOM   836  C CA  . ALA A 1 108 ? -8.750  5.211   2.120   1.00 17.54 ? 108 ALA A CA  1 
ATOM   837  C C   . ALA A 1 108 ? -8.319  5.140   0.657   1.00 16.97 ? 108 ALA A C   1 
ATOM   838  O O   . ALA A 1 108 ? -8.153  6.168   -0.021  1.00 17.98 ? 108 ALA A O   1 
ATOM   839  C CB  . ALA A 1 108 ? -7.566  5.285   3.078   1.00 18.54 ? 108 ALA A CB  1 
ATOM   840  N N   . TRP A 1 109 ? -8.137  3.932   0.148   1.00 16.45 ? 109 TRP A N   1 
ATOM   841  C CA  . TRP A 1 109 ? -7.733  3.730   -1.251  1.00 15.40 ? 109 TRP A CA  1 
ATOM   842  C C   . TRP A 1 109 ? -8.998  3.506   -2.100  1.00 16.11 ? 109 TRP A C   1 
ATOM   843  O O   . TRP A 1 109 ? -9.700  2.472   -1.964  1.00 15.57 ? 109 TRP A O   1 
ATOM   844  C CB  . TRP A 1 109 ? -6.689  2.602   -1.357  1.00 14.67 ? 109 TRP A CB  1 
ATOM   845  C CG  . TRP A 1 109 ? -5.329  2.734   -0.785  1.00 13.50 ? 109 TRP A CG  1 
ATOM   846  C CD1 . TRP A 1 109 ? -4.222  3.243   -1.453  1.00 15.22 ? 109 TRP A CD1 1 
ATOM   847  C CD2 . TRP A 1 109 ? -4.820  2.363   0.499   1.00 13.77 ? 109 TRP A CD2 1 
ATOM   848  N NE1 . TRP A 1 109 ? -3.124  3.264   -0.651  1.00 13.69 ? 109 TRP A NE1 1 
ATOM   849  C CE2 . TRP A 1 109 ? -3.441  2.704   0.551   1.00 14.15 ? 109 TRP A CE2 1 
ATOM   850  C CE3 . TRP A 1 109 ? -5.410  1.783   1.617   1.00 14.36 ? 109 TRP A CE3 1 
ATOM   851  C CZ2 . TRP A 1 109 ? -2.649  2.445   1.654   1.00 12.61 ? 109 TRP A CZ2 1 
ATOM   852  C CZ3 . TRP A 1 109 ? -4.643  1.539   2.749   1.00 12.93 ? 109 TRP A CZ3 1 
ATOM   853  C CH2 . TRP A 1 109 ? -3.284  1.869   2.764   1.00 13.41 ? 109 TRP A CH2 1 
ATOM   854  N N   . VAL A 1 110 ? -9.307  4.420   -3.018  1.00 16.07 ? 110 VAL A N   1 
ATOM   855  C CA  . VAL A 1 110 ? -10.481 4.246   -3.893  1.00 15.90 ? 110 VAL A CA  1 
ATOM   856  C C   . VAL A 1 110 ? -10.364 2.963   -4.713  1.00 16.50 ? 110 VAL A C   1 
ATOM   857  O O   . VAL A 1 110 ? -11.416 2.325   -4.967  1.00 15.62 ? 110 VAL A O   1 
ATOM   858  C CB  . VAL A 1 110 ? -10.840 5.516   -4.669  1.00 17.12 ? 110 VAL A CB  1 
ATOM   859  C CG1 . VAL A 1 110 ? -9.795  5.873   -5.737  1.00 17.10 ? 110 VAL A CG1 1 
ATOM   860  C CG2 . VAL A 1 110 ? -12.202 5.358   -5.353  1.00 14.64 ? 110 VAL A CG2 1 
ATOM   861  N N   . ALA A 1 111 ? -9.212  2.509   -5.145  1.00 15.99 ? 111 ALA A N   1 
ATOM   862  C CA  . ALA A 1 111 ? -9.088  1.266   -5.901  1.00 16.80 ? 111 ALA A CA  1 
ATOM   863  C C   . ALA A 1 111 ? -9.614  0.064   -5.097  1.00 16.03 ? 111 ALA A C   1 
ATOM   864  O O   . ALA A 1 111 ? -10.152 -0.875  -5.743  1.00 15.80 ? 111 ALA A O   1 
ATOM   865  C CB  . ALA A 1 111 ? -7.651  0.976   -6.360  1.00 16.50 ? 111 ALA A CB  1 
ATOM   866  N N   . TRP A 1 112 ? -9.481  0.068   -3.791  1.00 16.09 ? 112 TRP A N   1 
ATOM   867  C CA  . TRP A 1 112 ? -9.973  -0.986  -2.914  1.00 15.84 ? 112 TRP A CA  1 
ATOM   868  C C   . TRP A 1 112 ? -11.514 -1.065  -3.034  1.00 16.18 ? 112 TRP A C   1 
ATOM   869  O O   . TRP A 1 112 ? -12.050 -2.168  -3.256  1.00 16.06 ? 112 TRP A O   1 
ATOM   870  C CB  . TRP A 1 112 ? -9.550  -0.894  -1.459  1.00 16.10 ? 112 TRP A CB  1 
ATOM   871  C CG  . TRP A 1 112 ? -9.933  -2.149  -0.722  1.00 16.08 ? 112 TRP A CG  1 
ATOM   872  C CD1 . TRP A 1 112 ? -9.294  -3.358  -0.749  1.00 16.38 ? 112 TRP A CD1 1 
ATOM   873  C CD2 . TRP A 1 112 ? -11.073 -2.317  0.132   1.00 16.16 ? 112 TRP A CD2 1 
ATOM   874  N NE1 . TRP A 1 112 ? -9.953  -4.263  0.039   1.00 16.41 ? 112 TRP A NE1 1 
ATOM   875  C CE2 . TRP A 1 112 ? -11.033 -3.649  0.606   1.00 17.06 ? 112 TRP A CE2 1 
ATOM   876  C CE3 . TRP A 1 112 ? -12.101 -1.482  0.519   1.00 14.12 ? 112 TRP A CE3 1 
ATOM   877  C CZ2 . TRP A 1 112 ? -12.013 -4.171  1.448   1.00 17.48 ? 112 TRP A CZ2 1 
ATOM   878  C CZ3 . TRP A 1 112 ? -13.072 -1.980  1.374   1.00 16.19 ? 112 TRP A CZ3 1 
ATOM   879  C CH2 . TRP A 1 112 ? -13.018 -3.294  1.840   1.00 16.78 ? 112 TRP A CH2 1 
ATOM   880  N N   . ARG A 1 113 ? -12.162 0.076   -2.948  1.00 16.53 ? 113 ARG A N   1 
ATOM   881  C CA  . ARG A 1 113 ? -13.628 0.146   -3.095  1.00 16.21 ? 113 ARG A CA  1 
ATOM   882  C C   . ARG A 1 113 ? -14.144 -0.377  -4.424  1.00 15.92 ? 113 ARG A C   1 
ATOM   883  O O   . ARG A 1 113 ? -15.129 -1.128  -4.481  1.00 15.49 ? 113 ARG A O   1 
ATOM   884  C CB  . ARG A 1 113 ? -14.095 1.605   -2.986  1.00 16.48 ? 113 ARG A CB  1 
ATOM   885  C CG  . ARG A 1 113 ? -13.889 2.217   -1.607  1.00 18.80 ? 113 ARG A CG  1 
ATOM   886  C CD  . ARG A 1 113 ? -14.348 3.667   -1.729  1.00 21.71 ? 113 ARG A CD  1 
ATOM   887  N NE  . ARG A 1 113 ? -13.716 4.403   -0.647  1.00 24.42 ? 113 ARG A NE  1 
ATOM   888  C CZ  . ARG A 1 113 ? -13.989 5.708   -0.519  1.00 27.81 ? 113 ARG A CZ  1 
ATOM   889  N NH1 . ARG A 1 113 ? -14.757 6.292   -1.421  1.00 27.74 ? 113 ARG A NH1 1 
ATOM   890  N NH2 . ARG A 1 113 ? -13.534 6.319   0.575   1.00 29.68 ? 113 ARG A NH2 1 
ATOM   891  N N   . ASN A 1 114 ? -13.488 0.002   -5.516  1.00 16.20 ? 114 ASN A N   1 
ATOM   892  C CA  . ASN A 1 114 ? -13.899 -0.381  -6.871  1.00 16.68 ? 114 ASN A CA  1 
ATOM   893  C C   . ASN A 1 114 ? -13.731 -1.846  -7.206  1.00 15.61 ? 114 ASN A C   1 
ATOM   894  O O   . ASN A 1 114 ? -14.574 -2.548  -7.805  1.00 15.43 ? 114 ASN A O   1 
ATOM   895  C CB  . ASN A 1 114 ? -13.114 0.456   -7.910  1.00 16.54 ? 114 ASN A CB  1 
ATOM   896  C CG  . ASN A 1 114 ? -13.238 1.941   -7.705  1.00 17.80 ? 114 ASN A CG  1 
ATOM   897  O OD1 . ASN A 1 114 ? -14.158 2.393   -7.045  1.00 20.41 ? 114 ASN A OD1 1 
ATOM   898  N ND2 . ASN A 1 114 ? -12.321 2.724   -8.242  1.00 19.14 ? 114 ASN A ND2 1 
ATOM   899  N N   . ARG A 1 115 ? -12.536 -2.306  -6.831  1.00 15.87 ? 115 ARG A N   1 
ATOM   900  C CA  . ARG A 1 115 ? -12.084 -3.656  -7.163  1.00 14.75 ? 115 ARG A CA  1 
ATOM   901  C C   . ARG A 1 115 ? -12.032 -4.730  -6.095  1.00 14.69 ? 115 ARG A C   1 
ATOM   902  O O   . ARG A 1 115 ? -11.812 -5.898  -6.521  1.00 14.38 ? 115 ARG A O   1 
ATOM   903  C CB  . ARG A 1 115 ? -10.618 -3.534  -7.664  1.00 17.22 ? 115 ARG A CB  1 
ATOM   904  C CG  . ARG A 1 115 ? -10.483 -2.542  -8.820  1.00 20.10 ? 115 ARG A CG  1 
ATOM   905  C CD  . ARG A 1 115 ? -10.082 -3.251  -10.080 1.00 21.55 ? 115 ARG A CD  1 
ATOM   906  N NE  . ARG A 1 115 ? -9.931  -2.218  -11.125 1.00 23.72 ? 115 ARG A NE  1 
ATOM   907  C CZ  . ARG A 1 115 ? -10.059 -2.587  -12.407 1.00 24.15 ? 115 ARG A CZ  1 
ATOM   908  N NH1 . ARG A 1 115 ? -10.301 -3.836  -12.769 1.00 24.75 ? 115 ARG A NH1 1 
ATOM   909  N NH2 . ARG A 1 115 ? -9.936  -1.641  -13.333 1.00 27.14 ? 115 ARG A NH2 1 
ATOM   910  N N   . CYS A 1 116 ? -12.166 -4.344  -4.847  1.00 12.97 ? 116 CYS A N   1 
ATOM   911  C CA  . CYS A 1 116 ? -12.055 -5.361  -3.780  1.00 13.37 ? 116 CYS A CA  1 
ATOM   912  C C   . CYS A 1 116 ? -13.252 -5.443  -2.850  1.00 12.70 ? 116 CYS A C   1 
ATOM   913  O O   . CYS A 1 116 ? -13.528 -6.614  -2.522  1.00 12.43 ? 116 CYS A O   1 
ATOM   914  C CB  . CYS A 1 116 ? -10.769 -5.098  -2.962  1.00 12.05 ? 116 CYS A CB  1 
ATOM   915  S SG  . CYS A 1 116 ? -9.254  -4.947  -3.942  1.00 12.52 ? 116 CYS A SG  1 
ATOM   916  N N   . GLN A 1 117 ? -13.806 -4.362  -2.375  1.00 13.13 ? 117 GLN A N   1 
ATOM   917  C CA  . GLN A 1 117 ? -14.941 -4.405  -1.420  1.00 14.78 ? 117 GLN A CA  1 
ATOM   918  C C   . GLN A 1 117 ? -16.139 -5.196  -1.950  1.00 15.53 ? 117 GLN A C   1 
ATOM   919  O O   . GLN A 1 117 ? -16.538 -5.078  -3.122  1.00 11.99 ? 117 GLN A O   1 
ATOM   920  C CB  . GLN A 1 117 ? -15.321 -2.985  -1.060  1.00 17.38 ? 117 GLN A CB  1 
ATOM   921  C CG  . GLN A 1 117 ? -16.618 -2.659  -0.345  1.00 18.98 ? 117 GLN A CG  1 
ATOM   922  C CD  . GLN A 1 117 ? -16.736 -1.142  -0.286  1.00 20.84 ? 117 GLN A CD  1 
ATOM   923  O OE1 . GLN A 1 117 ? -15.978 -0.498  0.433   1.00 23.52 ? 117 GLN A OE1 1 
ATOM   924  N NE2 . GLN A 1 117 ? -17.576 -0.524  -1.110  1.00 23.60 ? 117 GLN A NE2 1 
ATOM   925  N N   . ASN A 1 118 ? -16.702 -5.982  -1.040  1.00 16.85 ? 118 ASN A N   1 
ATOM   926  C CA  . ASN A 1 118 ? -17.883 -6.811  -1.279  1.00 19.49 ? 118 ASN A CA  1 
ATOM   927  C C   . ASN A 1 118 ? -17.611 -7.785  -2.425  1.00 18.81 ? 118 ASN A C   1 
ATOM   928  O O   . ASN A 1 118 ? -18.446 -8.078  -3.297  1.00 22.47 ? 118 ASN A O   1 
ATOM   929  C CB  . ASN A 1 118 ? -19.172 -6.010  -1.443  1.00 22.23 ? 118 ASN A CB  1 
ATOM   930  C CG  . ASN A 1 118 ? -19.507 -5.073  -0.298  1.00 25.30 ? 118 ASN A CG  1 
ATOM   931  O OD1 . ASN A 1 118 ? -19.554 -5.447  0.896   1.00 26.54 ? 118 ASN A OD1 1 
ATOM   932  N ND2 . ASN A 1 118 ? -19.743 -3.794  -0.633  1.00 25.79 ? 118 ASN A ND2 1 
ATOM   933  N N   . ARG A 1 119 ? -16.400 -8.308  -2.431  1.00 17.15 ? 119 ARG A N   1 
ATOM   934  C CA  . ARG A 1 119 ? -16.030 -9.292  -3.464  1.00 15.92 ? 119 ARG A CA  1 
ATOM   935  C C   . ARG A 1 119 ? -15.371 -10.513 -2.861  1.00 13.88 ? 119 ARG A C   1 
ATOM   936  O O   . ARG A 1 119 ? -14.752 -10.397 -1.808  1.00 15.22 ? 119 ARG A O   1 
ATOM   937  C CB  . ARG A 1 119 ? -14.991 -8.669  -4.390  1.00 17.43 ? 119 ARG A CB  1 
ATOM   938  C CG  . ARG A 1 119 ? -15.387 -7.358  -5.042  1.00 20.67 ? 119 ARG A CG  1 
ATOM   939  C CD  . ARG A 1 119 ? -15.377 -7.597  -6.508  1.00 21.85 ? 119 ARG A CD  1 
ATOM   940  N NE  . ARG A 1 119 ? -15.276 -6.348  -7.231  1.00 21.96 ? 119 ARG A NE  1 
ATOM   941  C CZ  . ARG A 1 119 ? -15.332 -6.275  -8.563  1.00 21.63 ? 119 ARG A CZ  1 
ATOM   942  N NH1 . ARG A 1 119 ? -15.438 -7.377  -9.284  1.00 21.44 ? 119 ARG A NH1 1 
ATOM   943  N NH2 . ARG A 1 119 ? -15.277 -5.085  -9.134  1.00 21.93 ? 119 ARG A NH2 1 
ATOM   944  N N   . ASP A 1 120 ? -15.435 -11.617 -3.565  1.00 13.95 ? 120 ASP A N   1 
ATOM   945  C CA  . ASP A 1 120 ? -14.758 -12.855 -3.192  1.00 14.80 ? 120 ASP A CA  1 
ATOM   946  C C   . ASP A 1 120 ? -13.274 -12.647 -3.549  1.00 13.51 ? 120 ASP A C   1 
ATOM   947  O O   . ASP A 1 120 ? -12.879 -12.869 -4.719  1.00 13.46 ? 120 ASP A O   1 
ATOM   948  C CB  . ASP A 1 120 ? -15.356 -14.040 -3.947  1.00 15.15 ? 120 ASP A CB  1 
ATOM   949  C CG  . ASP A 1 120 ? -14.686 -15.346 -3.542  1.00 15.94 ? 120 ASP A CG  1 
ATOM   950  O OD1 . ASP A 1 120 ? -13.800 -15.352 -2.677  1.00 16.33 ? 120 ASP A OD1 1 
ATOM   951  O OD2 . ASP A 1 120 ? -15.111 -16.377 -4.085  1.00 17.72 ? 120 ASP A OD2 1 
ATOM   952  N N   . VAL A 1 121 ? -12.477 -12.294 -2.539  1.00 13.32 ? 121 VAL A N   1 
ATOM   953  C CA  . VAL A 1 121 ? -11.024 -12.072 -2.811  1.00 13.65 ? 121 VAL A CA  1 
ATOM   954  C C   . VAL A 1 121 ? -10.111 -13.243 -2.467  1.00 13.40 ? 121 VAL A C   1 
ATOM   955  O O   . VAL A 1 121 ? -8.883  -13.102 -2.328  1.00 13.15 ? 121 VAL A O   1 
ATOM   956  C CB  . VAL A 1 121 ? -10.582 -10.790 -2.105  1.00 13.07 ? 121 VAL A CB  1 
ATOM   957  C CG1 . VAL A 1 121 ? -11.094 -9.522  -2.767  1.00 14.40 ? 121 VAL A CG1 1 
ATOM   958  C CG2 . VAL A 1 121 ? -10.972 -10.853 -0.615  1.00 15.14 ? 121 VAL A CG2 1 
ATOM   959  N N   . ARG A 1 122 ? -10.661 -14.434 -2.391  1.00 13.84 ? 122 ARG A N   1 
ATOM   960  C CA  . ARG A 1 122 ? -9.900  -15.642 -2.056  1.00 15.20 ? 122 ARG A CA  1 
ATOM   961  C C   . ARG A 1 122 ? -8.835  -15.943 -3.083  1.00 14.55 ? 122 ARG A C   1 
ATOM   962  O O   . ARG A 1 122 ? -7.754  -16.472 -2.696  1.00 14.49 ? 122 ARG A O   1 
ATOM   963  C CB  . ARG A 1 122 ? -10.826 -16.833 -1.733  1.00 15.47 ? 122 ARG A CB  1 
ATOM   964  C CG  . ARG A 1 122 ? -11.565 -16.611 -0.409  1.00 19.44 ? 122 ARG A CG  1 
ATOM   965  C CD  . ARG A 1 122 ? -12.603 -17.689 -0.181  1.00 20.74 ? 122 ARG A CD  1 
ATOM   966  N NE  . ARG A 1 122 ? -13.650 -17.625 -1.196  1.00 21.60 ? 122 ARG A NE  1 
ATOM   967  C CZ  . ARG A 1 122 ? -14.483 -18.646 -1.445  1.00 22.84 ? 122 ARG A CZ  1 
ATOM   968  N NH1 . ARG A 1 122 ? -14.385 -19.822 -0.838  1.00 22.57 ? 122 ARG A NH1 1 
ATOM   969  N NH2 . ARG A 1 122 ? -15.538 -18.480 -2.252  1.00 23.13 ? 122 ARG A NH2 1 
ATOM   970  N N   . GLN A 1 123 ? -9.131  -15.644 -4.331  1.00 14.47 ? 123 GLN A N   1 
ATOM   971  C CA  . GLN A 1 123 ? -8.210  -15.898 -5.440  1.00 16.45 ? 123 GLN A CA  1 
ATOM   972  C C   . GLN A 1 123 ? -6.817  -15.302 -5.210  1.00 15.69 ? 123 GLN A C   1 
ATOM   973  O O   . GLN A 1 123 ? -5.814  -15.954 -5.565  1.00 15.60 ? 123 GLN A O   1 
ATOM   974  C CB  . GLN A 1 123 ? -8.819  -15.478 -6.772  1.00 18.35 ? 123 GLN A CB  1 
ATOM   975  C CG  . GLN A 1 123 ? -9.146  -14.004 -6.905  1.00 21.27 ? 123 GLN A CG  1 
ATOM   976  C CD  . GLN A 1 123 ? -9.451  -13.610 -8.328  1.00 23.88 ? 123 GLN A CD  1 
ATOM   977  O OE1 . GLN A 1 123 ? -8.918  -14.204 -9.274  1.00 27.01 ? 123 GLN A OE1 1 
ATOM   978  N NE2 . GLN A 1 123 ? -10.335 -12.636 -8.491  1.00 24.77 ? 123 GLN A NE2 1 
ATOM   979  N N   . TYR A 1 124 ? -6.722  -14.146 -4.592  1.00 15.46 ? 124 TYR A N   1 
ATOM   980  C CA  . TYR A 1 124 ? -5.388  -13.520 -4.359  1.00 15.71 ? 124 TYR A CA  1 
ATOM   981  C C   . TYR A 1 124 ? -4.483  -14.294 -3.434  1.00 16.42 ? 124 TYR A C   1 
ATOM   982  O O   . TYR A 1 124 ? -3.232  -14.101 -3.515  1.00 17.62 ? 124 TYR A O   1 
ATOM   983  C CB  . TYR A 1 124 ? -5.537  -12.054 -3.935  1.00 14.27 ? 124 TYR A CB  1 
ATOM   984  C CG  . TYR A 1 124 ? -6.319  -11.230 -4.943  1.00 15.49 ? 124 TYR A CG  1 
ATOM   985  C CD1 . TYR A 1 124 ? -5.770  -10.787 -6.137  1.00 16.07 ? 124 TYR A CD1 1 
ATOM   986  C CD2 . TYR A 1 124 ? -7.654  -10.898 -4.668  1.00 16.16 ? 124 TYR A CD2 1 
ATOM   987  C CE1 . TYR A 1 124 ? -6.539  -10.031 -7.022  1.00 14.60 ? 124 TYR A CE1 1 
ATOM   988  C CE2 . TYR A 1 124 ? -8.440  -10.165 -5.534  1.00 14.06 ? 124 TYR A CE2 1 
ATOM   989  C CZ  . TYR A 1 124 ? -7.870  -9.744  -6.719  1.00 14.68 ? 124 TYR A CZ  1 
ATOM   990  O OH  . TYR A 1 124 ? -8.650  -9.010  -7.596  1.00 13.95 ? 124 TYR A OH  1 
ATOM   991  N N   . VAL A 1 125 ? -4.973  -15.210 -2.623  1.00 16.00 ? 125 VAL A N   1 
ATOM   992  C CA  . VAL A 1 125 ? -4.117  -15.966 -1.715  1.00 16.70 ? 125 VAL A CA  1 
ATOM   993  C C   . VAL A 1 125 ? -4.246  -17.477 -1.907  1.00 16.92 ? 125 VAL A C   1 
ATOM   994  O O   . VAL A 1 125 ? -3.546  -18.176 -1.163  1.00 16.99 ? 125 VAL A O   1 
ATOM   995  C CB  . VAL A 1 125 ? -4.326  -15.613 -0.235  1.00 15.71 ? 125 VAL A CB  1 
ATOM   996  C CG1 . VAL A 1 125 ? -3.955  -14.192 0.182   1.00 13.83 ? 125 VAL A CG1 1 
ATOM   997  C CG2 . VAL A 1 125 ? -5.723  -15.981 0.266   1.00 16.34 ? 125 VAL A CG2 1 
ATOM   998  N N   . GLN A 1 126 ? -5.113  -17.935 -2.780  1.00 18.73 ? 126 GLN A N   1 
ATOM   999  C CA  . GLN A 1 126 ? -5.310  -19.403 -2.927  1.00 21.28 ? 126 GLN A CA  1 
ATOM   1000 C C   . GLN A 1 126 ? -4.011  -20.062 -3.348  1.00 21.85 ? 126 GLN A C   1 
ATOM   1001 O O   . GLN A 1 126 ? -3.333  -19.589 -4.294  1.00 23.62 ? 126 GLN A O   1 
ATOM   1002 C CB  . GLN A 1 126 ? -6.495  -19.690 -3.825  1.00 24.60 ? 126 GLN A CB  1 
ATOM   1003 C CG  . GLN A 1 126 ? -6.277  -20.089 -5.271  1.00 30.15 ? 126 GLN A CG  1 
ATOM   1004 C CD  . GLN A 1 126 ? -7.471  -19.622 -6.112  1.00 33.27 ? 126 GLN A CD  1 
ATOM   1005 O OE1 . GLN A 1 126 ? -8.639  -19.866 -5.775  1.00 35.77 ? 126 GLN A OE1 1 
ATOM   1006 N NE2 . GLN A 1 126 ? -7.204  -18.898 -7.205  1.00 33.53 ? 126 GLN A NE2 1 
ATOM   1007 N N   . GLY A 1 127 ? -3.674  -21.149 -2.657  1.00 20.94 ? 127 GLY A N   1 
ATOM   1008 C CA  . GLY A 1 127 ? -2.495  -21.957 -2.885  1.00 20.35 ? 127 GLY A CA  1 
ATOM   1009 C C   . GLY A 1 127 ? -1.185  -21.376 -2.404  1.00 19.23 ? 127 GLY A C   1 
ATOM   1010 O O   . GLY A 1 127 ? -0.103  -21.893 -2.780  1.00 19.81 ? 127 GLY A O   1 
ATOM   1011 N N   . CYS A 1 128 ? -1.201  -20.322 -1.606  1.00 18.84 ? 128 CYS A N   1 
ATOM   1012 C CA  . CYS A 1 128 ? 0.046   -19.701 -1.140  1.00 17.03 ? 128 CYS A CA  1 
ATOM   1013 C C   . CYS A 1 128 ? 0.578   -20.251 0.166   1.00 18.47 ? 128 CYS A C   1 
ATOM   1014 O O   . CYS A 1 128 ? 1.707   -19.867 0.514   1.00 17.64 ? 128 CYS A O   1 
ATOM   1015 C CB  . CYS A 1 128 ? -0.070  -18.182 -1.079  1.00 15.02 ? 128 CYS A CB  1 
ATOM   1016 S SG  . CYS A 1 128 ? -0.413  -17.408 -2.644  1.00 14.91 ? 128 CYS A SG  1 
ATOM   1017 N N   . GLY A 1 129 ? -0.194  -21.031 0.886   1.00 18.49 ? 129 GLY A N   1 
ATOM   1018 C CA  . GLY A 1 129 ? 0.232   -21.621 2.157   1.00 20.35 ? 129 GLY A CA  1 
ATOM   1019 C C   . GLY A 1 129 ? 0.159   -20.652 3.327   1.00 21.49 ? 129 GLY A C   1 
ATOM   1020 O O   . GLY A 1 129 ? 0.948   -20.723 4.303   1.00 22.85 ? 129 GLY A O   1 
ATOM   1021 N N   . VAL A 1 130 ? -0.737  -19.712 3.231   1.00 20.71 ? 130 VAL A N   1 
ATOM   1022 C CA  . VAL A 1 130 ? -0.968  -18.702 4.263   1.00 21.84 ? 130 VAL A CA  1 
ATOM   1023 C C   . VAL A 1 130 ? -2.396  -18.892 4.818   1.00 23.19 ? 130 VAL A C   1 
ATOM   1024 O O   . VAL A 1 130 ? -3.183  -19.664 4.206   1.00 23.19 ? 130 VAL A O   1 
ATOM   1025 C CB  . VAL A 1 130 ? -0.741  -17.295 3.693   1.00 20.04 ? 130 VAL A CB  1 
ATOM   1026 C CG1 . VAL A 1 130 ? 0.636   -17.058 3.062   1.00 20.76 ? 130 VAL A CG1 1 
ATOM   1027 C CG2 . VAL A 1 130 ? -1.860  -16.996 2.700   1.00 20.60 ? 130 VAL A CG2 1 
ATOM   1028 O OXT . VAL A 1 130 ? -2.694  -18.193 5.799   1.00 26.08 ? 130 VAL A OXT 1 
HETATM 1029 C C   . SC2 B 2 .   ? 5.646   8.342   9.061   1.00 16.34 ? 200 SC2 A C   1 
HETATM 1030 C CB  . SC2 B 2 .   ? 4.460   7.087   7.233   1.00 14.82 ? 200 SC2 A CB  1 
HETATM 1031 C CT  . SC2 B 2 .   ? 2.779   9.903   8.887   1.00 19.38 ? 200 SC2 A CT  1 
HETATM 1032 C CA  . SC2 B 2 .   ? 4.297   8.014   8.445   1.00 15.27 ? 200 SC2 A CA  1 
HETATM 1033 N N   . SC2 B 2 .   ? 3.551   9.169   8.091   1.00 17.42 ? 200 SC2 A N   1 
HETATM 1034 O OXT . SC2 B 2 .   ? 5.979   9.554   9.141   1.00 19.04 ? 200 SC2 A OXT 1 
HETATM 1035 O O   . SC2 B 2 .   ? 6.326   7.384   9.475   1.00 14.94 ? 200 SC2 A O   1 
HETATM 1036 O OT  . SC2 B 2 .   ? 2.645   9.599   10.087  1.00 19.95 ? 200 SC2 A OT  1 
HETATM 1037 C CM  . SC2 B 2 .   ? 2.096   11.100  8.296   1.00 18.90 ? 200 SC2 A CM  1 
HETATM 1038 S SG  . SC2 B 2 .   ? 2.837   6.456   6.762   1.00 14.29 ? 200 SC2 A SG  1 
HETATM 1039 O O   . HOH C 3 .   ? -14.966 -8.631  -12.450 1.00 35.00 ? 210 HOH A O   1 
HETATM 1040 O O   . HOH C 3 .   ? -13.107 -17.753 -5.136  1.00 30.90 ? 211 HOH A O   1 
HETATM 1041 O O   . HOH C 3 .   ? -3.844  -7.661  -14.378 1.00 41.16 ? 212 HOH A O   1 
HETATM 1042 O O   . HOH C 3 .   ? 2.314   -13.304 -9.855  1.00 18.75 ? 213 HOH A O   1 
HETATM 1043 O O   . HOH C 3 .   ? 3.026   -17.033 -7.086  1.00 19.17 ? 214 HOH A O   1 
HETATM 1044 O O   . HOH C 3 .   ? 8.232   -11.237 -10.809 1.00 37.49 ? 215 HOH A O   1 
HETATM 1045 O O   . HOH C 3 .   ? -3.030  -11.806 -8.944  1.00 14.36 ? 216 HOH A O   1 
HETATM 1046 O O   . HOH C 3 .   ? 6.284   -18.338 -4.694  1.00 32.68 ? 217 HOH A O   1 
HETATM 1047 O O   . HOH C 3 .   ? 3.759   -11.107 -10.042 1.00 27.39 ? 218 HOH A O   1 
HETATM 1048 O O   . HOH C 3 .   ? -2.170  -23.437 0.886   1.00 18.03 ? 219 HOH A O   1 
HETATM 1049 O O   . HOH C 3 .   ? -16.775 -11.400 -6.540  1.00 14.70 ? 220 HOH A O   1 
HETATM 1050 O O   . HOH C 3 .   ? 3.816   -5.841  -12.439 1.00 30.25 ? 221 HOH A O   1 
HETATM 1051 O O   . HOH C 3 .   ? -11.379 -8.959  -6.703  1.00 23.96 ? 222 HOH A O   1 
HETATM 1052 O O   . HOH C 3 .   ? 11.724  -8.005  -10.495 1.00 11.38 ? 223 HOH A O   1 
HETATM 1053 O O   . HOH C 3 .   ? 3.502   -2.866  -12.554 1.00 40.20 ? 224 HOH A O   1 
HETATM 1054 O O   . HOH C 3 .   ? -3.433  -19.653 0.832   1.00 29.83 ? 225 HOH A O   1 
HETATM 1055 O O   . HOH C 3 .   ? 8.778   -16.831 -0.993  1.00 31.67 ? 226 HOH A O   1 
HETATM 1056 O O   . HOH C 3 .   ? 11.643  0.731   -14.323 1.00 28.10 ? 227 HOH A O   1 
HETATM 1057 O O   . HOH C 3 .   ? -6.950  -14.055 3.865   1.00 10.07 ? 228 HOH A O   1 
HETATM 1058 O O   . HOH C 3 .   ? 10.773  -12.009 -0.366  1.00 44.82 ? 229 HOH A O   1 
HETATM 1059 O O   . HOH C 3 .   ? -13.235 -7.660  0.259   1.00 15.53 ? 230 HOH A O   1 
HETATM 1060 O O   . HOH C 3 .   ? -5.769  -15.077 5.864   1.00 30.56 ? 231 HOH A O   1 
HETATM 1061 O O   . HOH C 3 .   ? 3.275   8.872   -13.465 1.00 22.33 ? 232 HOH A O   1 
HETATM 1062 O O   . HOH C 3 .   ? 12.423  -1.437  -5.543  1.00 23.15 ? 233 HOH A O   1 
HETATM 1063 O O   . HOH C 3 .   ? 10.488  -7.390  1.899   1.00 18.85 ? 234 HOH A O   1 
HETATM 1064 O O   . HOH C 3 .   ? -11.047 -8.157  6.012   1.00 12.01 ? 235 HOH A O   1 
HETATM 1065 O O   . HOH C 3 .   ? 15.997  -2.472  -1.022  1.00 23.13 ? 236 HOH A O   1 
HETATM 1066 O O   . HOH C 3 .   ? 9.007   -0.651  -0.597  1.00 11.86 ? 237 HOH A O   1 
HETATM 1067 O O   . HOH C 3 .   ? 3.963   1.567   -0.868  1.00 9.59  ? 238 HOH A O   1 
HETATM 1068 O O   . HOH C 3 .   ? 0.066   -11.519 9.725   1.00 18.52 ? 239 HOH A O   1 
HETATM 1069 O O   . HOH C 3 .   ? 11.000  14.335  -9.903  1.00 30.61 ? 240 HOH A O   1 
HETATM 1070 O O   . HOH C 3 .   ? 8.679   11.484  -7.521  1.00 20.90 ? 241 HOH A O   1 
HETATM 1071 O O   . HOH C 3 .   ? -17.126 8.085   -2.179  1.00 46.95 ? 242 HOH A O   1 
HETATM 1072 O O   . HOH C 3 .   ? 9.658   -0.110  2.084   1.00 11.91 ? 243 HOH A O   1 
HETATM 1073 O O   . HOH C 3 .   ? -5.106  5.968   0.443   1.00 28.70 ? 244 HOH A O   1 
HETATM 1074 O O   . HOH C 3 .   ? 11.958  -0.877  4.044   1.00 15.99 ? 245 HOH A O   1 
HETATM 1075 O O   . HOH C 3 .   ? -2.189  6.916   0.111   1.00 24.30 ? 246 HOH A O   1 
HETATM 1076 O O   . HOH C 3 .   ? 5.855   18.128  -9.950  1.00 32.16 ? 247 HOH A O   1 
HETATM 1077 O O   . HOH C 3 .   ? 13.658  -1.613  6.597   1.00 27.86 ? 248 HOH A O   1 
HETATM 1078 O O   . HOH C 3 .   ? 5.063   14.718  -5.607  1.00 20.51 ? 249 HOH A O   1 
HETATM 1079 O O   . HOH C 3 .   ? -5.110  7.621   2.923   1.00 35.93 ? 250 HOH A O   1 
HETATM 1080 O O   . HOH C 3 .   ? 13.089  3.579   7.218   1.00 41.47 ? 251 HOH A O   1 
HETATM 1081 O O   . HOH C 3 .   ? 5.694   15.636  0.586   1.00 18.49 ? 252 HOH A O   1 
HETATM 1082 O O   . HOH C 3 .   ? 2.653   1.676   11.757  1.00 30.35 ? 253 HOH A O   1 
HETATM 1083 O O   . HOH C 3 .   ? 6.366   18.177  -0.057  1.00 20.15 ? 254 HOH A O   1 
HETATM 1084 O O   . HOH C 3 .   ? 13.219  8.732   6.294   1.00 7.39  ? 255 HOH A O   1 
HETATM 1085 O O   . HOH C 3 .   ? 11.822  13.120  5.033   1.00 16.28 ? 256 HOH A O   1 
HETATM 1086 O O   . HOH C 3 .   ? 2.867   24.493  0.437   1.00 28.19 ? 257 HOH A O   1 
HETATM 1087 O O   . HOH C 3 .   ? 3.209   3.095   16.078  1.00 28.55 ? 258 HOH A O   1 
HETATM 1088 O O   . HOH C 3 .   ? 3.410   17.507  8.705   1.00 31.14 ? 259 HOH A O   1 
HETATM 1089 O O   . HOH C 3 .   ? 7.740   12.285  12.462  1.00 28.55 ? 260 HOH A O   1 
HETATM 1090 O O   . HOH C 3 .   ? 7.149   -19.011 -9.214  1.00 39.10 ? 261 HOH A O   1 
HETATM 1091 O O   . HOH C 3 .   ? -6.753  -10.433 -10.300 1.00 37.63 ? 262 HOH A O   1 
HETATM 1092 O O   . HOH C 3 .   ? -2.467  -3.998  -11.495 1.00 33.75 ? 263 HOH A O   1 
HETATM 1093 O O   . HOH C 3 .   ? 10.447  -2.999  -9.804  1.00 23.56 ? 264 HOH A O   1 
HETATM 1094 O O   . HOH C 3 .   ? -9.485  0.888   -10.151 1.00 18.48 ? 265 HOH A O   1 
HETATM 1095 O O   . HOH C 3 .   ? 15.634  -5.721  -7.612  1.00 22.34 ? 266 HOH A O   1 
HETATM 1096 O O   . HOH C 3 .   ? 14.406  -3.679  -8.409  1.00 38.53 ? 267 HOH A O   1 
HETATM 1097 O O   . HOH C 3 .   ? 2.941   -19.094 5.448   1.00 39.22 ? 268 HOH A O   1 
HETATM 1098 O O   . HOH C 3 .   ? 15.462  -7.905  -4.243  1.00 37.29 ? 269 HOH A O   1 
HETATM 1099 O O   . HOH C 3 .   ? -17.707 -1.867  -4.326  1.00 42.06 ? 270 HOH A O   1 
HETATM 1100 O O   . HOH C 3 .   ? 7.252   -16.928 5.056   1.00 47.40 ? 271 HOH A O   1 
HETATM 1101 O O   . HOH C 3 .   ? -1.526  4.426   -9.664  1.00 37.56 ? 272 HOH A O   1 
HETATM 1102 O O   . HOH C 3 .   ? 4.767   -16.304 5.769   1.00 37.90 ? 273 HOH A O   1 
HETATM 1103 O O   . HOH C 3 .   ? 11.980  -7.957  -1.095  1.00 25.76 ? 274 HOH A O   1 
HETATM 1104 O O   . HOH C 3 .   ? -1.841  5.769   -7.828  1.00 32.95 ? 275 HOH A O   1 
HETATM 1105 O O   . HOH C 3 .   ? -6.515  4.137   -5.191  1.00 15.37 ? 276 HOH A O   1 
HETATM 1106 O O   . HOH C 3 .   ? 9.738   9.298   -9.247  1.00 28.74 ? 277 HOH A O   1 
HETATM 1107 O O   . HOH C 3 .   ? 6.645   0.083   -1.950  1.00 19.35 ? 278 HOH A O   1 
HETATM 1108 O O   . HOH C 3 .   ? -17.964 2.314   -0.965  1.00 40.48 ? 279 HOH A O   1 
HETATM 1109 O O   . HOH C 3 .   ? 11.550  11.618  -10.419 1.00 24.06 ? 280 HOH A O   1 
HETATM 1110 O O   . HOH C 3 .   ? -7.169  6.667   -3.400  1.00 23.64 ? 281 HOH A O   1 
HETATM 1111 O O   . HOH C 3 .   ? 6.672   12.275  -9.052  1.00 26.64 ? 282 HOH A O   1 
HETATM 1112 O O   . HOH C 3 .   ? 6.519   15.337  -10.497 1.00 36.91 ? 283 HOH A O   1 
HETATM 1113 O O   . HOH C 3 .   ? 14.463  4.092   -2.798  1.00 25.73 ? 284 HOH A O   1 
HETATM 1114 O O   . HOH C 3 .   ? 14.767  6.862   -3.931  1.00 29.76 ? 285 HOH A O   1 
HETATM 1115 O O   . HOH C 3 .   ? -1.698  -9.465  12.579  1.00 29.51 ? 286 HOH A O   1 
HETATM 1116 O O   . HOH C 3 .   ? 4.712   17.995  -7.061  1.00 32.14 ? 287 HOH A O   1 
HETATM 1117 O O   . HOH C 3 .   ? -3.474  13.900  -2.413  1.00 30.39 ? 288 HOH A O   1 
HETATM 1118 O O   . HOH C 3 .   ? 7.210   -3.364  9.061   1.00 28.13 ? 289 HOH A O   1 
HETATM 1119 O O   . HOH C 3 .   ? -0.171  -7.479  13.438  1.00 30.04 ? 290 HOH A O   1 
HETATM 1120 O O   . HOH C 3 .   ? 5.000   -3.207  10.740  1.00 21.87 ? 291 HOH A O   1 
HETATM 1121 O O   . HOH C 3 .   ? -7.459  5.320   6.565   1.00 30.09 ? 292 HOH A O   1 
HETATM 1122 O O   . HOH C 3 .   ? 4.604   -0.691  12.306  1.00 33.83 ? 293 HOH A O   1 
HETATM 1123 O O   . HOH C 3 .   ? 6.073   21.972  -1.293  1.00 42.28 ? 294 HOH A O   1 
HETATM 1124 O O   . HOH C 3 .   ? 10.829  9.843   10.056  1.00 39.17 ? 295 HOH A O   1 
HETATM 1125 O O   . HOH C 3 .   ? -1.898  6.251   15.693  1.00 34.05 ? 296 HOH A O   1 
HETATM 1126 O O   . HOH C 3 .   ? 4.628   -20.089 -8.322  1.00 27.74 ? 297 HOH A O   1 
HETATM 1127 O O   . HOH C 3 .   ? 0.531   -24.590 -3.019  1.00 32.99 ? 298 HOH A O   1 
HETATM 1128 O O   . HOH C 3 .   ? -15.766 -21.409 -3.334  1.00 38.62 ? 299 HOH A O   1 
HETATM 1129 O O   . HOH C 3 .   ? -9.828  -10.529 -10.439 1.00 36.14 ? 300 HOH A O   1 
HETATM 1130 O O   . HOH C 3 .   ? 10.739  -14.577 -8.350  1.00 38.71 ? 301 HOH A O   1 
HETATM 1131 O O   . HOH C 3 .   ? -7.113  1.214   -17.200 1.00 50.93 ? 302 HOH A O   1 
HETATM 1132 O O   . HOH C 3 .   ? -11.181 -6.220  -11.593 1.00 38.33 ? 303 HOH A O   1 
HETATM 1133 O O   . HOH C 3 .   ? -12.394 -11.257 -6.944  1.00 41.35 ? 304 HOH A O   1 
HETATM 1134 O O   . HOH C 3 .   ? -0.025  -3.302  -13.253 1.00 34.27 ? 305 HOH A O   1 
HETATM 1135 O O   . HOH C 3 .   ? -10.481 1.440   -14.690 1.00 41.25 ? 306 HOH A O   1 
HETATM 1136 O O   . HOH C 3 .   ? 10.234  -10.914 -7.292  1.00 41.06 ? 307 HOH A O   1 
HETATM 1137 O O   . HOH C 3 .   ? -3.875  -1.284  -12.187 1.00 37.03 ? 308 HOH A O   1 
HETATM 1138 O O   . HOH C 3 .   ? 14.071  -9.956  -3.621  1.00 38.45 ? 309 HOH A O   1 
HETATM 1139 O O   . HOH C 3 .   ? -4.989  2.954   -8.301  1.00 42.76 ? 310 HOH A O   1 
HETATM 1140 O O   . HOH C 3 .   ? 17.322  -4.812  -4.023  1.00 44.85 ? 311 HOH A O   1 
HETATM 1141 O O   . HOH C 3 .   ? 13.563  1.641   -6.808  1.00 39.34 ? 312 HOH A O   1 
HETATM 1142 O O   . HOH C 3 .   ? 14.479  -7.939  1.951   1.00 36.62 ? 313 HOH A O   1 
HETATM 1143 O O   . HOH C 3 .   ? 10.654  -7.940  4.446   1.00 35.57 ? 314 HOH A O   1 
HETATM 1144 O O   . HOH C 3 .   ? -15.243 5.338   3.073   1.00 42.08 ? 315 HOH A O   1 
HETATM 1145 O O   . HOH C 3 .   ? -8.882  8.454   0.629   1.00 39.70 ? 316 HOH A O   1 
HETATM 1146 O O   . HOH C 3 .   ? -1.016  6.054   2.015   1.00 43.28 ? 317 HOH A O   1 
HETATM 1147 O O   . HOH C 3 .   ? -5.555  17.009  -2.524  1.00 38.07 ? 318 HOH A O   1 
HETATM 1148 O O   . HOH C 3 .   ? 1.555   -5.371  13.538  1.00 38.52 ? 319 HOH A O   1 
HETATM 1149 O O   . HOH C 3 .   ? 8.568   -1.422  10.244  1.00 41.71 ? 320 HOH A O   1 
HETATM 1150 O O   . HOH C 3 .   ? -0.994  -5.791  15.422  1.00 45.93 ? 321 HOH A O   1 
HETATM 1151 O O   . HOH C 3 .   ? 6.059   4.891   8.419   1.00 38.63 ? 322 HOH A O   1 
HETATM 1152 O O   . HOH C 3 .   ? -5.622  18.862  1.664   1.00 40.13 ? 323 HOH A O   1 
HETATM 1153 O O   . HOH C 3 .   ? 8.633   6.665   10.146  1.00 34.59 ? 324 HOH A O   1 
HETATM 1154 O O   . HOH C 3 .   ? -9.505  10.296  9.183   1.00 44.88 ? 325 HOH A O   1 
HETATM 1155 O O   . HOH C 3 .   ? -0.973  17.033  4.391   1.00 44.10 ? 326 HOH A O   1 
HETATM 1156 O O   . HOH C 3 .   ? 4.224   21.029  1.342   1.00 31.46 ? 327 HOH A O   1 
HETATM 1157 O O   . HOH C 3 .   ? 12.346  11.337  8.531   1.00 32.40 ? 328 HOH A O   1 
HETATM 1158 O O   . HOH C 3 .   ? 13.103  13.285  7.532   1.00 14.36 ? 329 HOH A O   1 
HETATM 1159 O O   . HOH C 3 .   ? 4.978   1.452   17.932  1.00 37.63 ? 330 HOH A O   1 
HETATM 1160 O O   . HOH C 3 .   ? 9.021   20.216  5.238   1.00 23.40 ? 331 HOH A O   1 
HETATM 1161 O O   . HOH C 3 .   ? 4.631   21.839  9.540   1.00 36.85 ? 332 HOH A O   1 
# 
